data_7CFS
#
_entry.id   7CFS
#
_cell.length_a   1.00
_cell.length_b   1.00
_cell.length_c   1.00
_cell.angle_alpha   90.00
_cell.angle_beta   90.00
_cell.angle_gamma   90.00
#
_symmetry.space_group_name_H-M   'P 1'
#
loop_
_entity.id
_entity.type
_entity.pdbx_description
1 polymer 'Acid-sensing ion channel 1'
2 non-polymer 2-acetamido-2-deoxy-beta-D-glucopyranose
3 non-polymer 'CHOLESTEROL HEMISUCCINATE'
4 non-polymer 'SODIUM ION'
#
_entity_poly.entity_id   1
_entity_poly.type   'polypeptide(L)'
_entity_poly.pdbx_seq_one_letter_code
;MHHHHHHHHMELKAEEEEVGGVQPVSIQAFASSSTLHGLAHIFSYERLSLKRALWALCFLGSLAVLLCVCTERVQYYFHY
HHVTKLDEVAASQLTFPAVTLCNLNEFRFSQVSKNDLYHAGELLALLNNRYEIPDTQMADEKQLEILQDKANFRSFKPKP
FNMREFYDRAGHDIRDMLLSCHFRGEVCSAEDFKVVFTRYGKCYTFNSGRDGRPRLKTMKGGTGNGLEIMLDIQQDEYLP
VWGETDETSFEAGIKVQIHSQDEPPFIDQLGFGVAPGFQTFVACQEQRLIYLPPPWGTCKAVTMDSDLDFFDSYSITACR
IDCETRYLVENCNCRMVHMPGDAPYCTPEQYKECADPALDFLVEKDQEYCVCEMPCNLTRYGKELSMVKIPSKASAKYLA
KKFNKSEQYIGENILVLDIFFEVLNYETIEQKKAYEIAGLLGDIGGQMGLFIGASILTVLELFDYAYEVIKHKLCRR
;
_entity_poly.pdbx_strand_id   A,B,C
#
loop_
_chem_comp.id
_chem_comp.type
_chem_comp.name
_chem_comp.formula
NA non-polymer 'SODIUM ION' 'Na 1'
NAG D-saccharide, beta linking 2-acetamido-2-deoxy-beta-D-glucopyranose 'C8 H15 N O6'
Y01 non-polymer 'CHOLESTEROL HEMISUCCINATE' 'C31 H50 O4'
#
# COMPACT_ATOMS: atom_id res chain seq x y z
N SER A 49 -12.06 65.20 -26.95
CA SER A 49 -13.09 65.75 -26.08
C SER A 49 -12.66 65.69 -24.61
N LEU A 50 -13.60 66.01 -23.73
CA LEU A 50 -13.36 66.07 -22.28
C LEU A 50 -14.15 65.03 -21.51
N LYS A 51 -15.43 64.89 -21.82
CA LYS A 51 -16.33 63.91 -21.22
C LYS A 51 -16.42 62.64 -22.07
N ARG A 52 -16.49 62.78 -23.39
CA ARG A 52 -16.68 61.63 -24.26
C ARG A 52 -15.39 61.00 -24.74
N ALA A 53 -14.26 61.72 -24.66
CA ALA A 53 -13.00 61.13 -25.08
C ALA A 53 -12.49 60.12 -24.07
N LEU A 54 -12.85 60.29 -22.79
CA LEU A 54 -12.44 59.33 -21.78
C LEU A 54 -13.22 58.04 -21.89
N TRP A 55 -14.46 58.10 -22.36
CA TRP A 55 -15.30 56.92 -22.49
C TRP A 55 -14.97 56.09 -23.72
N ALA A 56 -14.07 56.57 -24.59
CA ALA A 56 -13.61 55.73 -25.69
C ALA A 56 -12.71 54.62 -25.20
N LEU A 57 -12.04 54.83 -24.07
CA LEU A 57 -11.23 53.80 -23.44
C LEU A 57 -11.94 53.12 -22.28
N CYS A 58 -12.86 53.83 -21.61
CA CYS A 58 -13.48 53.29 -20.41
C CYS A 58 -14.50 52.22 -20.75
N PHE A 59 -15.52 52.57 -21.53
CA PHE A 59 -16.57 51.62 -21.84
C PHE A 59 -16.11 50.56 -22.84
N LEU A 60 -15.14 50.90 -23.69
CA LEU A 60 -14.68 49.94 -24.69
C LEU A 60 -13.58 49.05 -24.14
N GLY A 61 -12.69 49.60 -23.30
CA GLY A 61 -11.63 48.78 -22.74
C GLY A 61 -12.14 47.79 -21.71
N SER A 62 -13.11 48.21 -20.91
CA SER A 62 -13.73 47.28 -19.96
C SER A 62 -14.54 46.21 -20.69
N LEU A 63 -15.11 46.56 -21.84
CA LEU A 63 -15.74 45.55 -22.68
C LEU A 63 -14.69 44.66 -23.32
N ALA A 64 -13.52 45.21 -23.63
CA ALA A 64 -12.46 44.41 -24.24
C ALA A 64 -11.86 43.44 -23.23
N VAL A 65 -11.78 43.85 -21.96
CA VAL A 65 -11.30 42.95 -20.93
C VAL A 65 -12.34 41.88 -20.63
N LEU A 66 -13.63 42.23 -20.76
CA LEU A 66 -14.70 41.30 -20.42
C LEU A 66 -14.74 40.11 -21.35
N LEU A 67 -14.50 40.32 -22.65
CA LEU A 67 -14.52 39.21 -23.59
C LEU A 67 -13.35 38.26 -23.42
N CYS A 68 -12.25 38.72 -22.81
CA CYS A 68 -11.19 37.81 -22.44
C CYS A 68 -11.52 37.03 -21.17
N VAL A 69 -12.20 37.66 -20.23
CA VAL A 69 -12.45 37.00 -18.94
C VAL A 69 -13.74 36.19 -18.98
N CYS A 70 -14.73 36.58 -19.79
CA CYS A 70 -15.94 35.77 -19.90
C CYS A 70 -15.71 34.50 -20.70
N THR A 71 -14.70 34.49 -21.56
CA THR A 71 -14.42 33.29 -22.35
C THR A 71 -13.73 32.23 -21.49
N GLU A 72 -12.75 32.62 -20.67
CA GLU A 72 -12.04 31.68 -19.82
C GLU A 72 -12.88 31.15 -18.66
N ARG A 73 -14.13 31.59 -18.49
CA ARG A 73 -15.06 30.91 -17.62
C ARG A 73 -16.09 30.10 -18.39
N VAL A 74 -16.11 30.20 -19.72
CA VAL A 74 -16.93 29.32 -20.55
C VAL A 74 -16.07 28.25 -21.19
N GLN A 75 -14.83 28.61 -21.56
CA GLN A 75 -13.87 27.59 -22.00
C GLN A 75 -13.49 26.66 -20.86
N TYR A 76 -13.54 27.15 -19.62
CA TYR A 76 -13.27 26.31 -18.47
C TYR A 76 -14.38 25.30 -18.26
N TYR A 77 -15.62 25.66 -18.57
CA TYR A 77 -16.75 24.78 -18.31
C TYR A 77 -16.76 23.59 -19.25
N PHE A 78 -16.32 23.77 -20.49
CA PHE A 78 -16.41 22.69 -21.46
C PHE A 78 -15.25 21.72 -21.39
N HIS A 79 -14.31 21.93 -20.47
CA HIS A 79 -13.34 20.89 -20.15
C HIS A 79 -13.95 19.78 -19.31
N TYR A 80 -15.05 20.08 -18.61
CA TYR A 80 -15.71 19.19 -17.65
C TYR A 80 -14.73 18.69 -16.58
N HIS A 81 -14.20 19.64 -15.82
CA HIS A 81 -13.25 19.29 -14.78
C HIS A 81 -13.95 18.65 -13.59
N HIS A 82 -13.19 17.87 -12.82
CA HIS A 82 -13.74 17.22 -11.65
C HIS A 82 -12.64 17.00 -10.62
N VAL A 83 -12.99 17.18 -9.36
CA VAL A 83 -12.07 16.99 -8.24
C VAL A 83 -12.65 15.91 -7.33
N THR A 84 -11.83 15.39 -6.44
CA THR A 84 -12.20 14.20 -5.68
C THR A 84 -12.48 14.53 -4.23
N LYS A 85 -12.85 13.49 -3.48
CA LYS A 85 -13.32 13.65 -2.11
C LYS A 85 -13.03 12.34 -1.37
N LEU A 86 -11.97 12.35 -0.56
CA LEU A 86 -11.64 11.21 0.27
C LEU A 86 -12.30 11.38 1.63
N ASP A 87 -13.07 10.38 2.04
CA ASP A 87 -13.70 10.38 3.34
C ASP A 87 -13.47 9.05 4.01
N GLU A 88 -13.67 9.00 5.31
CA GLU A 88 -13.49 7.78 6.10
C GLU A 88 -14.67 7.68 7.06
N VAL A 89 -15.72 7.01 6.61
CA VAL A 89 -16.95 6.87 7.39
C VAL A 89 -16.84 5.60 8.21
N ALA A 90 -16.91 5.75 9.53
CA ALA A 90 -16.87 4.58 10.39
C ALA A 90 -18.20 3.84 10.35
N ALA A 91 -18.16 2.54 10.61
CA ALA A 91 -19.34 1.71 10.66
C ALA A 91 -19.16 0.69 11.78
N SER A 92 -20.14 -0.20 11.92
CA SER A 92 -20.12 -1.13 13.04
C SER A 92 -20.28 -2.57 12.59
N GLN A 93 -20.97 -2.78 11.46
CA GLN A 93 -21.23 -4.11 10.94
C GLN A 93 -20.90 -4.09 9.45
N LEU A 94 -19.67 -4.45 9.12
CA LEU A 94 -19.24 -4.49 7.73
C LEU A 94 -19.38 -5.89 7.18
N THR A 95 -19.77 -5.98 5.91
CA THR A 95 -19.91 -7.27 5.28
C THR A 95 -18.54 -7.88 5.00
N PHE A 96 -18.53 -9.13 4.77
CA PHE A 96 -17.26 -9.81 4.53
C PHE A 96 -17.04 -10.00 3.05
N PRO A 97 -15.80 -9.94 2.57
CA PRO A 97 -15.54 -10.17 1.16
C PRO A 97 -15.63 -11.64 0.76
N ALA A 98 -15.29 -11.96 -0.47
CA ALA A 98 -15.42 -13.32 -0.97
C ALA A 98 -14.05 -13.85 -1.33
N VAL A 99 -13.47 -14.64 -0.43
CA VAL A 99 -12.17 -15.24 -0.66
C VAL A 99 -12.25 -16.32 -1.72
N THR A 100 -11.29 -16.33 -2.65
CA THR A 100 -11.18 -17.35 -3.68
C THR A 100 -9.78 -17.91 -3.63
N LEU A 101 -9.64 -19.20 -3.39
CA LEU A 101 -8.32 -19.77 -3.19
C LEU A 101 -8.19 -21.07 -3.95
N CYS A 102 -7.05 -21.26 -4.60
CA CYS A 102 -6.76 -22.56 -5.19
C CYS A 102 -5.26 -22.79 -5.29
N ASN A 103 -4.92 -24.07 -5.42
CA ASN A 103 -3.55 -24.53 -5.49
C ASN A 103 -2.89 -24.06 -6.78
N LEU A 104 -1.57 -24.14 -6.79
CA LEU A 104 -0.78 -23.82 -7.97
C LEU A 104 -0.55 -25.02 -8.86
N ASN A 105 -1.30 -26.08 -8.66
CA ASN A 105 -1.18 -27.32 -9.43
C ASN A 105 -2.56 -27.72 -9.91
N GLU A 106 -2.70 -27.90 -11.22
CA GLU A 106 -4.03 -28.13 -11.76
C GLU A 106 -4.51 -29.56 -11.56
N PHE A 107 -3.62 -30.53 -11.72
CA PHE A 107 -4.02 -31.94 -11.78
C PHE A 107 -3.24 -32.75 -10.77
N ARG A 108 -3.95 -33.57 -9.99
CA ARG A 108 -3.29 -34.49 -9.10
C ARG A 108 -2.66 -35.61 -9.90
N PHE A 109 -1.40 -35.93 -9.59
CA PHE A 109 -0.68 -36.92 -10.37
C PHE A 109 -1.17 -38.34 -10.10
N SER A 110 -1.62 -38.60 -8.88
CA SER A 110 -2.08 -39.94 -8.54
C SER A 110 -3.51 -40.20 -8.98
N GLN A 111 -4.11 -39.33 -9.77
CA GLN A 111 -5.48 -39.51 -10.23
C GLN A 111 -5.61 -39.17 -11.70
N VAL A 112 -4.66 -39.61 -12.52
CA VAL A 112 -4.80 -39.61 -13.96
C VAL A 112 -4.64 -41.04 -14.45
N SER A 113 -5.57 -41.47 -15.30
CA SER A 113 -5.62 -42.85 -15.75
C SER A 113 -4.93 -42.98 -17.10
N LYS A 114 -4.90 -44.21 -17.61
CA LYS A 114 -4.30 -44.48 -18.91
C LYS A 114 -5.13 -43.90 -20.06
N ASN A 115 -6.40 -43.58 -19.82
CA ASN A 115 -7.20 -42.90 -20.81
C ASN A 115 -6.85 -41.42 -20.90
N ASP A 116 -6.60 -40.79 -19.75
CA ASP A 116 -6.44 -39.33 -19.73
C ASP A 116 -5.11 -38.90 -20.32
N LEU A 117 -4.08 -39.75 -20.20
CA LEU A 117 -2.81 -39.44 -20.84
C LEU A 117 -2.88 -39.61 -22.35
N TYR A 118 -3.88 -40.33 -22.87
CA TYR A 118 -3.98 -40.55 -24.30
C TYR A 118 -4.48 -39.29 -25.01
N HIS A 119 -5.54 -38.68 -24.49
CA HIS A 119 -6.13 -37.52 -25.14
C HIS A 119 -5.49 -36.22 -24.70
N ALA A 120 -5.12 -36.12 -23.43
CA ALA A 120 -4.60 -34.89 -22.86
C ALA A 120 -3.10 -34.93 -22.60
N GLY A 121 -2.38 -35.82 -23.28
CA GLY A 121 -0.95 -35.91 -23.06
C GLY A 121 -0.18 -34.70 -23.54
N GLU A 122 -0.64 -34.09 -24.64
CA GLU A 122 -0.06 -32.83 -25.08
C GLU A 122 -0.47 -31.68 -24.16
N LEU A 123 -1.59 -31.82 -23.46
CA LEU A 123 -2.05 -30.74 -22.58
C LEU A 123 -1.26 -30.69 -21.29
N LEU A 124 -1.00 -31.85 -20.68
CA LEU A 124 -0.32 -31.87 -19.38
C LEU A 124 1.18 -31.70 -19.50
N ALA A 125 1.71 -31.72 -20.73
CA ALA A 125 3.16 -31.76 -21.02
C ALA A 125 3.83 -32.93 -20.31
N LEU A 126 3.23 -34.11 -20.45
CA LEU A 126 3.82 -35.35 -19.96
C LEU A 126 4.22 -36.30 -21.07
N LEU A 127 3.61 -36.17 -22.25
CA LEU A 127 3.96 -36.96 -23.42
C LEU A 127 4.36 -36.02 -24.56
N ASN A 128 4.95 -36.61 -25.59
CA ASN A 128 5.25 -35.88 -26.81
C ASN A 128 4.05 -35.97 -27.76
N ASN A 129 4.26 -35.58 -29.01
CA ASN A 129 3.21 -35.78 -30.01
C ASN A 129 3.14 -37.21 -30.50
N ARG A 130 4.17 -38.02 -30.24
CA ARG A 130 4.21 -39.41 -30.64
C ARG A 130 3.91 -40.35 -29.48
N TYR A 131 3.32 -39.83 -28.39
CA TYR A 131 2.83 -40.58 -27.25
C TYR A 131 3.95 -41.38 -26.56
N GLU A 132 4.94 -40.65 -26.05
CA GLU A 132 6.04 -41.26 -25.32
C GLU A 132 6.58 -40.26 -24.32
N ILE A 133 7.18 -40.78 -23.24
CA ILE A 133 7.85 -39.96 -22.25
C ILE A 133 9.13 -39.43 -22.87
N PRO A 134 9.23 -38.12 -23.15
CA PRO A 134 10.27 -37.60 -24.06
C PRO A 134 11.68 -37.53 -23.48
N ASP A 135 12.30 -38.71 -23.39
CA ASP A 135 13.72 -38.92 -23.04
C ASP A 135 14.03 -38.32 -21.67
N THR A 136 13.38 -38.88 -20.65
CA THR A 136 13.51 -38.40 -19.27
C THR A 136 14.76 -39.00 -18.64
N GLN A 137 15.91 -38.52 -19.09
CA GLN A 137 17.20 -39.00 -18.60
C GLN A 137 17.44 -38.43 -17.21
N MET A 138 17.62 -39.32 -16.23
CA MET A 138 17.82 -38.99 -14.81
C MET A 138 16.68 -38.13 -14.28
N ALA A 139 15.45 -38.57 -14.52
CA ALA A 139 14.27 -37.81 -14.11
C ALA A 139 14.05 -37.93 -12.62
N ASP A 140 13.82 -39.14 -12.14
CA ASP A 140 13.44 -39.41 -10.76
C ASP A 140 13.79 -40.85 -10.46
N GLU A 141 13.27 -41.37 -9.35
CA GLU A 141 13.52 -42.74 -8.96
C GLU A 141 12.27 -43.61 -8.88
N LYS A 142 11.10 -43.02 -8.59
CA LYS A 142 9.88 -43.81 -8.50
C LYS A 142 8.82 -43.27 -9.45
N GLN A 143 8.80 -41.94 -9.63
CA GLN A 143 7.73 -41.28 -10.38
C GLN A 143 7.80 -41.54 -11.88
N LEU A 144 8.90 -42.10 -12.38
CA LEU A 144 8.89 -42.68 -13.72
C LEU A 144 7.96 -43.89 -13.77
N GLU A 145 8.04 -44.74 -12.75
CA GLU A 145 7.42 -46.07 -12.76
C GLU A 145 5.91 -46.02 -12.68
N ILE A 146 5.32 -44.94 -12.17
CA ILE A 146 3.88 -44.79 -12.26
C ILE A 146 3.48 -44.49 -13.70
N LEU A 147 4.32 -43.78 -14.44
CA LEU A 147 4.04 -43.50 -15.84
C LEU A 147 4.56 -44.59 -16.77
N GLN A 148 5.48 -45.44 -16.31
CA GLN A 148 5.98 -46.52 -17.16
C GLN A 148 4.95 -47.61 -17.36
N ASP A 149 3.97 -47.75 -16.45
CA ASP A 149 2.89 -48.69 -16.63
C ASP A 149 1.55 -47.99 -16.85
N LYS A 150 1.58 -46.70 -17.19
CA LYS A 150 0.37 -45.98 -17.55
C LYS A 150 0.46 -45.32 -18.92
N ALA A 151 1.65 -45.18 -19.48
CA ALA A 151 1.83 -44.64 -20.84
C ALA A 151 2.05 -45.75 -21.85
N ASN A 152 1.38 -46.89 -21.68
CA ASN A 152 1.58 -48.01 -22.57
C ASN A 152 0.80 -47.85 -23.87
N PHE A 153 -0.54 -47.79 -23.76
CA PHE A 153 -1.49 -47.71 -24.88
C PHE A 153 -1.30 -48.86 -25.86
N ARG A 154 -0.98 -50.04 -25.34
CA ARG A 154 -0.81 -51.23 -26.16
C ARG A 154 -2.19 -51.80 -26.44
N SER A 155 -2.76 -51.38 -27.58
CA SER A 155 -4.12 -51.70 -28.02
C SER A 155 -5.14 -51.31 -26.95
N PHE A 156 -5.17 -50.01 -26.65
CA PHE A 156 -5.89 -49.53 -25.49
C PHE A 156 -7.41 -49.47 -25.71
N LYS A 157 -7.85 -49.22 -26.95
CA LYS A 157 -9.24 -49.00 -27.35
C LYS A 157 -9.86 -47.90 -26.49
N PRO A 158 -9.52 -46.63 -26.74
CA PRO A 158 -9.80 -45.56 -25.77
C PRO A 158 -11.28 -45.23 -25.63
N LYS A 159 -11.68 -44.97 -24.39
CA LYS A 159 -13.05 -44.60 -24.07
C LYS A 159 -13.32 -43.16 -24.54
N PRO A 160 -14.59 -42.75 -24.62
CA PRO A 160 -14.88 -41.34 -24.85
C PRO A 160 -14.41 -40.46 -23.70
N PHE A 161 -14.16 -39.19 -24.03
CA PHE A 161 -13.49 -38.26 -23.14
C PHE A 161 -14.33 -37.01 -22.96
N ASN A 162 -14.21 -36.39 -21.79
CA ASN A 162 -14.78 -35.08 -21.52
C ASN A 162 -13.74 -34.23 -20.82
N MET A 163 -13.88 -32.91 -20.93
CA MET A 163 -12.88 -32.01 -20.39
C MET A 163 -13.26 -31.40 -19.04
N ARG A 164 -14.53 -31.05 -18.85
CA ARG A 164 -14.96 -30.60 -17.52
C ARG A 164 -14.97 -31.76 -16.54
N GLU A 165 -15.30 -32.96 -17.02
CA GLU A 165 -15.28 -34.14 -16.16
C GLU A 165 -13.85 -34.50 -15.75
N PHE A 166 -12.86 -34.11 -16.56
CA PHE A 166 -11.47 -34.32 -16.17
C PHE A 166 -11.06 -33.37 -15.05
N TYR A 167 -11.57 -32.15 -15.07
CA TYR A 167 -11.20 -31.18 -14.03
C TYR A 167 -11.82 -31.52 -12.69
N ASP A 168 -12.99 -32.16 -12.69
CA ASP A 168 -13.73 -32.30 -11.45
C ASP A 168 -13.17 -33.41 -10.57
N ARG A 169 -12.66 -34.49 -11.18
CA ARG A 169 -12.15 -35.60 -10.40
C ARG A 169 -10.64 -35.60 -10.26
N ALA A 170 -9.92 -34.89 -11.11
CA ALA A 170 -8.46 -34.86 -11.04
C ALA A 170 -7.93 -33.55 -10.49
N GLY A 171 -8.78 -32.62 -10.09
CA GLY A 171 -8.34 -31.45 -9.39
C GLY A 171 -8.16 -31.75 -7.92
N HIS A 172 -7.70 -30.74 -7.19
CA HIS A 172 -7.53 -30.87 -5.75
C HIS A 172 -8.87 -30.72 -5.06
N ASP A 173 -9.08 -31.50 -4.00
CA ASP A 173 -10.36 -31.57 -3.34
C ASP A 173 -10.31 -30.86 -2.00
N ILE A 174 -11.29 -29.98 -1.76
CA ILE A 174 -11.33 -29.21 -0.52
C ILE A 174 -11.70 -30.07 0.68
N ARG A 175 -12.22 -31.28 0.47
CA ARG A 175 -12.45 -32.18 1.58
C ARG A 175 -11.14 -32.73 2.13
N ASP A 176 -10.08 -32.75 1.32
CA ASP A 176 -8.77 -33.22 1.74
C ASP A 176 -7.75 -32.10 1.87
N MET A 177 -7.90 -31.03 1.10
CA MET A 177 -6.98 -29.91 1.18
C MET A 177 -7.18 -29.09 2.44
N LEU A 178 -8.44 -28.97 2.88
CA LEU A 178 -8.76 -28.18 4.06
C LEU A 178 -8.76 -29.07 5.29
N LEU A 179 -8.19 -28.57 6.38
CA LEU A 179 -8.17 -29.31 7.63
C LEU A 179 -9.17 -28.75 8.63
N SER A 180 -9.09 -27.46 8.93
CA SER A 180 -10.00 -26.84 9.89
C SER A 180 -9.97 -25.34 9.70
N CYS A 181 -11.08 -24.73 9.33
CA CYS A 181 -11.16 -23.28 9.38
C CYS A 181 -12.12 -22.83 10.47
N HIS A 182 -12.24 -21.52 10.60
CA HIS A 182 -13.07 -20.92 11.62
C HIS A 182 -13.67 -19.63 11.08
N PHE A 183 -14.59 -19.07 11.84
CA PHE A 183 -15.16 -17.76 11.52
C PHE A 183 -15.65 -17.20 12.85
N ARG A 184 -14.90 -16.24 13.40
CA ARG A 184 -15.16 -15.63 14.71
C ARG A 184 -15.22 -16.68 15.82
N GLY A 185 -14.40 -17.72 15.69
CA GLY A 185 -14.40 -18.82 16.62
C GLY A 185 -15.37 -19.93 16.26
N GLU A 186 -16.49 -19.60 15.62
CA GLU A 186 -17.47 -20.60 15.23
C GLU A 186 -16.93 -21.42 14.07
N VAL A 187 -17.13 -22.73 14.13
CA VAL A 187 -16.41 -23.66 13.27
C VAL A 187 -16.97 -23.60 11.85
N CYS A 188 -16.20 -24.09 10.89
CA CYS A 188 -16.56 -24.13 9.48
C CYS A 188 -17.26 -25.44 9.15
N SER A 189 -17.39 -25.67 7.85
CA SER A 189 -17.54 -26.98 7.26
C SER A 189 -16.84 -26.95 5.91
N ALA A 190 -16.68 -28.12 5.29
CA ALA A 190 -16.22 -28.13 3.91
C ALA A 190 -17.30 -27.67 2.96
N GLU A 191 -18.56 -27.72 3.37
CA GLU A 191 -19.69 -27.35 2.53
C GLU A 191 -19.95 -25.85 2.52
N ASP A 192 -19.11 -25.06 3.15
CA ASP A 192 -19.22 -23.61 3.08
C ASP A 192 -18.55 -23.06 1.83
N PHE A 193 -17.57 -23.78 1.29
CA PHE A 193 -16.88 -23.38 0.09
C PHE A 193 -17.66 -23.82 -1.13
N LYS A 194 -17.36 -23.22 -2.28
CA LYS A 194 -18.08 -23.55 -3.49
C LYS A 194 -17.10 -23.76 -4.64
N VAL A 195 -17.39 -24.74 -5.47
CA VAL A 195 -16.52 -25.05 -6.60
C VAL A 195 -16.79 -24.05 -7.72
N VAL A 196 -15.74 -23.34 -8.13
CA VAL A 196 -15.79 -22.46 -9.28
C VAL A 196 -14.68 -22.92 -10.22
N PHE A 197 -14.71 -22.45 -11.46
CA PHE A 197 -13.70 -22.83 -12.43
C PHE A 197 -13.03 -21.59 -13.00
N THR A 198 -11.71 -21.63 -13.10
CA THR A 198 -10.96 -20.63 -13.83
C THR A 198 -9.73 -21.29 -14.43
N ARG A 199 -8.78 -20.48 -14.90
CA ARG A 199 -7.66 -20.96 -15.70
C ARG A 199 -6.70 -21.83 -14.92
N TYR A 200 -6.68 -21.70 -13.60
CA TYR A 200 -5.79 -22.49 -12.77
C TYR A 200 -6.33 -23.88 -12.46
N GLY A 201 -7.50 -24.22 -12.97
CA GLY A 201 -8.11 -25.50 -12.65
C GLY A 201 -9.30 -25.32 -11.75
N LYS A 202 -9.53 -26.28 -10.87
CA LYS A 202 -10.64 -26.18 -9.93
C LYS A 202 -10.24 -25.25 -8.81
N CYS A 203 -11.05 -24.20 -8.59
CA CYS A 203 -10.82 -23.28 -7.49
C CYS A 203 -12.06 -23.16 -6.64
N TYR A 204 -11.88 -22.75 -5.40
CA TYR A 204 -12.97 -22.69 -4.45
C TYR A 204 -13.25 -21.25 -4.07
N THR A 205 -14.41 -21.02 -3.46
CA THR A 205 -14.81 -19.68 -3.09
C THR A 205 -15.53 -19.71 -1.76
N PHE A 206 -15.07 -18.90 -0.82
CA PHE A 206 -15.74 -18.74 0.46
C PHE A 206 -16.57 -17.48 0.45
N ASN A 207 -17.74 -17.53 1.09
CA ASN A 207 -18.65 -16.39 1.26
C ASN A 207 -19.05 -15.78 -0.08
N SER A 208 -19.40 -16.64 -1.03
CA SER A 208 -19.67 -16.16 -2.38
C SER A 208 -21.03 -15.51 -2.48
N GLY A 209 -21.98 -15.91 -1.65
CA GLY A 209 -23.32 -15.37 -1.75
C GLY A 209 -24.09 -15.88 -2.94
N ARG A 210 -23.87 -17.14 -3.30
CA ARG A 210 -24.54 -17.77 -4.43
C ARG A 210 -25.24 -19.06 -4.05
N ASP A 211 -26.39 -19.29 -4.68
CA ASP A 211 -27.21 -20.49 -4.47
C ASP A 211 -27.82 -20.52 -3.07
N GLY A 212 -28.36 -19.40 -2.63
CA GLY A 212 -29.26 -19.38 -1.50
C GLY A 212 -28.70 -18.86 -0.20
N ARG A 213 -27.50 -19.26 0.17
CA ARG A 213 -26.90 -18.82 1.42
C ARG A 213 -26.65 -17.33 1.37
N PRO A 214 -26.85 -16.64 2.50
CA PRO A 214 -26.63 -15.19 2.51
C PRO A 214 -25.16 -14.87 2.77
N ARG A 215 -24.89 -13.58 2.88
CA ARG A 215 -23.54 -13.07 3.09
C ARG A 215 -23.27 -12.93 4.58
N LEU A 216 -22.02 -13.15 4.96
CA LEU A 216 -21.60 -13.11 6.35
C LEU A 216 -21.01 -11.75 6.69
N LYS A 217 -21.09 -11.39 7.97
CA LYS A 217 -20.70 -10.07 8.42
C LYS A 217 -19.81 -10.17 9.65
N THR A 218 -18.86 -9.24 9.77
CA THR A 218 -18.01 -9.12 10.93
C THR A 218 -18.49 -8.00 11.83
N MET A 219 -18.15 -8.11 13.11
CA MET A 219 -18.48 -7.08 14.09
C MET A 219 -17.27 -6.62 14.87
N LYS A 220 -16.06 -7.02 14.48
CA LYS A 220 -14.86 -6.66 15.21
C LYS A 220 -13.67 -6.69 14.27
N GLY A 221 -12.59 -6.06 14.70
CA GLY A 221 -11.36 -6.07 13.93
C GLY A 221 -10.53 -7.28 14.31
N GLY A 222 -9.32 -7.06 14.78
CA GLY A 222 -8.53 -8.13 15.37
C GLY A 222 -8.01 -9.11 14.34
N THR A 223 -7.45 -10.21 14.86
CA THR A 223 -6.93 -11.28 14.03
C THR A 223 -7.77 -12.54 14.07
N GLY A 224 -8.36 -12.86 15.21
CA GLY A 224 -9.19 -14.05 15.32
C GLY A 224 -10.64 -13.85 14.99
N ASN A 225 -10.99 -12.75 14.33
CA ASN A 225 -12.37 -12.44 13.99
C ASN A 225 -12.55 -12.45 12.47
N GLY A 226 -11.95 -13.44 11.83
CA GLY A 226 -12.13 -13.66 10.42
C GLY A 226 -11.82 -15.11 10.13
N LEU A 227 -11.46 -15.38 8.88
CA LEU A 227 -11.10 -16.73 8.51
C LEU A 227 -9.77 -17.14 9.13
N GLU A 228 -9.68 -18.38 9.60
CA GLU A 228 -8.39 -19.00 9.93
C GLU A 228 -8.37 -20.36 9.29
N ILE A 229 -8.06 -20.42 8.02
CA ILE A 229 -8.03 -21.67 7.29
C ILE A 229 -6.71 -22.36 7.54
N MET A 230 -6.69 -23.70 7.54
CA MET A 230 -5.45 -24.44 7.66
C MET A 230 -5.40 -25.42 6.50
N LEU A 231 -4.81 -24.98 5.41
CA LEU A 231 -4.79 -25.75 4.18
C LEU A 231 -3.66 -26.77 4.22
N ASP A 232 -3.63 -27.63 3.20
CA ASP A 232 -2.61 -28.65 3.07
C ASP A 232 -2.40 -28.84 1.57
N ILE A 233 -1.36 -28.20 1.03
CA ILE A 233 -1.25 -28.03 -0.41
C ILE A 233 -0.87 -29.30 -1.15
N GLN A 234 -0.54 -30.38 -0.43
CA GLN A 234 -0.32 -31.73 -0.97
C GLN A 234 0.81 -31.75 -2.01
N GLN A 235 2.02 -31.49 -1.52
CA GLN A 235 3.18 -31.54 -2.42
C GLN A 235 3.57 -32.95 -2.81
N ASP A 236 2.99 -33.98 -2.18
CA ASP A 236 3.27 -35.34 -2.60
C ASP A 236 2.61 -35.64 -3.94
N GLU A 237 1.49 -34.99 -4.24
CA GLU A 237 0.71 -35.30 -5.43
C GLU A 237 0.87 -34.23 -6.51
N TYR A 238 2.04 -33.64 -6.62
CA TYR A 238 2.27 -32.68 -7.70
C TYR A 238 2.67 -33.40 -8.97
N LEU A 239 2.55 -32.70 -10.09
CA LEU A 239 2.93 -33.28 -11.36
C LEU A 239 4.44 -33.31 -11.51
N PRO A 240 5.00 -34.41 -12.02
CA PRO A 240 6.47 -34.50 -12.19
C PRO A 240 6.93 -33.58 -13.30
N VAL A 241 8.00 -32.84 -13.03
CA VAL A 241 8.36 -31.69 -13.85
C VAL A 241 9.79 -31.85 -14.36
N TRP A 242 10.18 -33.11 -14.65
CA TRP A 242 11.50 -33.39 -15.18
C TRP A 242 11.72 -32.84 -16.58
N GLY A 243 10.66 -32.47 -17.29
CA GLY A 243 10.78 -31.84 -18.60
C GLY A 243 11.08 -30.36 -18.48
N GLU A 244 10.78 -29.64 -19.55
CA GLU A 244 11.00 -28.20 -19.59
C GLU A 244 10.12 -27.62 -20.68
N THR A 245 9.39 -26.56 -20.35
CA THR A 245 8.59 -25.81 -21.30
C THR A 245 8.71 -24.34 -20.88
N ASP A 246 8.27 -23.42 -21.75
CA ASP A 246 8.23 -22.01 -21.36
C ASP A 246 7.21 -21.75 -20.25
N GLU A 247 6.15 -22.56 -20.20
CA GLU A 247 5.08 -22.37 -19.23
C GLU A 247 5.31 -23.14 -17.94
N THR A 248 6.48 -23.74 -17.77
CA THR A 248 6.73 -24.60 -16.61
C THR A 248 6.80 -23.77 -15.33
N SER A 249 6.57 -24.43 -14.21
CA SER A 249 6.49 -23.76 -12.94
C SER A 249 7.20 -24.60 -11.89
N PHE A 250 8.00 -23.94 -11.06
CA PHE A 250 8.73 -24.65 -10.03
C PHE A 250 8.07 -24.53 -8.66
N GLU A 251 7.24 -23.52 -8.48
CA GLU A 251 6.75 -23.11 -7.17
C GLU A 251 5.73 -24.10 -6.62
N ALA A 252 5.36 -23.88 -5.36
CA ALA A 252 4.35 -24.70 -4.69
C ALA A 252 3.72 -23.85 -3.59
N GLY A 253 2.53 -23.33 -3.85
CA GLY A 253 1.85 -22.48 -2.90
C GLY A 253 0.39 -22.43 -3.22
N ILE A 254 -0.24 -21.31 -2.91
CA ILE A 254 -1.68 -21.14 -3.09
C ILE A 254 -1.94 -19.71 -3.52
N LYS A 255 -2.73 -19.53 -4.57
CA LYS A 255 -3.08 -18.21 -5.06
C LYS A 255 -4.45 -17.82 -4.53
N VAL A 256 -4.50 -16.73 -3.78
CA VAL A 256 -5.72 -16.24 -3.15
C VAL A 256 -6.08 -14.91 -3.80
N GLN A 257 -7.36 -14.68 -4.05
CA GLN A 257 -7.84 -13.37 -4.45
C GLN A 257 -8.97 -12.96 -3.53
N ILE A 258 -8.87 -11.79 -2.93
CA ILE A 258 -9.94 -11.22 -2.12
C ILE A 258 -10.66 -10.18 -2.97
N HIS A 259 -11.88 -10.49 -3.38
CA HIS A 259 -12.66 -9.61 -4.23
C HIS A 259 -14.01 -9.35 -3.59
N SER A 260 -14.81 -8.49 -4.22
CA SER A 260 -16.18 -8.31 -3.79
C SER A 260 -17.02 -9.49 -4.26
N GLN A 261 -18.29 -9.49 -3.91
CA GLN A 261 -19.16 -10.61 -4.26
C GLN A 261 -19.96 -10.35 -5.52
N ASP A 262 -19.78 -9.19 -6.16
CA ASP A 262 -20.45 -8.87 -7.39
C ASP A 262 -19.57 -9.10 -8.61
N GLU A 263 -18.57 -9.96 -8.47
CA GLU A 263 -17.63 -10.24 -9.55
C GLU A 263 -17.38 -11.73 -9.63
N PRO A 264 -17.04 -12.25 -10.80
CA PRO A 264 -16.51 -13.60 -10.88
C PRO A 264 -15.05 -13.60 -10.48
N PRO A 265 -14.51 -14.74 -10.08
CA PRO A 265 -13.09 -14.78 -9.72
C PRO A 265 -12.20 -14.65 -10.93
N PHE A 266 -11.12 -13.88 -10.77
CA PHE A 266 -10.20 -13.53 -11.84
C PHE A 266 -8.77 -13.79 -11.38
N ILE A 267 -8.54 -15.03 -10.93
CA ILE A 267 -7.34 -15.44 -10.19
C ILE A 267 -6.05 -15.10 -10.93
N ASP A 268 -6.00 -15.39 -12.24
CA ASP A 268 -4.74 -15.34 -12.96
C ASP A 268 -4.17 -13.95 -13.16
N GLN A 269 -4.93 -12.88 -12.89
CA GLN A 269 -4.41 -11.53 -13.05
C GLN A 269 -4.60 -10.65 -11.83
N LEU A 270 -5.17 -11.16 -10.75
CA LEU A 270 -5.42 -10.30 -9.60
C LEU A 270 -5.09 -10.95 -8.27
N GLY A 271 -4.58 -12.17 -8.25
CA GLY A 271 -4.35 -12.88 -7.01
C GLY A 271 -2.91 -12.82 -6.57
N PHE A 272 -2.71 -12.81 -5.26
CA PHE A 272 -1.39 -12.87 -4.67
C PHE A 272 -1.07 -14.31 -4.30
N GLY A 273 0.08 -14.52 -3.68
CA GLY A 273 0.46 -15.86 -3.32
C GLY A 273 0.61 -16.02 -1.82
N VAL A 274 0.55 -17.25 -1.32
CA VAL A 274 0.71 -17.52 0.10
C VAL A 274 1.62 -18.74 0.22
N ALA A 275 2.73 -18.60 0.92
CA ALA A 275 3.74 -19.63 0.98
C ALA A 275 3.39 -20.70 2.01
N PRO A 276 3.78 -21.94 1.79
CA PRO A 276 3.58 -22.97 2.81
C PRO A 276 4.63 -22.90 3.89
N GLY A 277 4.23 -23.30 5.09
CA GLY A 277 5.09 -23.18 6.24
C GLY A 277 5.01 -21.84 6.93
N PHE A 278 4.10 -20.97 6.51
CA PHE A 278 3.98 -19.63 7.06
C PHE A 278 2.51 -19.35 7.33
N GLN A 279 2.23 -18.56 8.35
CA GLN A 279 0.89 -18.04 8.58
C GLN A 279 0.87 -16.59 8.15
N THR A 280 -0.01 -16.23 7.22
CA THR A 280 -0.01 -14.91 6.62
C THR A 280 -1.24 -14.13 7.06
N PHE A 281 -1.02 -13.01 7.73
CA PHE A 281 -2.11 -12.15 8.17
C PHE A 281 -2.47 -11.21 7.04
N VAL A 282 -3.54 -11.49 6.32
CA VAL A 282 -3.98 -10.62 5.24
C VAL A 282 -4.96 -9.63 5.86
N ALA A 283 -4.46 -8.48 6.28
CA ALA A 283 -5.34 -7.42 6.72
C ALA A 283 -6.04 -6.80 5.52
N CYS A 284 -7.24 -6.29 5.73
CA CYS A 284 -8.04 -5.75 4.63
C CYS A 284 -8.47 -4.32 4.93
N GLN A 285 -9.06 -3.69 3.92
CA GLN A 285 -9.50 -2.31 4.00
C GLN A 285 -10.54 -2.11 2.91
N GLU A 286 -11.80 -1.90 3.29
CA GLU A 286 -12.87 -1.83 2.31
C GLU A 286 -12.92 -0.42 1.72
N GLN A 287 -12.91 -0.33 0.40
CA GLN A 287 -13.01 0.95 -0.29
C GLN A 287 -14.25 0.93 -1.17
N ARG A 288 -14.98 2.05 -1.18
CA ARG A 288 -16.18 2.19 -1.98
C ARG A 288 -16.00 3.38 -2.91
N LEU A 289 -15.71 3.13 -4.17
CA LEU A 289 -15.53 4.22 -5.12
C LEU A 289 -16.85 4.64 -5.72
N ILE A 290 -16.91 5.89 -6.16
CA ILE A 290 -18.04 6.42 -6.91
C ILE A 290 -17.48 7.22 -8.08
N TYR A 291 -17.76 6.77 -9.29
CA TYR A 291 -17.17 7.37 -10.48
C TYR A 291 -18.19 8.30 -11.13
N LEU A 292 -17.84 8.84 -12.30
CA LEU A 292 -18.72 9.80 -12.94
C LEU A 292 -19.05 9.37 -14.37
N PRO A 293 -20.28 9.56 -14.82
CA PRO A 293 -20.64 9.24 -16.20
C PRO A 293 -20.04 10.25 -17.15
N PRO A 294 -19.93 9.93 -18.45
CA PRO A 294 -19.40 10.90 -19.42
C PRO A 294 -20.34 12.09 -19.58
N PRO A 295 -19.83 13.25 -20.03
CA PRO A 295 -18.50 13.60 -20.53
C PRO A 295 -17.48 13.95 -19.47
N TRP A 296 -17.84 13.80 -18.19
CA TRP A 296 -16.87 14.09 -17.13
C TRP A 296 -15.79 13.02 -17.09
N GLY A 297 -16.18 11.78 -16.83
CA GLY A 297 -15.24 10.68 -16.84
C GLY A 297 -15.67 9.62 -17.82
N THR A 298 -15.45 8.34 -17.47
CA THR A 298 -15.86 7.24 -18.33
C THR A 298 -16.45 6.16 -17.43
N CYS A 299 -17.75 5.97 -17.51
CA CYS A 299 -18.42 4.99 -16.66
C CYS A 299 -19.74 4.59 -17.28
N LYS A 300 -19.88 3.31 -17.62
CA LYS A 300 -21.19 2.78 -17.94
C LYS A 300 -22.01 2.75 -16.66
N ALA A 301 -23.17 3.41 -16.67
CA ALA A 301 -23.98 3.53 -15.48
C ALA A 301 -24.59 2.19 -15.08
N VAL A 302 -24.96 2.10 -13.80
CA VAL A 302 -25.51 0.86 -13.26
C VAL A 302 -26.99 0.75 -13.61
N THR A 303 -27.42 -0.46 -13.93
CA THR A 303 -28.81 -0.73 -14.29
C THR A 303 -29.12 -2.14 -13.83
N MET A 304 -30.19 -2.72 -14.37
CA MET A 304 -30.59 -4.07 -13.98
C MET A 304 -29.93 -5.16 -14.82
N ASP A 305 -29.83 -4.97 -16.13
CA ASP A 305 -29.30 -6.01 -17.03
C ASP A 305 -28.37 -5.40 -18.06
N SER A 306 -27.45 -4.55 -17.61
CA SER A 306 -26.58 -3.81 -18.53
C SER A 306 -25.50 -4.72 -19.12
N ASP A 307 -25.54 -4.89 -20.45
CA ASP A 307 -24.51 -5.56 -21.25
C ASP A 307 -24.28 -7.00 -20.80
N LEU A 308 -25.34 -7.69 -20.40
CA LEU A 308 -25.24 -9.04 -19.86
C LEU A 308 -25.60 -10.03 -20.95
N ASP A 309 -24.61 -10.78 -21.43
CA ASP A 309 -24.86 -11.89 -22.33
C ASP A 309 -24.79 -13.24 -21.66
N PHE A 310 -23.98 -13.38 -20.61
CA PHE A 310 -23.89 -14.62 -19.86
C PHE A 310 -23.91 -14.42 -18.35
N PHE A 311 -23.89 -13.20 -17.87
CA PHE A 311 -23.92 -12.91 -16.45
C PHE A 311 -25.18 -12.13 -16.12
N ASP A 312 -25.26 -11.63 -14.90
CA ASP A 312 -26.40 -10.82 -14.46
C ASP A 312 -25.99 -9.41 -14.10
N SER A 313 -24.94 -9.23 -13.31
CA SER A 313 -24.46 -7.93 -12.94
C SER A 313 -23.48 -7.42 -13.99
N TYR A 314 -22.78 -6.34 -13.68
CA TYR A 314 -21.79 -5.79 -14.59
C TYR A 314 -20.53 -5.45 -13.81
N SER A 315 -19.38 -5.89 -14.32
CA SER A 315 -18.09 -5.62 -13.69
C SER A 315 -17.01 -5.70 -14.75
N ILE A 316 -15.82 -5.22 -14.39
CA ILE A 316 -14.71 -5.21 -15.33
C ILE A 316 -14.22 -6.62 -15.58
N THR A 317 -14.07 -7.41 -14.51
CA THR A 317 -13.66 -8.79 -14.65
C THR A 317 -14.78 -9.68 -15.13
N ALA A 318 -16.02 -9.21 -15.08
CA ALA A 318 -17.15 -9.91 -15.65
C ALA A 318 -17.32 -9.62 -17.13
N CYS A 319 -16.46 -8.79 -17.70
CA CYS A 319 -16.58 -8.35 -19.09
C CYS A 319 -15.53 -8.94 -20.00
N ARG A 320 -14.30 -9.12 -19.54
CA ARG A 320 -13.31 -9.80 -20.36
C ARG A 320 -13.61 -11.27 -20.51
N ILE A 321 -14.30 -11.87 -19.54
CA ILE A 321 -14.76 -13.24 -19.74
C ILE A 321 -15.91 -13.27 -20.73
N ASP A 322 -16.68 -12.18 -20.80
CA ASP A 322 -17.72 -12.08 -21.81
C ASP A 322 -17.11 -11.94 -23.21
N CYS A 323 -16.13 -11.05 -23.35
CA CYS A 323 -15.54 -10.82 -24.66
C CYS A 323 -14.62 -11.94 -25.11
N GLU A 324 -14.11 -12.75 -24.20
CA GLU A 324 -13.31 -13.89 -24.61
C GLU A 324 -14.15 -15.14 -24.84
N THR A 325 -15.46 -15.04 -24.62
CA THR A 325 -16.39 -16.11 -24.94
C THR A 325 -17.01 -15.92 -26.31
N ARG A 326 -17.52 -14.73 -26.60
CA ARG A 326 -18.13 -14.45 -27.90
C ARG A 326 -17.11 -14.53 -29.02
N TYR A 327 -15.85 -14.24 -28.74
CA TYR A 327 -14.82 -14.41 -29.75
C TYR A 327 -14.53 -15.87 -30.04
N LEU A 328 -14.59 -16.72 -29.01
CA LEU A 328 -14.22 -18.11 -29.22
C LEU A 328 -15.34 -18.91 -29.86
N VAL A 329 -16.59 -18.59 -29.55
CA VAL A 329 -17.69 -19.31 -30.16
C VAL A 329 -17.89 -18.90 -31.62
N GLU A 330 -17.46 -17.70 -32.00
CA GLU A 330 -17.66 -17.24 -33.37
C GLU A 330 -16.47 -17.56 -34.28
N ASN A 331 -15.32 -17.91 -33.72
CA ASN A 331 -14.14 -18.15 -34.55
C ASN A 331 -14.04 -19.62 -34.96
N CYS A 332 -14.03 -20.53 -33.99
CA CYS A 332 -13.98 -21.95 -34.32
C CYS A 332 -14.89 -22.76 -33.41
N ASN A 333 -15.94 -22.13 -32.87
CA ASN A 333 -17.05 -22.76 -32.15
C ASN A 333 -16.60 -23.48 -30.88
N CYS A 334 -15.46 -23.10 -30.31
CA CYS A 334 -15.00 -23.70 -29.07
C CYS A 334 -15.65 -23.04 -27.86
N ARG A 335 -15.29 -23.56 -26.69
CA ARG A 335 -15.56 -22.92 -25.41
C ARG A 335 -14.59 -23.51 -24.43
N MET A 336 -13.71 -22.69 -23.86
CA MET A 336 -12.81 -23.21 -22.84
C MET A 336 -13.60 -23.45 -21.55
N VAL A 337 -12.97 -24.16 -20.61
CA VAL A 337 -13.69 -24.72 -19.47
C VAL A 337 -14.19 -23.64 -18.52
N HIS A 338 -13.53 -22.50 -18.47
CA HIS A 338 -13.96 -21.42 -17.59
C HIS A 338 -14.90 -20.43 -18.27
N MET A 339 -15.46 -20.79 -19.42
CA MET A 339 -16.31 -19.77 -20.02
C MET A 339 -17.78 -20.13 -19.82
N PRO A 340 -18.62 -19.16 -19.46
CA PRO A 340 -20.03 -19.47 -19.22
C PRO A 340 -20.82 -19.53 -20.51
N GLY A 341 -21.93 -20.26 -20.44
CA GLY A 341 -22.80 -20.45 -21.58
C GLY A 341 -23.16 -21.91 -21.73
N ASP A 342 -23.71 -22.26 -22.89
CA ASP A 342 -24.12 -23.63 -23.17
C ASP A 342 -23.42 -24.21 -24.40
N ALA A 343 -22.47 -23.48 -24.98
CA ALA A 343 -21.71 -23.99 -26.10
C ALA A 343 -20.82 -25.15 -25.65
N PRO A 344 -20.62 -26.16 -26.50
CA PRO A 344 -19.87 -27.34 -26.06
C PRO A 344 -18.37 -27.07 -25.96
N TYR A 345 -17.77 -27.60 -24.91
CA TYR A 345 -16.31 -27.53 -24.76
C TYR A 345 -15.64 -28.40 -25.81
N CYS A 346 -14.46 -28.00 -26.23
CA CYS A 346 -13.78 -28.69 -27.32
C CYS A 346 -12.60 -29.50 -26.83
N THR A 347 -12.16 -30.41 -27.69
CA THR A 347 -11.15 -31.41 -27.37
C THR A 347 -9.79 -30.75 -27.18
N PRO A 348 -8.89 -31.39 -26.43
CA PRO A 348 -7.51 -30.89 -26.33
C PRO A 348 -6.75 -30.85 -27.65
N GLU A 349 -7.19 -31.61 -28.66
CA GLU A 349 -6.62 -31.43 -29.98
C GLU A 349 -7.01 -30.07 -30.57
N GLN A 350 -8.21 -29.60 -30.25
CA GLN A 350 -8.60 -28.25 -30.62
C GLN A 350 -8.02 -27.20 -29.71
N TYR A 351 -7.49 -27.61 -28.56
CA TYR A 351 -6.91 -26.67 -27.61
C TYR A 351 -5.61 -26.03 -28.07
N LYS A 352 -4.91 -26.67 -29.00
CA LYS A 352 -3.66 -26.12 -29.49
C LYS A 352 -3.85 -25.16 -30.64
N GLU A 353 -4.96 -25.24 -31.36
CA GLU A 353 -5.22 -24.39 -32.50
C GLU A 353 -6.42 -23.48 -32.33
N CYS A 354 -7.10 -23.52 -31.20
CA CYS A 354 -8.17 -22.57 -30.94
C CYS A 354 -8.06 -21.85 -29.61
N ALA A 355 -7.50 -22.48 -28.58
CA ALA A 355 -7.47 -21.82 -27.29
C ALA A 355 -6.37 -20.77 -27.24
N ASP A 356 -5.13 -21.19 -27.44
CA ASP A 356 -4.00 -20.27 -27.39
C ASP A 356 -3.89 -19.30 -28.57
N PRO A 357 -4.00 -19.71 -29.85
CA PRO A 357 -3.77 -18.70 -30.91
C PRO A 357 -4.91 -17.71 -31.08
N ALA A 358 -6.14 -18.09 -30.77
CA ALA A 358 -7.22 -17.13 -30.90
C ALA A 358 -7.19 -16.13 -29.74
N LEU A 359 -6.87 -16.58 -28.53
CA LEU A 359 -6.76 -15.68 -27.40
C LEU A 359 -5.43 -14.96 -27.36
N ASP A 360 -4.53 -15.26 -28.29
CA ASP A 360 -3.38 -14.39 -28.53
C ASP A 360 -3.83 -13.16 -29.31
N PHE A 361 -4.86 -13.30 -30.16
CA PHE A 361 -5.26 -12.22 -31.05
C PHE A 361 -6.01 -11.11 -30.35
N LEU A 362 -6.53 -11.34 -29.14
CA LEU A 362 -7.20 -10.28 -28.42
C LEU A 362 -6.24 -9.31 -27.77
N VAL A 363 -4.96 -9.67 -27.67
CA VAL A 363 -3.93 -8.79 -27.15
C VAL A 363 -2.85 -8.49 -28.18
N GLU A 364 -3.07 -8.88 -29.42
CA GLU A 364 -2.10 -8.64 -30.49
C GLU A 364 -2.66 -7.75 -31.59
N LYS A 365 -3.81 -8.08 -32.16
CA LYS A 365 -4.32 -7.37 -33.31
C LYS A 365 -5.73 -6.83 -33.15
N ASP A 366 -6.54 -7.38 -32.25
CA ASP A 366 -7.92 -6.97 -32.11
C ASP A 366 -8.17 -6.35 -30.75
N GLN A 367 -7.27 -5.47 -30.32
CA GLN A 367 -7.44 -4.77 -29.05
C GLN A 367 -8.50 -3.67 -29.11
N GLU A 368 -9.11 -3.44 -30.26
CA GLU A 368 -10.25 -2.54 -30.39
C GLU A 368 -11.56 -3.30 -30.57
N TYR A 369 -11.55 -4.62 -30.44
CA TYR A 369 -12.74 -5.42 -30.75
C TYR A 369 -13.84 -5.19 -29.73
N CYS A 370 -13.53 -5.37 -28.45
CA CYS A 370 -14.47 -5.03 -27.39
C CYS A 370 -13.76 -4.14 -26.38
N VAL A 371 -14.47 -3.16 -25.86
CA VAL A 371 -13.97 -2.28 -24.81
C VAL A 371 -15.08 -2.09 -23.78
N CYS A 372 -14.70 -2.09 -22.51
CA CYS A 372 -15.65 -1.88 -21.44
C CYS A 372 -14.92 -1.32 -20.24
N GLU A 373 -15.58 -0.39 -19.54
CA GLU A 373 -14.96 0.44 -18.54
C GLU A 373 -15.62 0.19 -17.18
N MET A 374 -15.22 1.00 -16.20
CA MET A 374 -15.60 0.77 -14.82
C MET A 374 -17.08 1.09 -14.62
N PRO A 375 -17.79 0.32 -13.83
CA PRO A 375 -19.11 0.74 -13.37
C PRO A 375 -18.96 1.87 -12.35
N CYS A 376 -20.05 2.58 -12.12
CA CYS A 376 -19.99 3.76 -11.27
C CYS A 376 -20.04 3.44 -9.79
N ASN A 377 -20.31 2.20 -9.40
CA ASN A 377 -20.34 1.81 -8.00
C ASN A 377 -19.50 0.57 -7.80
N LEU A 378 -18.20 0.77 -7.57
CA LEU A 378 -17.30 -0.34 -7.33
C LEU A 378 -17.26 -0.69 -5.85
N THR A 379 -16.46 -1.70 -5.51
CA THR A 379 -16.03 -1.95 -4.15
C THR A 379 -14.72 -2.73 -4.25
N ARG A 380 -13.62 -2.11 -3.90
CA ARG A 380 -12.33 -2.76 -3.92
C ARG A 380 -12.02 -3.32 -2.54
N TYR A 381 -10.85 -3.92 -2.41
CA TYR A 381 -10.38 -4.41 -1.12
C TYR A 381 -8.87 -4.34 -1.11
N GLY A 382 -8.30 -3.48 -0.28
CA GLY A 382 -6.86 -3.44 -0.13
C GLY A 382 -6.35 -4.60 0.70
N LYS A 383 -5.03 -4.74 0.74
CA LYS A 383 -4.44 -5.84 1.49
C LYS A 383 -3.04 -5.45 1.94
N GLU A 384 -2.66 -5.91 3.13
CA GLU A 384 -1.37 -5.62 3.74
C GLU A 384 -0.85 -6.92 4.35
N LEU A 385 -0.06 -7.68 3.59
CA LEU A 385 0.38 -8.98 4.08
C LEU A 385 1.50 -8.83 5.11
N SER A 386 1.69 -9.91 5.87
CA SER A 386 2.73 -10.08 6.87
C SER A 386 2.71 -11.54 7.30
N MET A 387 3.89 -12.11 7.53
CA MET A 387 4.01 -13.55 7.71
C MET A 387 4.58 -13.89 9.08
N VAL A 388 4.11 -15.01 9.64
CA VAL A 388 4.64 -15.55 10.89
C VAL A 388 4.82 -17.05 10.68
N LYS A 389 5.99 -17.58 11.06
CA LYS A 389 6.32 -18.98 10.79
C LYS A 389 5.48 -19.93 11.63
N ILE A 390 4.81 -20.88 10.98
CA ILE A 390 3.75 -21.66 11.62
C ILE A 390 4.18 -22.86 12.47
N PRO A 391 5.07 -23.80 12.06
CA PRO A 391 5.21 -25.01 12.88
C PRO A 391 6.18 -24.82 14.02
N SER A 392 5.74 -24.26 15.14
CA SER A 392 6.61 -23.99 16.27
C SER A 392 7.08 -25.28 16.93
N LYS A 393 8.01 -25.13 17.87
CA LYS A 393 8.55 -26.26 18.60
C LYS A 393 7.48 -26.93 19.43
N ALA A 394 6.57 -26.14 19.99
CA ALA A 394 5.50 -26.70 20.81
C ALA A 394 4.48 -27.45 19.98
N SER A 395 4.29 -27.06 18.71
CA SER A 395 3.26 -27.64 17.88
C SER A 395 3.78 -28.69 16.91
N ALA A 396 5.08 -28.95 16.89
CA ALA A 396 5.61 -29.92 15.94
C ALA A 396 5.21 -31.34 16.33
N LYS A 397 5.05 -31.60 17.63
CA LYS A 397 4.71 -32.94 18.07
C LYS A 397 3.21 -33.15 18.23
N TYR A 398 2.41 -32.10 18.16
CA TYR A 398 0.96 -32.27 18.24
C TYR A 398 0.33 -32.37 16.86
N LEU A 399 0.79 -31.56 15.90
CA LEU A 399 0.28 -31.64 14.54
C LEU A 399 0.72 -32.92 13.86
N ALA A 400 1.87 -33.46 14.26
CA ALA A 400 2.29 -34.76 13.73
C ALA A 400 1.40 -35.88 14.24
N LYS A 401 0.84 -35.73 15.43
CA LYS A 401 -0.05 -36.74 16.00
C LYS A 401 -1.45 -36.63 15.42
N LYS A 402 -1.95 -35.40 15.26
CA LYS A 402 -3.36 -35.20 14.96
C LYS A 402 -3.69 -35.55 13.52
N PHE A 403 -2.81 -35.22 12.58
CA PHE A 403 -3.08 -35.49 11.17
C PHE A 403 -2.22 -36.63 10.63
N ASN A 404 -1.45 -37.28 11.51
CA ASN A 404 -0.76 -38.55 11.23
C ASN A 404 0.25 -38.41 10.08
N LYS A 405 1.17 -37.46 10.25
CA LYS A 405 2.16 -37.15 9.23
C LYS A 405 3.47 -36.80 9.92
N SER A 406 4.55 -36.88 9.16
CA SER A 406 5.88 -36.63 9.71
C SER A 406 6.10 -35.15 9.97
N GLU A 407 7.11 -34.85 10.80
CA GLU A 407 7.45 -33.47 11.10
C GLU A 407 8.06 -32.77 9.89
N GLN A 408 8.66 -33.54 8.97
CA GLN A 408 9.13 -32.96 7.72
C GLN A 408 7.95 -32.55 6.84
N TYR A 409 6.89 -33.35 6.84
CA TYR A 409 5.71 -33.05 6.04
C TYR A 409 4.97 -31.83 6.54
N ILE A 410 5.00 -31.58 7.86
CA ILE A 410 4.22 -30.48 8.41
C ILE A 410 4.85 -29.14 8.06
N GLY A 411 6.17 -29.04 8.13
CA GLY A 411 6.84 -27.80 7.78
C GLY A 411 6.88 -27.50 6.30
N GLU A 412 6.45 -28.43 5.45
CA GLU A 412 6.48 -28.23 4.01
C GLU A 412 5.10 -28.20 3.38
N ASN A 413 4.03 -28.44 4.13
CA ASN A 413 2.70 -28.52 3.54
C ASN A 413 1.61 -27.80 4.29
N ILE A 414 1.78 -27.44 5.55
CA ILE A 414 0.72 -26.81 6.32
C ILE A 414 0.84 -25.31 6.16
N LEU A 415 -0.29 -24.65 5.96
CA LEU A 415 -0.34 -23.27 5.53
C LEU A 415 -1.57 -22.64 6.17
N VAL A 416 -1.40 -21.60 6.95
CA VAL A 416 -2.50 -21.02 7.70
C VAL A 416 -2.82 -19.67 7.11
N LEU A 417 -3.92 -19.57 6.40
CA LEU A 417 -4.37 -18.27 5.96
C LEU A 417 -5.13 -17.61 7.10
N ASP A 418 -5.13 -16.28 7.13
CA ASP A 418 -5.75 -15.53 8.21
C ASP A 418 -6.19 -14.19 7.64
N ILE A 419 -7.48 -14.06 7.37
CA ILE A 419 -8.03 -12.87 6.74
C ILE A 419 -8.92 -12.16 7.74
N PHE A 420 -8.76 -10.85 7.87
CA PHE A 420 -9.59 -10.09 8.78
C PHE A 420 -9.72 -8.67 8.27
N PHE A 421 -10.51 -7.88 8.97
CA PHE A 421 -10.55 -6.45 8.78
C PHE A 421 -9.67 -5.80 9.83
N GLU A 422 -8.97 -4.75 9.45
CA GLU A 422 -8.06 -4.10 10.39
C GLU A 422 -8.83 -3.27 11.40
N VAL A 423 -9.54 -2.25 10.93
CA VAL A 423 -10.49 -1.51 11.73
C VAL A 423 -11.75 -1.36 10.90
N LEU A 424 -12.88 -1.22 11.59
CA LEU A 424 -14.19 -1.22 10.94
C LEU A 424 -14.53 0.14 10.34
N ASN A 425 -13.73 0.55 9.37
CA ASN A 425 -13.98 1.74 8.57
C ASN A 425 -14.22 1.33 7.13
N TYR A 426 -14.57 2.31 6.31
CA TYR A 426 -14.54 2.13 4.86
C TYR A 426 -14.31 3.48 4.22
N GLU A 427 -13.40 3.53 3.26
CA GLU A 427 -13.07 4.78 2.61
C GLU A 427 -13.93 4.97 1.37
N THR A 428 -14.31 6.21 1.12
CA THR A 428 -15.05 6.58 -0.07
C THR A 428 -14.21 7.52 -0.90
N ILE A 429 -14.01 7.19 -2.16
CA ILE A 429 -13.24 8.01 -3.08
C ILE A 429 -14.21 8.43 -4.17
N GLU A 430 -14.83 9.59 -3.99
CA GLU A 430 -15.81 10.07 -4.96
C GLU A 430 -15.15 10.95 -5.99
N GLN A 431 -15.89 11.25 -7.05
CA GLN A 431 -15.50 12.22 -8.05
C GLN A 431 -16.62 13.22 -8.19
N LYS A 432 -16.35 14.48 -7.88
CA LYS A 432 -17.37 15.51 -7.84
C LYS A 432 -17.13 16.51 -8.95
N LYS A 433 -18.22 16.98 -9.56
CA LYS A 433 -18.13 17.94 -10.66
C LYS A 433 -17.60 19.27 -10.15
N ALA A 434 -16.59 19.79 -10.83
CA ALA A 434 -15.92 20.98 -10.33
C ALA A 434 -16.69 22.25 -10.64
N TYR A 435 -17.45 22.26 -11.74
CA TYR A 435 -18.05 23.51 -12.21
C TYR A 435 -19.39 23.16 -12.87
N GLU A 436 -20.45 23.27 -12.08
CA GLU A 436 -21.78 22.94 -12.56
C GLU A 436 -22.32 24.06 -13.44
N ILE A 437 -23.49 23.81 -14.04
CA ILE A 437 -24.08 24.82 -14.90
C ILE A 437 -24.65 25.96 -14.06
N ALA A 438 -25.16 25.65 -12.86
CA ALA A 438 -25.70 26.68 -11.99
C ALA A 438 -24.63 27.59 -11.42
N GLY A 439 -23.38 27.14 -11.37
CA GLY A 439 -22.31 28.03 -11.01
C GLY A 439 -21.69 28.77 -12.16
N LEU A 440 -21.99 28.36 -13.39
CA LEU A 440 -21.50 29.09 -14.55
C LEU A 440 -22.25 30.40 -14.71
N LEU A 441 -23.57 30.38 -14.53
CA LEU A 441 -24.38 31.59 -14.67
C LEU A 441 -24.08 32.62 -13.59
N GLY A 442 -23.54 32.21 -12.45
CA GLY A 442 -23.11 33.14 -11.45
C GLY A 442 -21.87 33.91 -11.88
N ASP A 443 -20.80 33.19 -12.19
CA ASP A 443 -19.53 33.84 -12.49
C ASP A 443 -19.52 34.47 -13.87
N ILE A 444 -20.44 34.10 -14.76
CA ILE A 444 -20.55 34.81 -16.03
C ILE A 444 -21.40 36.06 -15.87
N GLY A 445 -22.17 36.18 -14.79
CA GLY A 445 -23.03 37.31 -14.60
C GLY A 445 -22.39 38.34 -13.70
N GLY A 446 -21.62 37.86 -12.72
CA GLY A 446 -20.90 38.75 -11.83
C GLY A 446 -19.79 39.53 -12.51
N GLN A 447 -19.29 39.03 -13.64
CA GLN A 447 -18.32 39.80 -14.41
C GLN A 447 -19.01 40.86 -15.25
N MET A 448 -20.14 40.52 -15.86
CA MET A 448 -20.91 41.50 -16.62
C MET A 448 -21.54 42.53 -15.70
N GLY A 449 -21.95 42.12 -14.50
CA GLY A 449 -22.43 43.05 -13.51
C GLY A 449 -21.36 43.89 -12.85
N LEU A 450 -20.09 43.64 -13.16
CA LEU A 450 -18.97 44.42 -12.67
C LEU A 450 -18.42 45.37 -13.71
N PHE A 451 -18.23 44.89 -14.94
CA PHE A 451 -17.51 45.67 -15.94
C PHE A 451 -18.39 46.70 -16.63
N ILE A 452 -19.63 46.34 -16.96
CA ILE A 452 -20.54 47.23 -17.67
C ILE A 452 -21.82 47.48 -16.88
N GLY A 453 -22.11 46.62 -15.91
CA GLY A 453 -23.32 46.75 -15.14
C GLY A 453 -24.59 46.41 -15.87
N ALA A 454 -24.50 45.70 -16.99
CA ALA A 454 -25.65 45.38 -17.82
C ALA A 454 -26.16 43.99 -17.50
N SER A 455 -27.46 43.88 -17.25
CA SER A 455 -28.10 42.60 -17.03
C SER A 455 -28.59 42.04 -18.37
N ILE A 456 -29.23 40.86 -18.31
CA ILE A 456 -29.79 40.25 -19.50
C ILE A 456 -31.07 40.93 -19.95
N LEU A 457 -31.65 41.79 -19.11
CA LEU A 457 -32.78 42.61 -19.54
C LEU A 457 -32.33 43.74 -20.44
N THR A 458 -31.24 44.42 -20.06
CA THR A 458 -30.83 45.62 -20.77
C THR A 458 -30.21 45.32 -22.12
N VAL A 459 -29.67 44.11 -22.31
CA VAL A 459 -29.19 43.77 -23.65
C VAL A 459 -30.37 43.53 -24.58
N LEU A 460 -31.51 43.09 -24.04
CA LEU A 460 -32.71 43.00 -24.85
C LEU A 460 -33.35 44.37 -25.02
N GLU A 461 -33.14 45.28 -24.06
CA GLU A 461 -33.61 46.65 -24.21
C GLU A 461 -32.87 47.37 -25.32
N LEU A 462 -31.58 47.08 -25.51
CA LEU A 462 -30.86 47.63 -26.65
C LEU A 462 -31.32 46.97 -27.93
N PHE A 463 -31.72 45.69 -27.85
CA PHE A 463 -32.21 44.99 -29.04
C PHE A 463 -33.59 45.49 -29.44
N ASP A 464 -34.36 46.03 -28.50
CA ASP A 464 -35.60 46.72 -28.85
C ASP A 464 -35.36 48.19 -29.14
N TYR A 465 -34.21 48.72 -28.71
CA TYR A 465 -33.83 50.07 -29.13
C TYR A 465 -33.46 50.11 -30.60
N ALA A 466 -32.94 49.01 -31.14
CA ALA A 466 -32.74 48.90 -32.57
C ALA A 466 -34.06 48.79 -33.33
N TYR A 467 -35.12 48.29 -32.68
CA TYR A 467 -36.44 48.37 -33.27
C TYR A 467 -36.93 49.81 -33.31
N GLU A 468 -36.53 50.63 -32.34
CA GLU A 468 -36.81 52.06 -32.41
C GLU A 468 -35.95 52.75 -33.46
N VAL A 469 -34.84 52.14 -33.85
CA VAL A 469 -33.99 52.71 -34.89
C VAL A 469 -34.60 52.49 -36.28
N ILE A 470 -35.13 51.29 -36.54
CA ILE A 470 -35.32 50.81 -37.91
C ILE A 470 -36.46 51.55 -38.62
N LYS A 471 -37.55 51.85 -37.92
CA LYS A 471 -38.70 52.46 -38.59
C LYS A 471 -39.23 53.72 -37.92
N HIS A 472 -38.99 53.92 -36.62
CA HIS A 472 -39.51 55.11 -35.96
C HIS A 472 -38.74 56.35 -36.36
N LYS A 473 -37.43 56.22 -36.58
CA LYS A 473 -36.61 57.32 -37.08
C LYS A 473 -35.92 56.99 -38.39
N LEU A 474 -36.33 55.92 -39.07
CA LEU A 474 -35.77 55.61 -40.39
C LEU A 474 -36.83 54.91 -41.23
N SER B 49 -35.16 61.46 10.45
CA SER B 49 -35.96 61.61 9.24
C SER B 49 -36.81 60.37 8.97
N LEU B 50 -37.45 60.34 7.80
CA LEU B 50 -38.35 59.27 7.41
C LEU B 50 -37.84 58.48 6.22
N LYS B 51 -37.37 59.16 5.18
CA LYS B 51 -36.80 58.58 3.99
C LYS B 51 -35.27 58.47 4.08
N ARG B 52 -34.61 59.50 4.60
CA ARG B 52 -33.16 59.52 4.64
C ARG B 52 -32.57 58.94 5.91
N ALA B 53 -33.36 58.81 6.98
CA ALA B 53 -32.82 58.22 8.20
C ALA B 53 -32.67 56.72 8.07
N LEU B 54 -33.49 56.08 7.23
CA LEU B 54 -33.36 54.64 7.02
C LEU B 54 -32.14 54.32 6.18
N TRP B 55 -31.74 55.22 5.28
CA TRP B 55 -30.59 54.99 4.42
C TRP B 55 -29.27 55.23 5.12
N ALA B 56 -29.28 55.71 6.36
CA ALA B 56 -28.04 55.81 7.12
C ALA B 56 -27.57 54.43 7.56
N LEU B 57 -28.48 53.48 7.70
CA LEU B 57 -28.12 52.09 7.99
C LEU B 57 -28.15 51.21 6.75
N CYS B 58 -28.97 51.54 5.76
CA CYS B 58 -29.14 50.67 4.61
C CYS B 58 -27.93 50.72 3.69
N PHE B 59 -27.62 51.91 3.18
CA PHE B 59 -26.51 52.03 2.22
C PHE B 59 -25.16 51.92 2.92
N LEU B 60 -25.09 52.29 4.19
CA LEU B 60 -23.81 52.24 4.89
C LEU B 60 -23.56 50.86 5.51
N GLY B 61 -24.61 50.22 6.01
CA GLY B 61 -24.44 48.89 6.60
C GLY B 61 -24.16 47.83 5.56
N SER B 62 -24.81 47.92 4.40
CA SER B 62 -24.52 47.01 3.31
C SER B 62 -23.13 47.25 2.74
N LEU B 63 -22.66 48.50 2.78
CA LEU B 63 -21.27 48.77 2.44
C LEU B 63 -20.34 48.24 3.51
N ALA B 64 -20.77 48.28 4.77
CA ALA B 64 -19.94 47.78 5.85
C ALA B 64 -19.83 46.26 5.82
N VAL B 65 -20.90 45.58 5.40
CA VAL B 65 -20.84 44.13 5.26
C VAL B 65 -20.01 43.76 4.05
N LEU B 66 -20.01 44.60 3.01
CA LEU B 66 -19.32 44.30 1.76
C LEU B 66 -17.80 44.27 1.95
N LEU B 67 -17.27 45.19 2.76
CA LEU B 67 -15.83 45.23 2.98
C LEU B 67 -15.34 44.05 3.81
N CYS B 68 -16.22 43.42 4.59
CA CYS B 68 -15.85 42.18 5.25
C CYS B 68 -15.90 41.00 4.29
N VAL B 69 -16.85 41.00 3.37
CA VAL B 69 -17.03 39.84 2.50
C VAL B 69 -16.16 39.95 1.25
N CYS B 70 -15.87 41.16 0.77
CA CYS B 70 -14.99 41.28 -0.37
C CYS B 70 -13.53 41.02 -0.02
N THR B 71 -13.17 41.17 1.26
CA THR B 71 -11.80 40.90 1.66
C THR B 71 -11.54 39.41 1.75
N GLU B 72 -12.46 38.65 2.33
CA GLU B 72 -12.29 37.19 2.45
C GLU B 72 -12.43 36.45 1.13
N ARG B 73 -12.69 37.12 0.01
CA ARG B 73 -12.51 36.53 -1.29
C ARG B 73 -11.26 37.03 -1.99
N VAL B 74 -10.59 38.03 -1.44
CA VAL B 74 -9.29 38.46 -1.92
C VAL B 74 -8.17 37.92 -1.03
N GLN B 75 -8.42 37.84 0.27
CA GLN B 75 -7.49 37.15 1.16
C GLN B 75 -7.46 35.66 0.88
N TYR B 76 -8.56 35.10 0.37
CA TYR B 76 -8.58 33.69 -0.01
C TYR B 76 -7.73 33.45 -1.24
N TYR B 77 -7.66 34.41 -2.16
CA TYR B 77 -6.94 34.20 -3.40
C TYR B 77 -5.44 34.18 -3.18
N PHE B 78 -4.93 34.95 -2.23
CA PHE B 78 -3.50 35.05 -2.05
C PHE B 78 -2.92 33.94 -1.19
N HIS B 79 -3.76 33.01 -0.71
CA HIS B 79 -3.24 31.77 -0.15
C HIS B 79 -2.75 30.82 -1.22
N TYR B 80 -3.24 30.97 -2.45
CA TYR B 80 -2.97 30.08 -3.58
C TYR B 80 -3.33 28.63 -3.24
N HIS B 81 -4.61 28.41 -2.96
CA HIS B 81 -5.06 27.08 -2.61
C HIS B 81 -5.13 26.19 -3.84
N HIS B 82 -5.06 24.88 -3.61
CA HIS B 82 -5.13 23.92 -4.70
C HIS B 82 -5.71 22.62 -4.20
N VAL B 83 -6.53 21.98 -5.03
CA VAL B 83 -7.15 20.71 -4.72
C VAL B 83 -6.72 19.71 -5.78
N THR B 84 -6.95 18.43 -5.51
CA THR B 84 -6.37 17.38 -6.33
C THR B 84 -7.43 16.68 -7.17
N LYS B 85 -6.97 15.73 -7.96
CA LYS B 85 -7.81 15.06 -8.95
C LYS B 85 -7.24 13.67 -9.21
N LEU B 86 -7.86 12.67 -8.61
CA LEU B 86 -7.47 11.28 -8.84
C LEU B 86 -8.29 10.72 -9.98
N ASP B 87 -7.61 10.18 -11.00
CA ASP B 87 -8.27 9.56 -12.12
C ASP B 87 -7.62 8.22 -12.39
N GLU B 88 -8.30 7.38 -13.15
CA GLU B 88 -7.80 6.05 -13.51
C GLU B 88 -8.10 5.84 -14.99
N VAL B 89 -7.15 6.22 -15.82
CA VAL B 89 -7.30 6.13 -17.27
C VAL B 89 -6.78 4.78 -17.72
N ALA B 90 -7.64 3.97 -18.32
CA ALA B 90 -7.21 2.68 -18.83
C ALA B 90 -6.40 2.85 -20.11
N ALA B 91 -5.51 1.90 -20.37
CA ALA B 91 -4.69 1.90 -21.56
C ALA B 91 -4.55 0.47 -22.05
N SER B 92 -3.78 0.28 -23.10
CA SER B 92 -3.67 -1.04 -23.70
C SER B 92 -2.22 -1.49 -23.86
N GLN B 93 -1.31 -0.54 -24.02
CA GLN B 93 0.10 -0.83 -24.23
C GLN B 93 0.90 0.08 -23.30
N LEU B 94 1.19 -0.42 -22.11
CA LEU B 94 1.96 0.33 -21.13
C LEU B 94 3.43 -0.03 -21.23
N THR B 95 4.29 0.96 -21.04
CA THR B 95 5.71 0.72 -21.08
C THR B 95 6.16 -0.02 -19.83
N PHE B 96 7.30 -0.59 -19.90
CA PHE B 96 7.79 -1.35 -18.78
C PHE B 96 8.77 -0.53 -17.97
N PRO B 97 8.82 -0.70 -16.64
CA PRO B 97 9.79 0.04 -15.84
C PRO B 97 11.19 -0.49 -15.98
N ALA B 98 12.12 0.03 -15.18
CA ALA B 98 13.52 -0.34 -15.28
C ALA B 98 13.96 -0.99 -13.98
N VAL B 99 14.00 -2.32 -13.98
CA VAL B 99 14.42 -3.07 -12.80
C VAL B 99 15.91 -2.91 -12.58
N THR B 100 16.31 -2.69 -11.33
CA THR B 100 17.71 -2.61 -10.93
C THR B 100 17.93 -3.56 -9.78
N LEU B 101 18.81 -4.54 -9.96
CA LEU B 101 18.96 -5.58 -8.95
C LEU B 101 20.43 -5.86 -8.71
N CYS B 102 20.79 -6.01 -7.43
CA CYS B 102 22.13 -6.47 -7.11
C CYS B 102 22.16 -7.16 -5.77
N ASN B 103 23.21 -7.96 -5.60
CA ASN B 103 23.41 -8.77 -4.42
C ASN B 103 23.69 -7.89 -3.21
N LEU B 104 23.57 -8.49 -2.03
CA LEU B 104 23.86 -7.83 -0.78
C LEU B 104 25.31 -8.00 -0.36
N ASN B 105 26.18 -8.44 -1.28
CA ASN B 105 27.59 -8.66 -1.02
C ASN B 105 28.39 -7.96 -2.11
N GLU B 106 29.31 -7.10 -1.70
CA GLU B 106 29.99 -6.28 -2.68
C GLU B 106 31.11 -7.04 -3.40
N PHE B 107 31.85 -7.87 -2.68
CA PHE B 107 33.07 -8.47 -3.22
C PHE B 107 33.03 -9.98 -3.08
N ARG B 108 33.34 -10.67 -4.17
CA ARG B 108 33.48 -12.12 -4.11
C ARG B 108 34.75 -12.47 -3.36
N PHE B 109 34.63 -13.41 -2.43
CA PHE B 109 35.78 -13.74 -1.58
C PHE B 109 36.83 -14.54 -2.35
N SER B 110 36.41 -15.35 -3.31
CA SER B 110 37.35 -16.16 -4.06
C SER B 110 38.03 -15.39 -5.18
N GLN B 111 37.87 -14.07 -5.25
CA GLN B 111 38.48 -13.28 -6.30
C GLN B 111 39.07 -12.00 -5.73
N VAL B 112 39.76 -12.10 -4.60
CA VAL B 112 40.60 -11.02 -4.10
C VAL B 112 42.02 -11.58 -3.97
N SER B 113 42.99 -10.84 -4.49
CA SER B 113 44.37 -11.30 -4.54
C SER B 113 45.16 -10.73 -3.37
N LYS B 114 46.43 -11.10 -3.31
CA LYS B 114 47.31 -10.61 -2.26
C LYS B 114 47.62 -9.12 -2.40
N ASN B 115 47.40 -8.56 -3.60
CA ASN B 115 47.56 -7.13 -3.78
C ASN B 115 46.37 -6.36 -3.21
N ASP B 116 45.16 -6.89 -3.39
CA ASP B 116 43.96 -6.15 -3.05
C ASP B 116 43.75 -6.07 -1.54
N LEU B 117 44.21 -7.08 -0.80
CA LEU B 117 44.16 -7.00 0.65
C LEU B 117 45.16 -6.01 1.22
N TYR B 118 46.18 -5.65 0.44
CA TYR B 118 47.21 -4.73 0.93
C TYR B 118 46.67 -3.30 0.98
N HIS B 119 46.04 -2.86 -0.10
CA HIS B 119 45.57 -1.48 -0.18
C HIS B 119 44.17 -1.32 0.40
N ALA B 120 43.31 -2.31 0.20
CA ALA B 120 41.91 -2.21 0.60
C ALA B 120 41.58 -3.06 1.81
N GLY B 121 42.58 -3.42 2.62
CA GLY B 121 42.32 -4.24 3.79
C GLY B 121 41.51 -3.53 4.85
N GLU B 122 41.71 -2.23 5.01
CA GLU B 122 40.87 -1.44 5.89
C GLU B 122 39.49 -1.24 5.31
N LEU B 123 39.35 -1.31 3.98
CA LEU B 123 38.05 -1.12 3.36
C LEU B 123 37.15 -2.33 3.51
N LEU B 124 37.69 -3.53 3.32
CA LEU B 124 36.86 -4.73 3.36
C LEU B 124 36.58 -5.21 4.77
N ALA B 125 37.22 -4.60 5.77
CA ALA B 125 37.21 -5.04 7.17
C ALA B 125 37.64 -6.49 7.30
N LEU B 126 38.76 -6.81 6.65
CA LEU B 126 39.39 -8.11 6.78
C LEU B 126 40.74 -8.06 7.47
N LEU B 127 41.40 -6.91 7.46
CA LEU B 127 42.65 -6.70 8.16
C LEU B 127 42.50 -5.55 9.13
N ASN B 128 43.48 -5.42 10.02
CA ASN B 128 43.55 -4.28 10.91
C ASN B 128 44.35 -3.16 10.25
N ASN B 129 44.73 -2.15 11.02
CA ASN B 129 45.61 -1.11 10.50
C ASN B 129 47.06 -1.57 10.44
N ARG B 130 47.40 -2.66 11.13
CA ARG B 130 48.75 -3.21 11.13
C ARG B 130 48.89 -4.43 10.21
N TYR B 131 47.92 -4.62 9.31
CA TYR B 131 47.94 -5.65 8.26
C TYR B 131 48.03 -7.07 8.85
N GLU B 132 47.00 -7.43 9.61
CA GLU B 132 46.91 -8.76 10.19
C GLU B 132 45.44 -9.11 10.40
N ILE B 133 45.16 -10.41 10.38
CA ILE B 133 43.82 -10.93 10.68
C ILE B 133 43.57 -10.74 12.17
N PRO B 134 42.67 -9.84 12.56
CA PRO B 134 42.62 -9.34 13.95
C PRO B 134 42.02 -10.32 14.98
N ASP B 135 42.84 -11.33 15.31
CA ASP B 135 42.59 -12.30 16.39
C ASP B 135 41.27 -13.05 16.17
N THR B 136 41.23 -13.79 15.07
CA THR B 136 40.04 -14.53 14.67
C THR B 136 39.97 -15.85 15.41
N GLN B 137 39.68 -15.76 16.71
CA GLN B 137 39.59 -16.93 17.57
C GLN B 137 38.29 -17.67 17.26
N MET B 138 38.43 -18.95 16.88
CA MET B 138 37.32 -19.83 16.50
C MET B 138 36.48 -19.21 15.37
N ALA B 139 37.17 -18.77 14.33
CA ALA B 139 36.49 -18.11 13.22
C ALA B 139 35.75 -19.12 12.35
N ASP B 140 36.48 -20.05 11.76
CA ASP B 140 35.96 -20.99 10.79
C ASP B 140 36.89 -22.20 10.76
N GLU B 141 36.74 -23.04 9.74
CA GLU B 141 37.58 -24.21 9.59
C GLU B 141 38.42 -24.21 8.32
N LYS B 142 37.96 -23.57 7.25
CA LYS B 142 38.70 -23.56 5.99
C LYS B 142 38.97 -22.13 5.54
N GLN B 143 38.01 -21.24 5.80
CA GLN B 143 38.08 -19.88 5.26
C GLN B 143 39.14 -19.02 5.93
N LEU B 144 39.72 -19.46 7.05
CA LEU B 144 40.95 -18.86 7.52
C LEU B 144 42.08 -19.12 6.54
N GLU B 145 42.18 -20.36 6.05
CA GLU B 145 43.34 -20.85 5.32
C GLU B 145 43.48 -20.22 3.93
N ILE B 146 42.39 -19.71 3.35
CA ILE B 146 42.54 -18.93 2.13
C ILE B 146 43.18 -17.59 2.43
N LEU B 147 42.91 -17.03 3.61
CA LEU B 147 43.54 -15.78 4.00
C LEU B 147 44.88 -15.98 4.71
N GLN B 148 45.16 -17.19 5.21
CA GLN B 148 46.44 -17.43 5.86
C GLN B 148 47.59 -17.47 4.86
N ASP B 149 47.32 -17.76 3.58
CA ASP B 149 48.34 -17.71 2.55
C ASP B 149 48.09 -16.59 1.55
N LYS B 150 47.25 -15.62 1.91
CA LYS B 150 47.05 -14.43 1.11
C LYS B 150 47.30 -13.13 1.87
N ALA B 151 47.34 -13.18 3.20
CA ALA B 151 47.66 -12.00 4.01
C ALA B 151 49.11 -12.03 4.48
N ASN B 152 50.01 -12.52 3.64
CA ASN B 152 51.40 -12.63 4.05
C ASN B 152 52.13 -11.30 3.92
N PHE B 153 52.21 -10.77 2.70
CA PHE B 153 52.93 -9.53 2.35
C PHE B 153 54.40 -9.58 2.77
N ARG B 154 55.00 -10.77 2.66
CA ARG B 154 56.40 -10.96 2.98
C ARG B 154 57.23 -10.49 1.80
N SER B 155 57.63 -9.22 1.83
CA SER B 155 58.34 -8.50 0.77
C SER B 155 57.56 -8.59 -0.54
N PHE B 156 56.34 -8.04 -0.51
CA PHE B 156 55.39 -8.26 -1.59
C PHE B 156 55.69 -7.42 -2.83
N LYS B 157 56.27 -6.22 -2.65
CA LYS B 157 56.52 -5.22 -3.68
C LYS B 157 55.23 -4.91 -4.44
N PRO B 158 54.31 -4.15 -3.85
CA PRO B 158 52.93 -4.09 -4.36
C PRO B 158 52.80 -3.36 -5.69
N LYS B 159 51.94 -3.90 -6.54
CA LYS B 159 51.64 -3.32 -7.83
C LYS B 159 50.79 -2.05 -7.66
N PRO B 160 50.71 -1.22 -8.70
CA PRO B 160 49.74 -0.11 -8.66
C PRO B 160 48.30 -0.60 -8.60
N PHE B 161 47.44 0.25 -8.04
CA PHE B 161 46.08 -0.12 -7.69
C PHE B 161 45.10 0.83 -8.34
N ASN B 162 43.90 0.32 -8.64
CA ASN B 162 42.78 1.13 -9.08
C ASN B 162 41.53 0.68 -8.32
N MET B 163 40.56 1.58 -8.21
CA MET B 163 39.37 1.29 -7.41
C MET B 163 38.17 0.87 -8.25
N ARG B 164 37.96 1.49 -9.41
CA ARG B 164 36.90 1.01 -10.29
C ARG B 164 37.27 -0.33 -10.90
N GLU B 165 38.55 -0.56 -11.17
CA GLU B 165 39.00 -1.84 -11.68
C GLU B 165 38.85 -2.94 -10.65
N PHE B 166 38.86 -2.59 -9.37
CA PHE B 166 38.61 -3.57 -8.32
C PHE B 166 37.14 -3.98 -8.29
N TYR B 167 36.23 -3.05 -8.55
CA TYR B 167 34.81 -3.36 -8.54
C TYR B 167 34.40 -4.23 -9.72
N ASP B 168 35.07 -4.10 -10.85
CA ASP B 168 34.58 -4.72 -12.07
C ASP B 168 34.89 -6.21 -12.11
N ARG B 169 36.02 -6.62 -11.55
CA ARG B 169 36.41 -8.03 -11.59
C ARG B 169 36.10 -8.78 -10.31
N ALA B 170 35.91 -8.09 -9.19
CA ALA B 170 35.64 -8.76 -7.93
C ALA B 170 34.19 -8.62 -7.50
N GLY B 171 33.34 -7.98 -8.29
CA GLY B 171 31.93 -7.98 -8.03
C GLY B 171 31.29 -9.26 -8.54
N HIS B 172 29.99 -9.37 -8.29
CA HIS B 172 29.25 -10.53 -8.78
C HIS B 172 28.93 -10.34 -10.25
N ASP B 173 28.97 -11.44 -11.00
CA ASP B 173 28.84 -11.39 -12.45
C ASP B 173 27.48 -11.93 -12.87
N ILE B 174 26.77 -11.18 -13.72
CA ILE B 174 25.45 -11.58 -14.18
C ILE B 174 25.50 -12.74 -15.16
N ARG B 175 26.68 -13.06 -15.70
CA ARG B 175 26.79 -14.26 -16.52
C ARG B 175 26.73 -15.52 -15.66
N ASP B 176 27.05 -15.42 -14.38
CA ASP B 176 26.99 -16.55 -13.46
C ASP B 176 25.88 -16.43 -12.44
N MET B 177 25.48 -15.21 -12.08
CA MET B 177 24.41 -15.03 -11.12
C MET B 177 23.06 -15.35 -11.74
N LEU B 178 22.88 -15.04 -13.03
CA LEU B 178 21.61 -15.26 -13.71
C LEU B 178 21.62 -16.63 -14.37
N LEU B 179 20.51 -17.35 -14.24
CA LEU B 179 20.38 -18.65 -14.88
C LEU B 179 19.50 -18.60 -16.12
N SER B 180 18.27 -18.10 -15.99
CA SER B 180 17.36 -18.01 -17.13
C SER B 180 16.25 -17.04 -16.79
N CYS B 181 16.13 -15.95 -17.54
CA CYS B 181 14.96 -15.11 -17.40
C CYS B 181 14.11 -15.20 -18.66
N HIS B 182 12.99 -14.49 -18.63
CA HIS B 182 12.04 -14.49 -19.73
C HIS B 182 11.41 -13.12 -19.83
N PHE B 183 10.64 -12.92 -20.90
CA PHE B 183 9.86 -11.71 -21.08
C PHE B 183 8.72 -12.09 -22.01
N ARG B 184 7.51 -12.24 -21.44
CA ARG B 184 6.31 -12.69 -22.14
C ARG B 184 6.53 -14.03 -22.83
N GLY B 185 7.31 -14.90 -22.19
CA GLY B 185 7.67 -16.17 -22.75
C GLY B 185 8.91 -16.15 -23.62
N GLU B 186 9.18 -15.04 -24.31
CA GLU B 186 10.35 -14.92 -25.15
C GLU B 186 11.60 -14.82 -24.29
N VAL B 187 12.65 -15.53 -24.69
CA VAL B 187 13.78 -15.76 -23.81
C VAL B 187 14.64 -14.50 -23.70
N CYS B 188 15.46 -14.46 -22.66
CA CYS B 188 16.36 -13.35 -22.39
C CYS B 188 17.71 -13.56 -23.06
N SER B 189 18.67 -12.74 -22.65
CA SER B 189 20.09 -13.02 -22.72
C SER B 189 20.73 -12.36 -21.51
N ALA B 190 22.00 -12.68 -21.28
CA ALA B 190 22.74 -11.93 -20.27
C ALA B 190 23.09 -10.53 -20.76
N GLU B 191 23.06 -10.30 -22.08
CA GLU B 191 23.41 -9.02 -22.66
C GLU B 191 22.26 -8.03 -22.67
N ASP B 192 21.12 -8.39 -22.06
CA ASP B 192 20.03 -7.45 -21.93
C ASP B 192 20.20 -6.55 -20.71
N PHE B 193 20.94 -7.02 -19.71
CA PHE B 193 21.22 -6.25 -18.52
C PHE B 193 22.39 -5.31 -18.76
N LYS B 194 22.58 -4.35 -17.86
CA LYS B 194 23.58 -3.32 -18.07
C LYS B 194 24.27 -3.00 -16.76
N VAL B 195 25.60 -2.95 -16.78
CA VAL B 195 26.36 -2.71 -15.58
C VAL B 195 26.24 -1.25 -15.17
N VAL B 196 25.76 -1.00 -13.96
CA VAL B 196 25.72 0.33 -13.38
C VAL B 196 26.47 0.23 -12.06
N PHE B 197 26.81 1.37 -11.49
CA PHE B 197 27.53 1.40 -10.22
C PHE B 197 26.76 2.22 -9.21
N THR B 198 26.66 1.70 -7.98
CA THR B 198 26.16 2.47 -6.86
C THR B 198 26.87 1.96 -5.60
N ARG B 199 26.35 2.36 -4.44
CA ARG B 199 27.03 2.16 -3.17
C ARG B 199 27.13 0.69 -2.77
N TYR B 200 26.27 -0.17 -3.31
CA TYR B 200 26.30 -1.58 -2.97
C TYR B 200 27.32 -2.36 -3.79
N GLY B 201 28.06 -1.70 -4.67
CA GLY B 201 28.99 -2.39 -5.53
C GLY B 201 28.49 -2.40 -6.97
N LYS B 202 28.81 -3.47 -7.69
CA LYS B 202 28.34 -3.59 -9.06
C LYS B 202 26.87 -4.00 -9.07
N CYS B 203 26.03 -3.20 -9.71
CA CYS B 203 24.62 -3.54 -9.84
C CYS B 203 24.22 -3.52 -11.30
N TYR B 204 23.15 -4.23 -11.61
CA TYR B 204 22.70 -4.39 -12.99
C TYR B 204 21.37 -3.70 -13.19
N THR B 205 21.01 -3.49 -14.45
CA THR B 205 19.77 -2.81 -14.76
C THR B 205 19.13 -3.43 -15.99
N PHE B 206 17.88 -3.82 -15.86
CA PHE B 206 17.11 -4.33 -16.98
C PHE B 206 16.22 -3.23 -17.53
N ASN B 207 16.06 -3.20 -18.85
CA ASN B 207 15.17 -2.26 -19.57
C ASN B 207 15.52 -0.81 -19.26
N SER B 208 16.81 -0.50 -19.28
CA SER B 208 17.25 0.83 -18.89
C SER B 208 16.98 1.86 -19.95
N GLY B 209 16.96 1.46 -21.22
CA GLY B 209 16.77 2.41 -22.28
C GLY B 209 17.97 3.29 -22.54
N ARG B 210 19.16 2.71 -22.36
CA ARG B 210 20.41 3.43 -22.57
C ARG B 210 21.33 2.71 -23.56
N ASP B 211 22.06 3.51 -24.34
CA ASP B 211 23.02 3.03 -25.33
C ASP B 211 22.33 2.30 -26.49
N GLY B 212 21.25 2.89 -26.99
CA GLY B 212 20.71 2.49 -28.27
C GLY B 212 19.46 1.65 -28.26
N ARG B 213 19.41 0.64 -27.40
CA ARG B 213 18.24 -0.23 -27.35
C ARG B 213 17.03 0.55 -26.88
N PRO B 214 15.86 0.26 -27.45
CA PRO B 214 14.66 0.98 -27.04
C PRO B 214 14.03 0.34 -25.81
N ARG B 215 12.89 0.90 -25.41
CA ARG B 215 12.17 0.47 -24.23
C ARG B 215 11.15 -0.60 -24.60
N LEU B 216 10.94 -1.53 -23.69
CA LEU B 216 10.04 -2.66 -23.92
C LEU B 216 8.66 -2.37 -23.34
N LYS B 217 7.64 -3.00 -23.90
CA LYS B 217 6.26 -2.74 -23.54
C LYS B 217 5.51 -4.03 -23.29
N THR B 218 4.56 -3.98 -22.37
CA THR B 218 3.67 -5.10 -22.09
C THR B 218 2.32 -4.86 -22.74
N MET B 219 1.62 -5.97 -23.01
CA MET B 219 0.28 -5.91 -23.57
C MET B 219 -0.73 -6.70 -22.76
N LYS B 220 -0.35 -7.18 -21.57
CA LYS B 220 -1.23 -8.00 -20.77
C LYS B 220 -0.84 -7.89 -19.31
N GLY B 221 -1.76 -8.27 -18.43
CA GLY B 221 -1.48 -8.28 -17.01
C GLY B 221 -0.85 -9.59 -16.62
N GLY B 222 -1.47 -10.32 -15.70
CA GLY B 222 -1.07 -11.68 -15.42
C GLY B 222 0.24 -11.77 -14.65
N THR B 223 0.73 -13.00 -14.55
CA THR B 223 2.00 -13.26 -13.88
C THR B 223 3.12 -13.65 -14.83
N GLY B 224 2.81 -14.37 -15.90
CA GLY B 224 3.81 -14.78 -16.85
C GLY B 224 4.06 -13.80 -17.97
N ASN B 225 3.60 -12.57 -17.84
CA ASN B 225 3.76 -11.56 -18.87
C ASN B 225 4.66 -10.43 -18.38
N GLY B 226 5.73 -10.81 -17.73
CA GLY B 226 6.76 -9.87 -17.31
C GLY B 226 8.04 -10.64 -17.12
N LEU B 227 8.93 -10.08 -16.31
CA LEU B 227 10.18 -10.77 -16.01
C LEU B 227 9.95 -11.99 -15.16
N GLU B 228 10.67 -13.08 -15.47
CA GLU B 228 10.79 -14.22 -14.55
C GLU B 228 12.25 -14.58 -14.46
N ILE B 229 12.99 -13.85 -13.64
CA ILE B 229 14.42 -14.08 -13.49
C ILE B 229 14.63 -15.23 -12.52
N MET B 230 15.70 -15.99 -12.71
CA MET B 230 16.05 -17.05 -11.76
C MET B 230 17.49 -16.83 -11.35
N LEU B 231 17.69 -16.05 -10.30
CA LEU B 231 19.01 -15.67 -9.86
C LEU B 231 19.65 -16.76 -9.02
N ASP B 232 20.91 -16.55 -8.68
CA ASP B 232 21.67 -17.51 -7.86
C ASP B 232 22.65 -16.67 -7.06
N ILE B 233 22.29 -16.36 -5.82
CA ILE B 233 22.98 -15.31 -5.06
C ILE B 233 24.37 -15.69 -4.60
N GLN B 234 24.78 -16.96 -4.78
CA GLN B 234 26.14 -17.45 -4.54
C GLN B 234 26.59 -17.23 -3.09
N GLN B 235 25.92 -17.94 -2.19
CA GLN B 235 26.31 -17.84 -0.77
C GLN B 235 27.62 -18.55 -0.46
N ASP B 236 28.16 -19.33 -1.40
CA ASP B 236 29.47 -19.95 -1.18
C ASP B 236 30.57 -18.90 -1.23
N GLU B 237 30.38 -17.84 -2.01
CA GLU B 237 31.43 -16.85 -2.24
C GLU B 237 31.17 -15.55 -1.47
N TYR B 238 30.58 -15.63 -0.29
CA TYR B 238 30.41 -14.44 0.51
C TYR B 238 31.66 -14.15 1.31
N LEU B 239 31.75 -12.92 1.79
CA LEU B 239 32.90 -12.52 2.59
C LEU B 239 32.79 -13.10 4.00
N PRO B 240 33.89 -13.61 4.56
CA PRO B 240 33.83 -14.17 5.91
C PRO B 240 33.67 -13.07 6.95
N VAL B 241 32.77 -13.29 7.90
CA VAL B 241 32.26 -12.22 8.73
C VAL B 241 32.49 -12.57 10.21
N TRP B 242 33.60 -13.26 10.48
CA TRP B 242 33.94 -13.62 11.85
C TRP B 242 34.27 -12.42 12.74
N GLY B 243 34.54 -11.26 12.15
CA GLY B 243 34.76 -10.06 12.91
C GLY B 243 33.47 -9.42 13.35
N GLU B 244 33.55 -8.13 13.64
CA GLU B 244 32.39 -7.35 14.06
C GLU B 244 32.68 -5.88 13.84
N THR B 245 31.74 -5.19 13.20
CA THR B 245 31.80 -3.75 13.01
C THR B 245 30.36 -3.26 13.15
N ASP B 246 30.18 -1.94 13.26
CA ASP B 246 28.83 -1.37 13.27
C ASP B 246 28.13 -1.55 11.93
N GLU B 247 28.89 -1.59 10.84
CA GLU B 247 28.35 -1.70 9.50
C GLU B 247 28.18 -3.13 9.04
N THR B 248 28.40 -4.11 9.92
CA THR B 248 28.39 -5.51 9.51
C THR B 248 26.97 -5.95 9.14
N SER B 249 26.90 -7.02 8.36
CA SER B 249 25.63 -7.48 7.84
C SER B 249 25.60 -8.99 7.90
N PHE B 250 24.47 -9.54 8.35
CA PHE B 250 24.34 -10.98 8.45
C PHE B 250 23.56 -11.58 7.30
N GLU B 251 22.75 -10.76 6.62
CA GLU B 251 21.75 -11.23 5.69
C GLU B 251 22.37 -11.74 4.39
N ALA B 252 21.51 -12.33 3.55
CA ALA B 252 21.95 -12.82 2.25
C ALA B 252 20.72 -12.83 1.34
N GLY B 253 20.63 -11.85 0.48
CA GLY B 253 19.49 -11.72 -0.41
C GLY B 253 19.85 -10.84 -1.57
N ILE B 254 18.86 -10.14 -2.11
CA ILE B 254 19.03 -9.30 -3.28
C ILE B 254 18.17 -8.07 -3.13
N LYS B 255 18.75 -6.90 -3.35
CA LYS B 255 18.03 -5.63 -3.26
C LYS B 255 17.60 -5.20 -4.65
N VAL B 256 16.30 -5.06 -4.85
CA VAL B 256 15.71 -4.69 -6.13
C VAL B 256 15.07 -3.32 -5.98
N GLN B 257 15.23 -2.46 -6.98
CA GLN B 257 14.47 -1.22 -7.05
C GLN B 257 13.78 -1.14 -8.39
N ILE B 258 12.47 -0.92 -8.38
CA ILE B 258 11.70 -0.70 -9.60
C ILE B 258 11.46 0.79 -9.72
N HIS B 259 12.12 1.43 -10.69
CA HIS B 259 12.02 2.87 -10.89
C HIS B 259 11.64 3.15 -12.32
N SER B 260 11.42 4.42 -12.63
CA SER B 260 11.24 4.83 -14.01
C SER B 260 12.58 4.83 -14.73
N GLN B 261 12.56 5.13 -16.02
CA GLN B 261 13.78 5.11 -16.79
C GLN B 261 14.42 6.48 -16.94
N ASP B 262 13.83 7.51 -16.33
CA ASP B 262 14.37 8.85 -16.35
C ASP B 262 15.13 9.17 -15.07
N GLU B 263 15.61 8.16 -14.36
CA GLU B 263 16.31 8.34 -13.10
C GLU B 263 17.52 7.42 -13.07
N PRO B 264 18.56 7.79 -12.34
CA PRO B 264 19.61 6.85 -12.03
C PRO B 264 19.18 5.94 -10.90
N PRO B 265 19.79 4.77 -10.76
CA PRO B 265 19.40 3.88 -9.66
C PRO B 265 19.87 4.42 -8.32
N PHE B 266 19.00 4.28 -7.32
CA PHE B 266 19.20 4.83 -5.99
C PHE B 266 18.94 3.75 -4.95
N ILE B 267 19.64 2.63 -5.12
CA ILE B 267 19.37 1.36 -4.43
C ILE B 267 19.34 1.51 -2.92
N ASP B 268 20.31 2.23 -2.36
CA ASP B 268 20.51 2.22 -0.91
C ASP B 268 19.41 2.92 -0.11
N GLN B 269 18.51 3.67 -0.74
CA GLN B 269 17.45 4.33 -0.02
C GLN B 269 16.06 4.07 -0.58
N LEU B 270 15.92 3.28 -1.63
CA LEU B 270 14.62 3.07 -2.23
C LEU B 270 14.32 1.64 -2.59
N GLY B 271 15.22 0.70 -2.33
CA GLY B 271 15.05 -0.67 -2.77
C GLY B 271 14.53 -1.56 -1.66
N PHE B 272 13.74 -2.56 -2.05
CA PHE B 272 13.25 -3.56 -1.14
C PHE B 272 14.15 -4.79 -1.21
N GLY B 273 13.79 -5.83 -0.50
CA GLY B 273 14.62 -7.02 -0.50
C GLY B 273 13.86 -8.22 -1.03
N VAL B 274 14.57 -9.24 -1.49
CA VAL B 274 13.94 -10.47 -1.99
C VAL B 274 14.72 -11.64 -1.42
N ALA B 275 14.04 -12.52 -0.71
CA ALA B 275 14.70 -13.59 0.02
C ALA B 275 15.00 -14.77 -0.90
N PRO B 276 16.08 -15.50 -0.64
CA PRO B 276 16.35 -16.71 -1.41
C PRO B 276 15.52 -17.89 -0.92
N GLY B 277 15.21 -18.78 -1.85
CA GLY B 277 14.32 -19.87 -1.56
C GLY B 277 12.85 -19.55 -1.75
N PHE B 278 12.53 -18.36 -2.24
CA PHE B 278 11.15 -17.91 -2.39
C PHE B 278 10.99 -17.31 -3.77
N GLN B 279 9.80 -17.44 -4.34
CA GLN B 279 9.45 -16.73 -5.56
C GLN B 279 8.53 -15.59 -5.19
N THR B 280 8.91 -14.36 -5.51
CA THR B 280 8.19 -13.17 -5.06
C THR B 280 7.49 -12.51 -6.23
N PHE B 281 6.18 -12.42 -6.15
CA PHE B 281 5.37 -11.77 -7.19
C PHE B 281 5.32 -10.28 -6.89
N VAL B 282 6.13 -9.48 -7.57
CA VAL B 282 6.12 -8.05 -7.37
C VAL B 282 5.11 -7.47 -8.37
N ALA B 283 3.87 -7.33 -7.93
CA ALA B 283 2.88 -6.64 -8.75
C ALA B 283 3.17 -5.15 -8.76
N CYS B 284 2.82 -4.48 -9.85
CA CYS B 284 3.14 -3.07 -10.01
C CYS B 284 1.88 -2.27 -10.31
N GLN B 285 2.04 -0.94 -10.31
CA GLN B 285 0.94 -0.02 -10.54
C GLN B 285 1.56 1.31 -10.96
N GLU B 286 1.36 1.70 -12.21
CA GLU B 286 2.01 2.89 -12.73
C GLU B 286 1.23 4.13 -12.32
N GLN B 287 1.92 5.09 -11.72
CA GLN B 287 1.31 6.35 -11.34
C GLN B 287 2.00 7.50 -12.06
N ARG B 288 1.22 8.45 -12.53
CA ARG B 288 1.75 9.61 -13.25
C ARG B 288 1.29 10.86 -12.51
N LEU B 289 2.18 11.48 -11.75
CA LEU B 289 1.83 12.67 -11.01
C LEU B 289 2.02 13.91 -11.87
N ILE B 290 1.28 14.96 -11.54
CA ILE B 290 1.44 16.28 -12.16
C ILE B 290 1.40 17.30 -11.04
N TYR B 291 2.50 18.01 -10.84
CA TYR B 291 2.61 18.92 -9.71
C TYR B 291 2.38 20.35 -10.20
N LEU B 292 2.58 21.33 -9.31
CA LEU B 292 2.31 22.71 -9.68
C LEU B 292 3.53 23.59 -9.41
N PRO B 293 3.81 24.54 -10.28
CA PRO B 293 4.91 25.47 -10.06
C PRO B 293 4.56 26.46 -8.96
N PRO B 294 5.55 27.14 -8.37
CA PRO B 294 5.25 28.14 -7.33
C PRO B 294 4.53 29.33 -7.91
N PRO B 295 3.78 30.09 -7.10
CA PRO B 295 3.58 30.08 -5.66
C PRO B 295 2.55 29.09 -5.15
N TRP B 296 1.98 28.27 -6.03
CA TRP B 296 1.00 27.27 -5.60
C TRP B 296 1.68 26.18 -4.80
N GLY B 297 2.59 25.45 -5.44
CA GLY B 297 3.34 24.41 -4.77
C GLY B 297 4.82 24.67 -4.88
N THR B 298 5.61 23.61 -5.02
CA THR B 298 7.06 23.74 -5.18
C THR B 298 7.49 22.74 -6.25
N CYS B 299 7.89 23.26 -7.40
CA CYS B 299 8.27 22.38 -8.51
C CYS B 299 9.14 23.15 -9.48
N LYS B 300 10.39 22.73 -9.64
CA LYS B 300 11.19 23.19 -10.76
C LYS B 300 10.60 22.64 -12.05
N ALA B 301 10.24 23.53 -12.97
CA ALA B 301 9.57 23.12 -14.19
C ALA B 301 10.50 22.34 -15.10
N VAL B 302 9.91 21.56 -16.00
CA VAL B 302 10.67 20.70 -16.90
C VAL B 302 11.16 21.52 -18.07
N THR B 303 12.39 21.23 -18.50
CA THR B 303 13.02 21.92 -19.62
C THR B 303 13.93 20.92 -20.32
N MET B 304 14.87 21.42 -21.12
CA MET B 304 15.79 20.56 -21.84
C MET B 304 17.04 20.22 -21.05
N ASP B 305 17.64 21.20 -20.37
CA ASP B 305 18.91 20.99 -19.67
C ASP B 305 18.88 21.66 -18.30
N SER B 306 17.80 21.44 -17.54
CA SER B 306 17.62 22.14 -16.28
C SER B 306 18.53 21.56 -15.19
N ASP B 307 19.43 22.41 -14.69
CA ASP B 307 20.29 22.13 -13.52
C ASP B 307 21.15 20.88 -13.72
N LEU B 308 21.63 20.67 -14.94
CA LEU B 308 22.39 19.47 -15.28
C LEU B 308 23.87 19.81 -15.28
N ASP B 309 24.60 19.29 -14.30
CA ASP B 309 26.05 19.38 -14.29
C ASP B 309 26.74 18.10 -14.73
N PHE B 310 26.13 16.95 -14.47
CA PHE B 310 26.68 15.68 -14.90
C PHE B 310 25.66 14.75 -15.53
N PHE B 311 24.39 15.12 -15.54
CA PHE B 311 23.35 14.30 -16.13
C PHE B 311 22.72 15.07 -17.29
N ASP B 312 21.61 14.54 -17.81
CA ASP B 312 20.89 15.20 -18.88
C ASP B 312 19.48 15.59 -18.48
N SER B 313 18.73 14.68 -17.86
CA SER B 313 17.38 14.97 -17.39
C SER B 313 17.45 15.57 -15.99
N TYR B 314 16.30 15.68 -15.33
CA TYR B 314 16.24 16.20 -13.98
C TYR B 314 15.34 15.30 -13.15
N SER B 315 15.81 14.92 -11.98
CA SER B 315 15.04 14.08 -11.07
C SER B 315 15.57 14.29 -9.65
N ILE B 316 14.80 13.82 -8.68
CA ILE B 316 15.17 14.00 -7.28
C ILE B 316 16.38 13.14 -6.94
N THR B 317 16.38 11.89 -7.39
CA THR B 317 17.51 11.00 -7.16
C THR B 317 18.67 11.31 -8.09
N ALA B 318 18.44 12.08 -9.14
CA ALA B 318 19.50 12.57 -10.01
C ALA B 318 20.14 13.83 -9.48
N CYS B 319 19.67 14.35 -8.35
CA CYS B 319 20.13 15.60 -7.80
C CYS B 319 20.99 15.45 -6.55
N ARG B 320 20.68 14.49 -5.68
CA ARG B 320 21.55 14.25 -4.54
C ARG B 320 22.87 13.62 -4.97
N ILE B 321 22.89 12.91 -6.09
CA ILE B 321 24.18 12.45 -6.62
C ILE B 321 24.94 13.63 -7.20
N ASP B 322 24.22 14.63 -7.71
CA ASP B 322 24.87 15.84 -8.18
C ASP B 322 25.47 16.63 -7.02
N CYS B 323 24.69 16.82 -5.95
CA CYS B 323 25.18 17.61 -4.83
C CYS B 323 26.22 16.88 -3.98
N GLU B 324 26.26 15.56 -4.04
CA GLU B 324 27.30 14.84 -3.32
C GLU B 324 28.55 14.65 -4.16
N THR B 325 28.54 15.12 -5.40
CA THR B 325 29.72 15.12 -6.25
C THR B 325 30.45 16.45 -6.18
N ARG B 326 29.73 17.56 -6.34
CA ARG B 326 30.34 18.88 -6.28
C ARG B 326 30.90 19.18 -4.90
N TYR B 327 30.32 18.60 -3.85
CA TYR B 327 30.89 18.77 -2.52
C TYR B 327 32.19 18.01 -2.37
N LEU B 328 32.29 16.82 -2.98
CA LEU B 328 33.47 16.01 -2.76
C LEU B 328 34.65 16.47 -3.60
N VAL B 329 34.39 16.99 -4.81
CA VAL B 329 35.49 17.46 -5.63
C VAL B 329 36.03 18.80 -5.13
N GLU B 330 35.23 19.58 -4.40
CA GLU B 330 35.67 20.86 -3.92
C GLU B 330 36.28 20.81 -2.52
N ASN B 331 36.07 19.73 -1.77
CA ASN B 331 36.57 19.65 -0.41
C ASN B 331 37.98 19.06 -0.36
N CYS B 332 38.14 17.85 -0.91
CA CYS B 332 39.47 17.24 -0.93
C CYS B 332 39.73 16.54 -2.25
N ASN B 333 39.06 16.98 -3.32
CA ASN B 333 39.32 16.59 -4.72
C ASN B 333 39.09 15.10 -4.97
N CYS B 334 38.30 14.43 -4.14
CA CYS B 334 38.01 13.02 -4.36
C CYS B 334 36.87 12.85 -5.36
N ARG B 335 36.56 11.58 -5.62
CA ARG B 335 35.34 11.17 -6.31
C ARG B 335 35.11 9.72 -5.96
N MET B 336 34.01 9.43 -5.29
CA MET B 336 33.69 8.03 -5.01
C MET B 336 33.27 7.34 -6.30
N VAL B 337 33.20 6.00 -6.25
CA VAL B 337 33.10 5.20 -7.46
C VAL B 337 31.76 5.37 -8.16
N HIS B 338 30.71 5.71 -7.42
CA HIS B 338 29.41 5.92 -8.03
C HIS B 338 29.14 7.35 -8.43
N MET B 339 30.17 8.19 -8.48
CA MET B 339 29.82 9.55 -8.84
C MET B 339 30.21 9.86 -10.28
N PRO B 340 29.35 10.52 -11.04
CA PRO B 340 29.65 10.78 -12.45
C PRO B 340 30.56 11.99 -12.61
N GLY B 341 31.27 12.00 -13.73
CA GLY B 341 32.21 13.05 -14.04
C GLY B 341 33.51 12.46 -14.52
N ASP B 342 34.55 13.31 -14.55
CA ASP B 342 35.87 12.89 -15.00
C ASP B 342 36.94 13.11 -13.94
N ALA B 343 36.56 13.53 -12.74
CA ALA B 343 37.50 13.69 -11.65
C ALA B 343 38.04 12.32 -11.23
N PRO B 344 39.31 12.24 -10.82
CA PRO B 344 39.90 10.94 -10.51
C PRO B 344 39.41 10.38 -9.18
N TYR B 345 39.14 9.07 -9.17
CA TYR B 345 38.79 8.40 -7.94
C TYR B 345 39.99 8.32 -7.02
N CYS B 346 39.74 8.35 -5.72
CA CYS B 346 40.83 8.41 -4.76
C CYS B 346 41.03 7.10 -4.03
N THR B 347 42.20 6.98 -3.40
CA THR B 347 42.67 5.76 -2.78
C THR B 347 41.83 5.41 -1.56
N PRO B 348 41.78 4.13 -1.18
CA PRO B 348 41.11 3.76 0.08
C PRO B 348 41.73 4.36 1.33
N GLU B 349 42.98 4.82 1.27
CA GLU B 349 43.52 5.60 2.37
C GLU B 349 42.83 6.95 2.47
N GLN B 350 42.45 7.53 1.33
CA GLN B 350 41.63 8.73 1.34
C GLN B 350 40.16 8.44 1.63
N TYR B 351 39.76 7.19 1.55
CA TYR B 351 38.37 6.82 1.79
C TYR B 351 37.94 6.96 3.24
N LYS B 352 38.89 6.91 4.17
CA LYS B 352 38.54 7.04 5.58
C LYS B 352 38.46 8.48 6.04
N GLU B 353 39.11 9.41 5.35
CA GLU B 353 39.11 10.81 5.74
C GLU B 353 38.45 11.73 4.73
N CYS B 354 37.93 11.20 3.62
CA CYS B 354 37.18 12.03 2.71
C CYS B 354 35.82 11.47 2.33
N ALA B 355 35.66 10.16 2.29
CA ALA B 355 34.37 9.62 1.87
C ALA B 355 33.34 9.72 2.99
N ASP B 356 33.61 9.09 4.10
CA ASP B 356 32.68 9.10 5.23
C ASP B 356 32.57 10.43 5.98
N PRO B 357 33.64 11.12 6.37
CA PRO B 357 33.41 12.34 7.18
C PRO B 357 32.87 13.52 6.39
N ALA B 358 33.18 13.62 5.10
CA ALA B 358 32.63 14.72 4.33
C ALA B 358 31.17 14.48 4.01
N LEU B 359 30.79 13.25 3.71
CA LEU B 359 29.39 12.93 3.45
C LEU B 359 28.59 12.74 4.72
N ASP B 360 29.24 12.83 5.89
CA ASP B 360 28.51 13.01 7.13
C ASP B 360 28.03 14.46 7.25
N PHE B 361 28.79 15.39 6.68
CA PHE B 361 28.50 16.81 6.87
C PHE B 361 27.30 17.29 6.07
N LEU B 362 26.88 16.54 5.05
CA LEU B 362 25.70 16.93 4.29
C LEU B 362 24.40 16.63 5.01
N VAL B 363 24.45 15.80 6.06
CA VAL B 363 23.28 15.51 6.88
C VAL B 363 23.48 15.93 8.32
N GLU B 364 24.55 16.65 8.62
CA GLU B 364 24.82 17.13 9.97
C GLU B 364 24.82 18.64 10.08
N LYS B 365 25.59 19.34 9.24
CA LYS B 365 25.76 20.77 9.39
C LYS B 365 25.44 21.58 8.14
N ASP B 366 25.48 20.98 6.96
CA ASP B 366 25.27 21.72 5.73
C ASP B 366 24.02 21.24 5.01
N GLN B 367 22.93 21.06 5.75
CA GLN B 367 21.66 20.65 5.15
C GLN B 367 20.97 21.78 4.40
N GLU B 368 21.54 22.97 4.39
CA GLU B 368 21.05 24.07 3.56
C GLU B 368 21.95 24.34 2.36
N TYR B 369 22.94 23.47 2.12
CA TYR B 369 23.93 23.74 1.08
C TYR B 369 23.32 23.64 -0.31
N CYS B 370 22.68 22.52 -0.62
CA CYS B 370 21.94 22.37 -1.85
C CYS B 370 20.54 21.89 -1.52
N VAL B 371 19.55 22.40 -2.25
CA VAL B 371 18.17 21.95 -2.11
C VAL B 371 17.58 21.83 -3.51
N CYS B 372 16.79 20.78 -3.73
CA CYS B 372 16.15 20.56 -5.00
C CYS B 372 14.90 19.74 -4.78
N GLU B 373 13.85 20.07 -5.54
CA GLU B 373 12.51 19.58 -5.29
C GLU B 373 12.02 18.79 -6.50
N MET B 374 10.75 18.39 -6.44
CA MET B 374 10.20 17.46 -7.41
C MET B 374 10.03 18.15 -8.77
N PRO B 375 10.31 17.46 -9.86
CA PRO B 375 9.88 17.95 -11.17
C PRO B 375 8.38 17.82 -11.31
N CYS B 376 7.83 18.55 -12.27
CA CYS B 376 6.39 18.61 -12.42
C CYS B 376 5.80 17.42 -13.15
N ASN B 377 6.62 16.55 -13.73
CA ASN B 377 6.11 15.36 -14.42
C ASN B 377 6.87 14.14 -13.93
N LEU B 378 6.40 13.55 -12.85
CA LEU B 378 7.03 12.35 -12.31
C LEU B 378 6.44 11.11 -12.97
N THR B 379 6.95 9.95 -12.54
CA THR B 379 6.31 8.66 -12.79
C THR B 379 6.80 7.72 -11.70
N ARG B 380 5.92 7.37 -10.77
CA ARG B 380 6.29 6.44 -9.71
C ARG B 380 5.89 5.04 -10.11
N TYR B 381 6.12 4.09 -9.21
CA TYR B 381 5.72 2.71 -9.42
C TYR B 381 5.43 2.10 -8.06
N GLY B 382 4.18 1.77 -7.80
CA GLY B 382 3.85 1.07 -6.57
C GLY B 382 4.23 -0.39 -6.65
N LYS B 383 4.13 -1.08 -5.51
CA LYS B 383 4.50 -2.49 -5.46
C LYS B 383 3.72 -3.17 -4.35
N GLU B 384 3.35 -4.43 -4.60
CA GLU B 384 2.58 -5.25 -3.66
C GLU B 384 3.19 -6.65 -3.65
N LEU B 385 4.13 -6.88 -2.74
CA LEU B 385 4.83 -8.16 -2.74
C LEU B 385 3.95 -9.27 -2.17
N SER B 386 4.35 -10.51 -2.49
CA SER B 386 3.77 -11.76 -2.01
C SER B 386 4.69 -12.88 -2.43
N MET B 387 4.85 -13.88 -1.57
CA MET B 387 5.89 -14.88 -1.75
C MET B 387 5.29 -16.27 -1.88
N VAL B 388 5.92 -17.11 -2.70
CA VAL B 388 5.58 -18.53 -2.85
C VAL B 388 6.88 -19.32 -2.81
N LYS B 389 6.91 -20.40 -2.03
CA LYS B 389 8.14 -21.15 -1.82
C LYS B 389 8.55 -21.92 -3.07
N ILE B 390 9.78 -21.72 -3.52
CA ILE B 390 10.19 -22.15 -4.85
C ILE B 390 10.61 -23.62 -5.02
N PRO B 391 11.47 -24.27 -4.18
CA PRO B 391 11.95 -25.59 -4.59
C PRO B 391 11.01 -26.70 -4.19
N SER B 392 9.96 -26.96 -4.98
CA SER B 392 8.97 -27.96 -4.65
C SER B 392 9.56 -29.37 -4.71
N LYS B 393 8.77 -30.35 -4.25
CA LYS B 393 9.22 -31.73 -4.26
C LYS B 393 9.37 -32.27 -5.68
N ALA B 394 8.56 -31.77 -6.61
CA ALA B 394 8.70 -32.20 -7.98
C ALA B 394 9.92 -31.61 -8.65
N SER B 395 10.37 -30.44 -8.21
CA SER B 395 11.48 -29.74 -8.86
C SER B 395 12.81 -29.90 -8.14
N ALA B 396 12.83 -30.60 -7.01
CA ALA B 396 14.08 -30.72 -6.28
C ALA B 396 15.05 -31.63 -7.01
N LYS B 397 14.55 -32.61 -7.74
CA LYS B 397 15.42 -33.54 -8.44
C LYS B 397 15.71 -33.13 -9.87
N TYR B 398 15.02 -32.13 -10.41
CA TYR B 398 15.32 -31.66 -11.74
C TYR B 398 16.29 -30.49 -11.73
N LEU B 399 16.11 -29.56 -10.79
CA LEU B 399 17.04 -28.44 -10.67
C LEU B 399 18.41 -28.89 -10.18
N ALA B 400 18.45 -29.98 -9.40
CA ALA B 400 19.73 -30.54 -8.99
C ALA B 400 20.46 -31.16 -10.17
N LYS B 401 19.73 -31.66 -11.17
CA LYS B 401 20.36 -32.25 -12.34
C LYS B 401 20.80 -31.17 -13.33
N LYS B 402 19.98 -30.15 -13.52
CA LYS B 402 20.19 -29.20 -14.62
C LYS B 402 21.35 -28.27 -14.35
N PHE B 403 21.50 -27.80 -13.12
CA PHE B 403 22.57 -26.88 -12.78
C PHE B 403 23.67 -27.52 -11.95
N ASN B 404 23.58 -28.84 -11.73
CA ASN B 404 24.66 -29.66 -11.19
C ASN B 404 25.06 -29.23 -9.78
N LYS B 405 24.07 -29.19 -8.90
CA LYS B 405 24.26 -28.73 -7.52
C LYS B 405 23.38 -29.57 -6.60
N SER B 406 23.73 -29.55 -5.32
CA SER B 406 23.03 -30.37 -4.34
C SER B 406 21.65 -29.79 -4.05
N GLU B 407 20.79 -30.64 -3.46
CA GLU B 407 19.46 -30.18 -3.08
C GLU B 407 19.50 -29.21 -1.91
N GLN B 408 20.56 -29.27 -1.09
CA GLN B 408 20.75 -28.27 -0.06
C GLN B 408 21.09 -26.92 -0.67
N TYR B 409 21.89 -26.92 -1.73
CA TYR B 409 22.29 -25.68 -2.37
C TYR B 409 21.12 -25.01 -3.09
N ILE B 410 20.16 -25.79 -3.58
CA ILE B 410 19.07 -25.21 -4.35
C ILE B 410 18.10 -24.47 -3.45
N GLY B 411 17.79 -25.03 -2.28
CA GLY B 411 16.89 -24.36 -1.36
C GLY B 411 17.50 -23.17 -0.64
N GLU B 412 18.80 -22.93 -0.79
CA GLU B 412 19.47 -21.83 -0.13
C GLU B 412 20.00 -20.77 -1.08
N ASN B 413 19.92 -20.99 -2.39
CA ASN B 413 20.52 -20.04 -3.32
C ASN B 413 19.67 -19.68 -4.52
N ILE B 414 18.62 -20.42 -4.84
CA ILE B 414 17.83 -20.14 -6.03
C ILE B 414 16.69 -19.21 -5.64
N LEU B 415 16.44 -18.20 -6.46
CA LEU B 415 15.58 -17.09 -6.12
C LEU B 415 14.90 -16.64 -7.39
N VAL B 416 13.58 -16.67 -7.42
CA VAL B 416 12.84 -16.37 -8.64
C VAL B 416 12.14 -15.04 -8.47
N LEU B 417 12.63 -14.02 -9.14
CA LEU B 417 11.91 -12.78 -9.16
C LEU B 417 10.82 -12.86 -10.23
N ASP B 418 9.75 -12.11 -10.03
CA ASP B 418 8.62 -12.17 -10.96
C ASP B 418 7.92 -10.81 -10.90
N ILE B 419 8.15 -9.99 -11.91
CA ILE B 419 7.64 -8.63 -11.95
C ILE B 419 6.63 -8.54 -13.07
N PHE B 420 5.48 -7.95 -12.78
CA PHE B 420 4.46 -7.77 -13.81
C PHE B 420 3.64 -6.54 -13.50
N PHE B 421 2.72 -6.25 -14.39
CA PHE B 421 1.67 -5.27 -14.13
C PHE B 421 0.42 -6.01 -13.70
N GLU B 422 -0.31 -5.43 -12.75
CA GLU B 422 -1.50 -6.10 -12.26
C GLU B 422 -2.64 -6.01 -13.26
N VAL B 423 -3.08 -4.79 -13.53
CA VAL B 423 -4.01 -4.50 -14.62
C VAL B 423 -3.46 -3.30 -15.37
N LEU B 424 -3.81 -3.20 -16.65
CA LEU B 424 -3.24 -2.19 -17.53
C LEU B 424 -3.95 -0.84 -17.37
N ASN B 425 -3.83 -0.27 -16.19
CA ASN B 425 -4.30 1.06 -15.88
C ASN B 425 -3.10 1.94 -15.55
N TYR B 426 -3.37 3.23 -15.36
CA TYR B 426 -2.39 4.11 -14.75
C TYR B 426 -3.14 5.24 -14.06
N GLU B 427 -2.76 5.54 -12.83
CA GLU B 427 -3.43 6.57 -12.07
C GLU B 427 -2.75 7.91 -12.27
N THR B 428 -3.55 8.97 -12.32
CA THR B 428 -3.05 10.32 -12.41
C THR B 428 -3.45 11.07 -11.17
N ILE B 429 -2.48 11.67 -10.50
CA ILE B 429 -2.73 12.46 -9.29
C ILE B 429 -2.31 13.88 -9.63
N GLU B 430 -3.25 14.69 -10.09
CA GLU B 430 -2.93 16.05 -10.48
C GLU B 430 -3.14 17.00 -9.31
N GLN B 431 -2.67 18.22 -9.48
CA GLN B 431 -2.93 19.30 -8.55
C GLN B 431 -3.49 20.47 -9.35
N LYS B 432 -4.71 20.86 -9.05
CA LYS B 432 -5.42 21.86 -9.82
C LYS B 432 -5.62 23.11 -8.98
N LYS B 433 -5.50 24.27 -9.62
CA LYS B 433 -5.64 25.55 -8.92
C LYS B 433 -7.08 25.72 -8.47
N ALA B 434 -7.26 26.06 -7.21
CA ALA B 434 -8.60 26.12 -6.66
C ALA B 434 -9.32 27.40 -7.02
N TYR B 435 -8.60 28.49 -7.21
CA TYR B 435 -9.24 29.79 -7.37
C TYR B 435 -8.39 30.62 -8.32
N GLU B 436 -8.77 30.60 -9.60
CA GLU B 436 -8.04 31.31 -10.63
C GLU B 436 -8.35 32.80 -10.56
N ILE B 437 -7.63 33.59 -11.38
CA ILE B 437 -7.87 35.03 -11.40
C ILE B 437 -9.19 35.33 -12.09
N ALA B 438 -9.56 34.54 -13.10
CA ALA B 438 -10.81 34.76 -13.81
C ALA B 438 -12.02 34.44 -12.97
N GLY B 439 -11.87 33.61 -11.94
CA GLY B 439 -12.95 33.40 -11.01
C GLY B 439 -12.98 34.36 -9.85
N LEU B 440 -11.89 35.10 -9.65
CA LEU B 440 -11.88 36.12 -8.61
C LEU B 440 -12.73 37.31 -9.02
N LEU B 441 -12.63 37.74 -10.28
CA LEU B 441 -13.40 38.87 -10.76
C LEU B 441 -14.89 38.59 -10.81
N GLY B 442 -15.30 37.33 -10.88
CA GLY B 442 -16.70 37.00 -10.78
C GLY B 442 -17.24 37.21 -9.39
N ASP B 443 -16.64 36.54 -8.40
CA ASP B 443 -17.17 36.58 -7.05
C ASP B 443 -16.89 37.89 -6.34
N ILE B 444 -15.94 38.69 -6.84
CA ILE B 444 -15.77 40.03 -6.30
C ILE B 444 -16.74 41.01 -6.94
N GLY B 445 -17.33 40.65 -8.07
CA GLY B 445 -18.25 41.55 -8.75
C GLY B 445 -19.68 41.24 -8.41
N GLY B 446 -19.97 39.95 -8.21
CA GLY B 446 -21.30 39.53 -7.83
C GLY B 446 -21.70 39.98 -6.43
N GLN B 447 -20.72 40.26 -5.57
CA GLN B 447 -21.04 40.82 -4.27
C GLN B 447 -21.30 42.31 -4.36
N MET B 448 -20.50 43.02 -5.16
CA MET B 448 -20.75 44.45 -5.37
C MET B 448 -22.02 44.68 -6.18
N GLY B 449 -22.32 43.79 -7.12
CA GLY B 449 -23.58 43.83 -7.84
C GLY B 449 -24.78 43.41 -7.04
N LEU B 450 -24.58 42.92 -5.82
CA LEU B 450 -25.66 42.54 -4.92
C LEU B 450 -25.90 43.59 -3.84
N PHE B 451 -24.84 44.08 -3.21
CA PHE B 451 -25.00 44.91 -2.03
C PHE B 451 -25.30 46.37 -2.36
N ILE B 452 -24.64 46.92 -3.38
CA ILE B 452 -24.81 48.32 -3.75
C ILE B 452 -25.28 48.47 -5.19
N GLY B 453 -25.11 47.42 -5.99
CA GLY B 453 -25.49 47.48 -7.39
C GLY B 453 -24.60 48.34 -8.25
N ALA B 454 -23.41 48.67 -7.80
CA ALA B 454 -22.51 49.56 -8.50
C ALA B 454 -21.49 48.76 -9.30
N SER B 455 -21.36 49.08 -10.58
CA SER B 455 -20.36 48.46 -11.43
C SER B 455 -19.07 49.28 -11.39
N ILE B 456 -18.06 48.84 -12.16
CA ILE B 456 -16.81 49.56 -12.23
C ILE B 456 -16.91 50.82 -13.07
N LEU B 457 -17.99 50.97 -13.82
CA LEU B 457 -18.24 52.23 -14.52
C LEU B 457 -18.69 53.31 -13.56
N THR B 458 -19.63 52.97 -12.67
CA THR B 458 -20.24 53.99 -11.81
C THR B 458 -19.31 54.48 -10.73
N VAL B 459 -18.30 53.69 -10.35
CA VAL B 459 -17.33 54.21 -9.39
C VAL B 459 -16.43 55.22 -10.07
N LEU B 460 -16.22 55.09 -11.38
CA LEU B 460 -15.50 56.12 -12.11
C LEU B 460 -16.41 57.30 -12.42
N GLU B 461 -17.73 57.06 -12.51
CA GLU B 461 -18.68 58.15 -12.66
C GLU B 461 -18.73 59.03 -11.42
N LEU B 462 -18.57 58.43 -10.23
CA LEU B 462 -18.46 59.24 -9.02
C LEU B 462 -17.12 59.95 -8.97
N PHE B 463 -16.08 59.33 -9.56
CA PHE B 463 -14.78 59.96 -9.58
C PHE B 463 -14.73 61.13 -10.56
N ASP B 464 -15.59 61.11 -11.58
CA ASP B 464 -15.77 62.28 -12.42
C ASP B 464 -16.83 63.23 -11.88
N TYR B 465 -17.67 62.75 -10.95
CA TYR B 465 -18.56 63.64 -10.24
C TYR B 465 -17.80 64.54 -9.28
N ALA B 466 -16.68 64.04 -8.74
CA ALA B 466 -15.79 64.89 -7.96
C ALA B 466 -15.08 65.93 -8.82
N TYR B 467 -14.91 65.64 -10.12
CA TYR B 467 -14.43 66.67 -11.04
C TYR B 467 -15.50 67.74 -11.24
N GLU B 468 -16.78 67.36 -11.18
CA GLU B 468 -17.84 68.35 -11.19
C GLU B 468 -17.91 69.11 -9.88
N VAL B 469 -17.37 68.55 -8.80
CA VAL B 469 -17.34 69.24 -7.52
C VAL B 469 -16.28 70.33 -7.49
N ILE B 470 -15.09 70.06 -8.04
CA ILE B 470 -13.89 70.82 -7.68
C ILE B 470 -13.90 72.23 -8.28
N LYS B 471 -14.39 72.39 -9.51
CA LYS B 471 -14.33 73.69 -10.15
C LYS B 471 -15.65 74.18 -10.73
N HIS B 472 -16.59 73.30 -11.04
CA HIS B 472 -17.86 73.73 -11.62
C HIS B 472 -18.74 74.40 -10.57
N LYS B 473 -18.69 73.91 -9.33
CA LYS B 473 -19.41 74.54 -8.23
C LYS B 473 -18.49 74.97 -7.09
N LEU B 474 -17.18 75.00 -7.32
CA LEU B 474 -16.25 75.49 -6.31
C LEU B 474 -15.05 76.13 -6.99
N SER C 49 -50.38 43.23 -26.75
CA SER C 49 -49.69 44.51 -26.91
C SER C 49 -48.42 44.35 -27.74
N LEU C 50 -47.64 45.42 -27.81
CA LEU C 50 -46.41 45.47 -28.60
C LEU C 50 -45.16 45.62 -27.76
N LYS C 51 -45.19 46.53 -26.80
CA LYS C 51 -44.11 46.78 -25.85
C LYS C 51 -44.30 45.99 -24.55
N ARG C 52 -45.53 45.94 -24.04
CA ARG C 52 -45.77 45.30 -22.76
C ARG C 52 -46.13 43.83 -22.86
N ALA C 53 -46.52 43.35 -24.04
CA ALA C 53 -46.82 41.94 -24.18
C ALA C 53 -45.56 41.09 -24.21
N LEU C 54 -44.45 41.66 -24.67
CA LEU C 54 -43.19 40.92 -24.68
C LEU C 54 -42.61 40.80 -23.27
N TRP C 55 -42.88 41.77 -22.41
CA TRP C 55 -42.37 41.74 -21.04
C TRP C 55 -43.16 40.82 -20.12
N ALA C 56 -44.26 40.24 -20.60
CA ALA C 56 -44.96 39.23 -19.81
C ALA C 56 -44.17 37.93 -19.78
N LEU C 57 -43.35 37.68 -20.79
CA LEU C 57 -42.46 36.53 -20.80
C LEU C 57 -41.03 36.89 -20.43
N CYS C 58 -40.61 38.13 -20.69
CA CYS C 58 -39.22 38.50 -20.47
C CYS C 58 -38.91 38.64 -18.98
N PHE C 59 -39.61 39.55 -18.31
CA PHE C 59 -39.32 39.81 -16.91
C PHE C 59 -39.82 38.68 -16.01
N LEU C 60 -40.86 37.98 -16.44
CA LEU C 60 -41.40 36.90 -15.61
C LEU C 60 -40.70 35.58 -15.85
N GLY C 61 -40.32 35.31 -17.11
CA GLY C 61 -39.62 34.07 -17.39
C GLY C 61 -38.20 34.06 -16.85
N SER C 62 -37.51 35.19 -16.92
CA SER C 62 -36.19 35.30 -16.33
C SER C 62 -36.26 35.24 -14.81
N LEU C 63 -37.35 35.73 -14.23
CA LEU C 63 -37.57 35.53 -12.80
C LEU C 63 -37.91 34.07 -12.51
N ALA C 64 -38.60 33.40 -13.44
CA ALA C 64 -38.94 32.00 -13.23
C ALA C 64 -37.71 31.10 -13.35
N VAL C 65 -36.77 31.47 -14.21
CA VAL C 65 -35.53 30.70 -14.32
C VAL C 65 -34.65 30.98 -13.11
N LEU C 66 -34.73 32.19 -12.54
CA LEU C 66 -33.87 32.58 -11.43
C LEU C 66 -34.18 31.78 -10.17
N LEU C 67 -35.46 31.52 -9.91
CA LEU C 67 -35.82 30.77 -8.71
C LEU C 67 -35.42 29.30 -8.80
N CYS C 68 -35.24 28.78 -10.01
CA CYS C 68 -34.68 27.45 -10.15
C CYS C 68 -33.17 27.45 -9.97
N VAL C 69 -32.49 28.50 -10.42
CA VAL C 69 -31.04 28.51 -10.37
C VAL C 69 -30.53 29.07 -9.05
N CYS C 70 -31.28 29.96 -8.40
CA CYS C 70 -30.84 30.46 -7.10
C CYS C 70 -31.04 29.43 -6.00
N THR C 71 -31.95 28.48 -6.21
CA THR C 71 -32.17 27.45 -5.20
C THR C 71 -31.06 26.42 -5.22
N GLU C 72 -30.64 25.98 -6.41
CA GLU C 72 -29.57 24.98 -6.52
C GLU C 72 -28.19 25.52 -6.18
N ARG C 73 -28.05 26.81 -5.84
CA ARG C 73 -26.85 27.30 -5.20
C ARG C 73 -27.04 27.53 -3.71
N VAL C 74 -28.26 27.43 -3.21
CA VAL C 74 -28.50 27.46 -1.77
C VAL C 74 -28.74 26.05 -1.25
N GLN C 75 -29.39 25.20 -2.04
CA GLN C 75 -29.49 23.79 -1.70
C GLN C 75 -28.13 23.12 -1.76
N TYR C 76 -27.23 23.62 -2.61
CA TYR C 76 -25.88 23.08 -2.66
C TYR C 76 -25.09 23.44 -1.42
N TYR C 77 -25.35 24.59 -0.83
CA TYR C 77 -24.57 25.03 0.32
C TYR C 77 -24.89 24.22 1.57
N PHE C 78 -26.13 23.78 1.72
CA PHE C 78 -26.53 23.09 2.94
C PHE C 78 -26.21 21.60 2.90
N HIS C 79 -25.62 21.10 1.83
CA HIS C 79 -25.02 19.77 1.85
C HIS C 79 -23.71 19.75 2.61
N TYR C 80 -23.05 20.91 2.74
CA TYR C 80 -21.72 21.07 3.32
C TYR C 80 -20.71 20.15 2.65
N HIS C 81 -20.49 20.38 1.35
CA HIS C 81 -19.56 19.57 0.60
C HIS C 81 -18.13 19.94 0.94
N HIS C 82 -17.22 19.00 0.71
CA HIS C 82 -15.82 19.23 0.98
C HIS C 82 -14.97 18.38 0.05
N VAL C 83 -13.86 18.95 -0.41
CA VAL C 83 -12.92 18.27 -1.29
C VAL C 83 -11.57 18.24 -0.60
N THR C 84 -10.67 17.42 -1.10
CA THR C 84 -9.42 17.14 -0.40
C THR C 84 -8.23 17.77 -1.08
N LYS C 85 -7.06 17.58 -0.46
CA LYS C 85 -5.85 18.26 -0.89
C LYS C 85 -4.67 17.37 -0.48
N LEU C 86 -4.10 16.65 -1.44
CA LEU C 86 -2.92 15.85 -1.19
C LEU C 86 -1.69 16.67 -1.52
N ASP C 87 -0.77 16.78 -0.56
CA ASP C 87 0.47 17.48 -0.75
C ASP C 87 1.61 16.62 -0.25
N GLU C 88 2.83 16.96 -0.65
CA GLU C 88 4.02 16.22 -0.25
C GLU C 88 5.09 17.25 0.09
N VAL C 89 5.13 17.65 1.35
CA VAL C 89 6.06 18.67 1.82
C VAL C 89 7.33 17.97 2.28
N ALA C 90 8.45 18.30 1.65
CA ALA C 90 9.72 17.73 2.07
C ALA C 90 10.19 18.37 3.36
N ALA C 91 10.98 17.62 4.13
CA ALA C 91 11.56 18.11 5.37
C ALA C 91 12.97 17.54 5.49
N SER C 92 13.62 17.83 6.61
CA SER C 92 15.01 17.45 6.76
C SER C 92 15.24 16.68 8.06
N GLN C 93 14.44 16.95 9.08
CA GLN C 93 14.59 16.32 10.39
C GLN C 93 13.22 15.85 10.82
N LEU C 94 12.89 14.60 10.50
CA LEU C 94 11.61 14.02 10.87
C LEU C 94 11.75 13.26 12.18
N THR C 95 10.71 13.33 13.00
CA THR C 95 10.72 12.60 14.25
C THR C 95 10.53 11.11 14.01
N PHE C 96 10.86 10.35 14.98
CA PHE C 96 10.76 8.91 14.81
C PHE C 96 9.48 8.39 15.45
N PRO C 97 8.86 7.37 14.91
CA PRO C 97 7.66 6.81 15.52
C PRO C 97 7.96 5.98 16.76
N ALA C 98 6.95 5.34 17.32
CA ALA C 98 7.10 4.59 18.56
C ALA C 98 6.82 3.12 18.29
N VAL C 99 7.88 2.34 18.13
CA VAL C 99 7.74 0.92 17.89
C VAL C 99 7.27 0.21 19.15
N THR C 100 6.32 -0.71 18.99
CA THR C 100 5.82 -1.54 20.09
C THR C 100 5.89 -2.98 19.64
N LEU C 101 6.65 -3.81 20.36
CA LEU C 101 6.89 -5.16 19.91
C LEU C 101 6.75 -6.13 21.07
N CYS C 102 6.09 -7.25 20.83
CA CYS C 102 6.08 -8.32 21.81
C CYS C 102 5.87 -9.66 21.15
N ASN C 103 6.25 -10.69 21.90
CA ASN C 103 6.19 -12.07 21.46
C ASN C 103 4.75 -12.53 21.31
N LEU C 104 4.58 -13.64 20.61
CA LEU C 104 3.28 -14.25 20.43
C LEU C 104 2.97 -15.27 21.52
N ASN C 105 3.72 -15.25 22.61
CA ASN C 105 3.55 -16.16 23.72
C ASN C 105 3.50 -15.36 25.01
N GLU C 106 2.43 -15.54 25.78
CA GLU C 106 2.23 -14.68 26.94
C GLU C 106 3.09 -15.10 28.13
N PHE C 107 3.25 -16.39 28.36
CA PHE C 107 3.86 -16.88 29.59
C PHE C 107 5.00 -17.83 29.27
N ARG C 108 6.14 -17.61 29.91
CA ARG C 108 7.24 -18.55 29.79
C ARG C 108 6.92 -19.82 30.55
N PHE C 109 7.16 -20.97 29.92
CA PHE C 109 6.77 -22.24 30.52
C PHE C 109 7.70 -22.61 31.66
N SER C 110 8.97 -22.23 31.59
CA SER C 110 9.92 -22.57 32.63
C SER C 110 9.84 -21.64 33.83
N GLN C 111 8.84 -20.78 33.90
CA GLN C 111 8.72 -19.85 35.01
C GLN C 111 7.28 -19.76 35.50
N VAL C 112 6.61 -20.90 35.61
CA VAL C 112 5.33 -21.00 36.30
C VAL C 112 5.49 -22.02 37.42
N SER C 113 5.06 -21.65 38.62
CA SER C 113 5.27 -22.47 39.80
C SER C 113 4.02 -23.29 40.08
N LYS C 114 4.09 -24.11 41.14
CA LYS C 114 2.96 -24.93 41.54
C LYS C 114 1.82 -24.11 42.10
N ASN C 115 2.08 -22.86 42.51
CA ASN C 115 1.00 -21.97 42.93
C ASN C 115 0.24 -21.41 41.74
N ASP C 116 0.95 -21.08 40.66
CA ASP C 116 0.31 -20.37 39.55
C ASP C 116 -0.58 -21.28 38.73
N LEU C 117 -0.27 -22.58 38.68
CA LEU C 117 -1.14 -23.52 38.01
C LEU C 117 -2.42 -23.77 38.82
N TYR C 118 -2.41 -23.46 40.12
CA TYR C 118 -3.59 -23.72 40.94
C TYR C 118 -4.68 -22.70 40.66
N HIS C 119 -4.33 -21.42 40.62
CA HIS C 119 -5.33 -20.37 40.44
C HIS C 119 -5.59 -20.08 38.97
N ALA C 120 -4.54 -20.14 38.15
CA ALA C 120 -4.66 -19.75 36.74
C ALA C 120 -4.61 -20.95 35.81
N GLY C 121 -4.95 -22.14 36.29
CA GLY C 121 -4.91 -23.32 35.43
C GLY C 121 -5.98 -23.30 34.36
N GLU C 122 -7.15 -22.74 34.67
CA GLU C 122 -8.17 -22.55 33.65
C GLU C 122 -7.80 -21.42 32.70
N LEU C 123 -6.95 -20.49 33.14
CA LEU C 123 -6.57 -19.38 32.28
C LEU C 123 -5.54 -19.79 31.24
N LEU C 124 -4.54 -20.58 31.62
CA LEU C 124 -3.48 -20.94 30.69
C LEU C 124 -3.88 -22.08 29.76
N ALA C 125 -5.04 -22.70 29.98
CA ALA C 125 -5.49 -23.92 29.31
C ALA C 125 -4.45 -25.04 29.44
N LEU C 126 -3.98 -25.25 30.66
CA LEU C 126 -3.10 -26.37 30.96
C LEU C 126 -3.73 -27.39 31.88
N LEU C 127 -4.75 -27.01 32.65
CA LEU C 127 -5.50 -27.92 33.50
C LEU C 127 -6.97 -27.87 33.11
N ASN C 128 -7.73 -28.82 33.62
CA ASN C 128 -9.17 -28.83 33.47
C ASN C 128 -9.80 -28.06 34.63
N ASN C 129 -11.12 -28.18 34.78
CA ASN C 129 -11.78 -27.60 35.94
C ASN C 129 -11.58 -28.44 37.20
N ARG C 130 -11.15 -29.69 37.04
CA ARG C 130 -10.91 -30.59 38.17
C ARG C 130 -9.43 -30.72 38.49
N TYR C 131 -8.60 -29.79 37.99
CA TYR C 131 -7.17 -29.66 38.31
C TYR C 131 -6.39 -30.92 37.93
N GLU C 132 -6.39 -31.22 36.63
CA GLU C 132 -5.63 -32.35 36.10
C GLU C 132 -5.25 -32.06 34.66
N ILE C 133 -4.16 -32.68 34.22
CA ILE C 133 -3.72 -32.60 32.83
C ILE C 133 -4.69 -33.42 31.99
N PRO C 134 -5.52 -32.79 31.15
CA PRO C 134 -6.71 -33.45 30.58
C PRO C 134 -6.43 -34.46 29.47
N ASP C 135 -5.92 -35.63 29.90
CA ASP C 135 -5.73 -36.83 29.08
C ASP C 135 -4.82 -36.54 27.87
N THR C 136 -3.57 -36.19 28.21
CA THR C 136 -2.58 -35.81 27.21
C THR C 136 -1.94 -37.08 26.64
N GLN C 137 -2.71 -37.79 25.83
CA GLN C 137 -2.24 -39.02 25.22
C GLN C 137 -1.29 -38.68 24.08
N MET C 138 -0.06 -39.20 24.17
CA MET C 138 1.03 -38.96 23.22
C MET C 138 1.30 -37.47 23.04
N ALA C 139 1.45 -36.78 24.17
CA ALA C 139 1.65 -35.33 24.14
C ALA C 139 3.08 -34.99 23.70
N ASP C 140 4.06 -35.44 24.47
CA ASP C 140 5.46 -35.08 24.28
C ASP C 140 6.30 -36.15 24.96
N GLU C 141 7.58 -35.86 25.13
CA GLU C 141 8.49 -36.80 25.78
C GLU C 141 9.11 -36.28 27.06
N LYS C 142 9.28 -34.96 27.22
CA LYS C 142 9.88 -34.41 28.42
C LYS C 142 8.96 -33.38 29.05
N GLN C 143 8.23 -32.64 28.23
CA GLN C 143 7.43 -31.51 28.72
C GLN C 143 6.19 -31.94 29.50
N LEU C 144 5.83 -33.22 29.46
CA LEU C 144 4.90 -33.74 30.45
C LEU C 144 5.51 -33.69 31.85
N GLU C 145 6.77 -34.11 31.96
CA GLU C 145 7.42 -34.37 33.23
C GLU C 145 7.69 -33.12 34.05
N ILE C 146 7.76 -31.94 33.41
CA ILE C 146 7.83 -30.71 34.17
C ILE C 146 6.47 -30.42 34.81
N LEU C 147 5.39 -30.80 34.16
CA LEU C 147 4.07 -30.63 34.74
C LEU C 147 3.63 -31.81 35.59
N GLN C 148 4.26 -32.97 35.45
CA GLN C 148 3.90 -34.11 36.28
C GLN C 148 4.34 -33.94 37.72
N ASP C 149 5.36 -33.11 37.98
CA ASP C 149 5.77 -32.81 39.35
C ASP C 149 5.46 -31.35 39.72
N LYS C 150 4.61 -30.68 38.95
CA LYS C 150 4.14 -29.35 39.31
C LYS C 150 2.62 -29.24 39.38
N ALA C 151 1.88 -30.20 38.84
CA ALA C 151 0.42 -30.23 38.95
C ALA C 151 -0.03 -31.20 40.03
N ASN C 152 0.71 -31.29 41.13
CA ASN C 152 0.37 -32.24 42.18
C ASN C 152 -0.74 -31.70 43.07
N PHE C 153 -0.48 -30.57 43.75
CA PHE C 153 -1.37 -29.93 44.73
C PHE C 153 -1.78 -30.89 45.84
N ARG C 154 -0.85 -31.75 46.25
CA ARG C 154 -1.09 -32.70 47.33
C ARG C 154 -0.90 -31.95 48.65
N SER C 155 -2.01 -31.42 49.18
CA SER C 155 -2.06 -30.57 50.37
C SER C 155 -1.13 -29.36 50.23
N PHE C 156 -1.41 -28.56 49.21
CA PHE C 156 -0.48 -27.51 48.80
C PHE C 156 -0.48 -26.31 49.72
N LYS C 157 -1.64 -25.99 50.34
CA LYS C 157 -1.89 -24.79 51.15
C LYS C 157 -1.51 -23.54 50.38
N PRO C 158 -2.33 -23.12 49.41
CA PRO C 158 -1.87 -22.14 48.41
C PRO C 158 -1.68 -20.74 48.97
N LYS C 159 -0.63 -20.09 48.49
CA LYS C 159 -0.32 -18.72 48.88
C LYS C 159 -1.30 -17.75 48.24
N PRO C 160 -1.37 -16.51 48.72
CA PRO C 160 -2.16 -15.49 48.00
C PRO C 160 -1.58 -15.19 46.63
N PHE C 161 -2.45 -14.72 45.75
CA PHE C 161 -2.16 -14.58 44.33
C PHE C 161 -2.41 -13.16 43.87
N ASN C 162 -1.65 -12.73 42.86
CA ASN C 162 -1.88 -11.48 42.16
C ASN C 162 -1.78 -11.73 40.67
N MET C 163 -2.43 -10.87 39.88
CA MET C 163 -2.48 -11.08 38.45
C MET C 163 -1.49 -10.21 37.67
N ARG C 164 -1.29 -8.96 38.06
CA ARG C 164 -0.24 -8.16 37.43
C ARG C 164 1.13 -8.68 37.83
N GLU C 165 1.28 -9.17 39.06
CA GLU C 165 2.54 -9.75 39.49
C GLU C 165 2.86 -11.03 38.73
N PHE C 166 1.83 -11.73 38.25
CA PHE C 166 2.07 -12.91 37.44
C PHE C 166 2.58 -12.54 36.06
N TYR C 167 2.12 -11.42 35.50
CA TYR C 167 2.56 -11.01 34.17
C TYR C 167 4.00 -10.51 34.19
N ASP C 168 4.45 -9.93 35.30
CA ASP C 168 5.73 -9.23 35.29
C ASP C 168 6.90 -10.21 35.37
N ARG C 169 6.75 -11.32 36.07
CA ARG C 169 7.85 -12.26 36.22
C ARG C 169 7.76 -13.44 35.29
N ALA C 170 6.58 -13.75 34.75
CA ALA C 170 6.43 -14.89 33.85
C ALA C 170 6.28 -14.49 32.39
N GLY C 171 6.35 -13.20 32.09
CA GLY C 171 6.41 -12.78 30.71
C GLY C 171 7.82 -12.88 30.17
N HIS C 172 7.96 -12.56 28.89
CA HIS C 172 9.27 -12.57 28.27
C HIS C 172 10.02 -11.30 28.65
N ASP C 173 11.33 -11.43 28.84
CA ASP C 173 12.14 -10.33 29.36
C ASP C 173 13.01 -9.77 28.24
N ILE C 174 13.00 -8.44 28.10
CA ILE C 174 13.78 -7.79 27.06
C ILE C 174 15.27 -7.80 27.35
N ARG C 175 15.67 -8.10 28.58
CA ARG C 175 17.09 -8.28 28.85
C ARG C 175 17.62 -9.57 28.25
N ASP C 176 16.75 -10.55 28.01
CA ASP C 176 17.14 -11.80 27.39
C ASP C 176 16.62 -11.97 25.98
N MET C 177 15.49 -11.34 25.64
CA MET C 177 14.95 -11.44 24.30
C MET C 177 15.76 -10.61 23.31
N LEU C 178 16.28 -9.47 23.75
CA LEU C 178 17.03 -8.58 22.89
C LEU C 178 18.51 -8.90 22.98
N LEU C 179 19.18 -8.92 21.83
CA LEU C 179 20.61 -9.18 21.79
C LEU C 179 21.40 -7.90 21.55
N SER C 180 21.11 -7.18 20.48
CA SER C 180 21.83 -5.94 20.16
C SER C 180 21.00 -5.15 19.18
N CYS C 181 20.58 -3.95 19.56
CA CYS C 181 19.99 -3.04 18.57
C CYS C 181 20.92 -1.85 18.34
N HIS C 182 20.49 -0.98 17.44
CA HIS C 182 21.26 0.18 17.06
C HIS C 182 20.31 1.32 16.75
N PHE C 183 20.87 2.50 16.56
CA PHE C 183 20.12 3.66 16.11
C PHE C 183 21.13 4.58 15.44
N ARG C 184 21.09 4.61 14.10
CA ARG C 184 22.03 5.36 13.27
C ARG C 184 23.48 4.97 13.55
N GLY C 185 23.70 3.69 13.85
CA GLY C 185 25.00 3.20 14.22
C GLY C 185 25.30 3.29 15.71
N GLU C 186 24.76 4.29 16.40
CA GLU C 186 24.97 4.43 17.83
C GLU C 186 24.21 3.36 18.59
N VAL C 187 24.87 2.78 19.59
CA VAL C 187 24.39 1.53 20.19
C VAL C 187 23.19 1.82 21.09
N CYS C 188 22.43 0.77 21.38
CA CYS C 188 21.25 0.82 22.23
C CYS C 188 21.61 0.59 23.68
N SER C 189 20.58 0.37 24.48
CA SER C 189 20.64 -0.35 25.73
C SER C 189 19.32 -1.10 25.89
N ALA C 190 19.25 -1.98 26.87
CA ALA C 190 17.96 -2.58 27.21
C ALA C 190 17.07 -1.58 27.93
N GLU C 191 17.65 -0.53 28.50
CA GLU C 191 16.91 0.47 29.27
C GLU C 191 16.28 1.54 28.38
N ASP C 192 16.38 1.41 27.06
CA ASP C 192 15.71 2.33 26.16
C ASP C 192 14.26 1.91 25.93
N PHE C 193 13.95 0.63 26.09
CA PHE C 193 12.61 0.13 25.93
C PHE C 193 11.82 0.33 27.22
N LYS C 194 10.50 0.26 27.12
CA LYS C 194 9.65 0.46 28.28
C LYS C 194 8.59 -0.61 28.36
N VAL C 195 8.32 -1.07 29.57
CA VAL C 195 7.31 -2.10 29.78
C VAL C 195 5.93 -1.48 29.71
N VAL C 196 5.10 -1.98 28.79
CA VAL C 196 3.71 -1.60 28.71
C VAL C 196 2.91 -2.89 28.80
N PHE C 197 1.61 -2.79 29.01
CA PHE C 197 0.76 -3.96 29.11
C PHE C 197 -0.39 -3.86 28.11
N THR C 198 -0.64 -4.96 27.42
CA THR C 198 -1.84 -5.09 26.61
C THR C 198 -2.26 -6.56 26.63
N ARG C 199 -3.18 -6.92 25.72
CA ARG C 199 -3.84 -8.22 25.75
C ARG C 199 -2.91 -9.38 25.46
N TYR C 200 -1.78 -9.12 24.79
CA TYR C 200 -0.84 -10.18 24.46
C TYR C 200 0.11 -10.50 25.60
N GLY C 201 -0.02 -9.83 26.75
CA GLY C 201 0.90 -10.02 27.85
C GLY C 201 1.80 -8.83 28.02
N LYS C 202 3.03 -9.07 28.45
CA LYS C 202 3.99 -7.98 28.60
C LYS C 202 4.53 -7.58 27.24
N CYS C 203 4.38 -6.32 26.88
CA CYS C 203 4.93 -5.81 25.64
C CYS C 203 5.82 -4.61 25.92
N TYR C 204 6.73 -4.34 24.98
CA TYR C 204 7.71 -3.28 25.16
C TYR C 204 7.46 -2.18 24.16
N THR C 205 8.07 -1.03 24.40
CA THR C 205 7.88 0.13 23.53
C THR C 205 9.18 0.89 23.40
N PHE C 206 9.60 1.13 22.17
CA PHE C 206 10.77 1.93 21.90
C PHE C 206 10.33 3.33 21.49
N ASN C 207 11.09 4.34 21.94
CA ASN C 207 10.88 5.75 21.59
C ASN C 207 9.48 6.23 21.97
N SER C 208 9.06 5.87 23.19
CA SER C 208 7.70 6.16 23.60
C SER C 208 7.51 7.62 23.97
N GLY C 209 8.57 8.27 24.44
CA GLY C 209 8.45 9.64 24.87
C GLY C 209 7.72 9.81 26.18
N ARG C 210 7.91 8.85 27.08
CA ARG C 210 7.27 8.86 28.38
C ARG C 210 8.27 8.73 29.53
N ASP C 211 7.98 9.42 30.63
CA ASP C 211 8.80 9.42 31.84
C ASP C 211 10.16 10.11 31.62
N GLY C 212 10.13 11.26 30.95
CA GLY C 212 11.26 12.16 30.97
C GLY C 212 12.12 12.21 29.73
N ARG C 213 12.44 11.05 29.17
CA ARG C 213 13.29 11.01 27.97
C ARG C 213 12.57 11.66 26.80
N PRO C 214 13.28 12.39 25.96
CA PRO C 214 12.64 13.04 24.82
C PRO C 214 12.53 12.09 23.64
N ARG C 215 12.03 12.63 22.54
CA ARG C 215 11.81 11.86 21.32
C ARG C 215 13.02 11.95 20.42
N LEU C 216 13.28 10.87 19.69
CA LEU C 216 14.44 10.77 18.83
C LEU C 216 14.07 11.12 17.40
N LYS C 217 15.06 11.58 16.64
CA LYS C 217 14.83 12.09 15.29
C LYS C 217 15.84 11.50 14.33
N THR C 218 15.41 11.29 13.09
CA THR C 218 16.27 10.84 12.01
C THR C 218 16.66 12.00 11.12
N MET C 219 17.80 11.86 10.44
CA MET C 219 18.27 12.86 9.51
C MET C 219 18.59 12.27 8.15
N LYS C 220 18.24 11.01 7.91
CA LYS C 220 18.56 10.36 6.65
C LYS C 220 17.57 9.24 6.39
N GLY C 221 17.51 8.81 5.13
CA GLY C 221 16.66 7.69 4.77
C GLY C 221 17.40 6.40 4.97
N GLY C 222 17.54 5.60 3.91
CA GLY C 222 18.41 4.45 3.95
C GLY C 222 17.86 3.30 4.77
N THR C 223 18.71 2.30 4.98
CA THR C 223 18.36 1.15 5.79
C THR C 223 19.05 1.11 7.14
N GLY C 224 20.30 1.56 7.22
CA GLY C 224 21.03 1.55 8.46
C GLY C 224 20.86 2.79 9.30
N ASN C 225 19.85 3.62 9.02
CA ASN C 225 19.60 4.84 9.75
C ASN C 225 18.29 4.76 10.51
N GLY C 226 18.05 3.62 11.14
CA GLY C 226 16.92 3.43 12.00
C GLY C 226 17.24 2.30 12.95
N LEU C 227 16.20 1.67 13.47
CA LEU C 227 16.39 0.54 14.37
C LEU C 227 16.92 -0.67 13.61
N GLU C 228 17.87 -1.38 14.22
CA GLU C 228 18.25 -2.72 13.76
C GLU C 228 18.26 -3.62 14.98
N ILE C 229 17.10 -4.09 15.38
CA ILE C 229 16.99 -4.94 16.56
C ILE C 229 17.32 -6.36 16.15
N MET C 230 17.90 -7.15 17.07
CA MET C 230 18.16 -8.56 16.83
C MET C 230 17.53 -9.34 17.98
N LEU C 231 16.27 -9.71 17.81
CA LEU C 231 15.51 -10.35 18.86
C LEU C 231 15.82 -11.84 18.91
N ASP C 232 15.28 -12.51 19.91
CA ASP C 232 15.45 -13.95 20.10
C ASP C 232 14.17 -14.45 20.75
N ILE C 233 13.26 -14.98 19.94
CA ILE C 233 11.89 -15.20 20.38
C ILE C 233 11.73 -16.34 21.36
N GLN C 234 12.78 -17.12 21.62
CA GLN C 234 12.85 -18.15 22.66
C GLN C 234 11.77 -19.23 22.46
N GLN C 235 11.92 -19.98 21.38
CA GLN C 235 10.97 -21.07 21.14
C GLN C 235 11.17 -22.26 22.06
N ASP C 236 12.26 -22.28 22.83
CA ASP C 236 12.44 -23.36 23.81
C ASP C 236 11.47 -23.20 24.97
N GLU C 237 11.09 -21.97 25.29
CA GLU C 237 10.27 -21.69 26.46
C GLU C 237 8.83 -21.36 26.10
N TYR C 238 8.30 -21.98 25.05
CA TYR C 238 6.91 -21.77 24.73
C TYR C 238 6.02 -22.70 25.55
N LEU C 239 4.74 -22.37 25.60
CA LEU C 239 3.80 -23.19 26.34
C LEU C 239 3.46 -24.45 25.56
N PRO C 240 3.40 -25.61 26.21
CA PRO C 240 3.07 -26.85 25.51
C PRO C 240 1.62 -26.87 25.07
N VAL C 241 1.38 -27.26 23.83
CA VAL C 241 0.11 -27.00 23.17
C VAL C 241 -0.49 -28.33 22.69
N TRP C 242 -0.25 -29.40 23.47
CA TRP C 242 -0.81 -30.71 23.12
C TRP C 242 -2.32 -30.78 23.21
N GLY C 243 -2.95 -29.81 23.88
CA GLY C 243 -4.40 -29.76 23.93
C GLY C 243 -4.97 -29.12 22.67
N GLU C 244 -6.20 -28.62 22.82
CA GLU C 244 -6.89 -27.97 21.71
C GLU C 244 -7.99 -27.09 22.28
N THR C 245 -8.05 -25.85 21.82
CA THR C 245 -9.10 -24.91 22.17
C THR C 245 -9.37 -24.10 20.90
N ASP C 246 -10.47 -23.34 20.89
CA ASP C 246 -10.74 -22.45 19.76
C ASP C 246 -9.72 -21.31 19.69
N GLU C 247 -9.16 -20.91 20.84
CA GLU C 247 -8.22 -19.80 20.91
C GLU C 247 -6.78 -20.24 20.75
N THR C 248 -6.54 -21.51 20.42
CA THR C 248 -5.18 -22.03 20.38
C THR C 248 -4.40 -21.42 19.21
N SER C 249 -3.08 -21.44 19.33
CA SER C 249 -2.22 -20.81 18.35
C SER C 249 -1.03 -21.71 18.08
N PHE C 250 -0.70 -21.85 16.80
CA PHE C 250 0.43 -22.69 16.42
C PHE C 250 1.68 -21.90 16.13
N GLU C 251 1.53 -20.60 15.83
CA GLU C 251 2.59 -19.80 15.26
C GLU C 251 3.66 -19.45 16.30
N ALA C 252 4.74 -18.84 15.82
CA ALA C 252 5.83 -18.40 16.68
C ALA C 252 6.53 -17.25 15.98
N GLY C 253 6.26 -16.04 16.41
CA GLY C 253 6.83 -14.86 15.80
C GLY C 253 6.73 -13.71 16.76
N ILE C 254 6.62 -12.51 16.20
CA ILE C 254 6.60 -11.28 16.99
C ILE C 254 5.64 -10.31 16.33
N LYS C 255 4.74 -9.73 17.12
CA LYS C 255 3.78 -8.76 16.62
C LYS C 255 4.29 -7.35 16.90
N VAL C 256 4.49 -6.57 15.85
CA VAL C 256 5.01 -5.21 15.94
C VAL C 256 3.92 -4.26 15.50
N GLN C 257 3.77 -3.13 16.20
CA GLN C 257 2.93 -2.04 15.73
C GLN C 257 3.74 -0.77 15.71
N ILE C 258 3.75 -0.08 14.57
CA ILE C 258 4.38 1.22 14.44
C ILE C 258 3.29 2.27 14.50
N HIS C 259 3.23 3.02 15.59
CA HIS C 259 2.20 4.03 15.80
C HIS C 259 2.86 5.35 16.13
N SER C 260 2.05 6.39 16.25
CA SER C 260 2.54 7.66 16.73
C SER C 260 2.76 7.59 18.24
N GLN C 261 3.26 8.67 18.82
CA GLN C 261 3.55 8.66 20.24
C GLN C 261 2.44 9.28 21.07
N ASP C 262 1.35 9.70 20.44
CA ASP C 262 0.20 10.26 21.13
C ASP C 262 -0.90 9.22 21.32
N GLU C 263 -0.56 7.95 21.28
CA GLU C 263 -1.53 6.87 21.39
C GLU C 263 -0.99 5.80 22.31
N PRO C 264 -1.86 5.06 22.99
CA PRO C 264 -1.43 3.84 23.65
C PRO C 264 -1.29 2.73 22.64
N PRO C 265 -0.52 1.69 22.94
CA PRO C 265 -0.38 0.58 22.00
C PRO C 265 -1.66 -0.24 21.92
N PHE C 266 -1.99 -0.64 20.70
CA PHE C 266 -3.23 -1.34 20.38
C PHE C 266 -2.93 -2.57 19.55
N ILE C 267 -2.03 -3.41 20.08
CA ILE C 267 -1.35 -4.49 19.36
C ILE C 267 -2.35 -5.44 18.70
N ASP C 268 -3.40 -5.83 19.42
CA ASP C 268 -4.25 -6.93 18.98
C ASP C 268 -5.11 -6.62 17.76
N GLN C 269 -5.22 -5.36 17.35
CA GLN C 269 -6.02 -5.02 16.18
C GLN C 269 -5.29 -4.18 15.16
N LEU C 270 -4.02 -3.85 15.37
CA LEU C 270 -3.33 -2.99 14.42
C LEU C 270 -1.91 -3.43 14.11
N GLY C 271 -1.44 -4.54 14.66
CA GLY C 271 -0.07 -4.95 14.50
C GLY C 271 0.09 -6.01 13.42
N PHE C 272 1.23 -5.98 12.74
CA PHE C 272 1.58 -6.98 11.76
C PHE C 272 2.49 -8.02 12.43
N GLY C 273 2.96 -8.96 11.63
CA GLY C 273 3.81 -10.00 12.19
C GLY C 273 5.18 -9.99 11.57
N VAL C 274 6.17 -10.56 12.25
CA VAL C 274 7.52 -10.65 11.73
C VAL C 274 8.03 -12.06 12.00
N ALA C 275 8.43 -12.77 10.96
CA ALA C 275 8.77 -14.17 11.08
C ALA C 275 10.21 -14.34 11.57
N PRO C 276 10.49 -15.41 12.30
CA PRO C 276 11.87 -15.69 12.70
C PRO C 276 12.66 -16.35 11.58
N GLY C 277 13.95 -16.07 11.58
CA GLY C 277 14.80 -16.52 10.49
C GLY C 277 14.86 -15.58 9.31
N PHE C 278 14.23 -14.42 9.41
CA PHE C 278 14.16 -13.46 8.32
C PHE C 278 14.49 -12.08 8.85
N GLN C 279 15.09 -11.25 8.02
CA GLN C 279 15.28 -9.84 8.33
C GLN C 279 14.27 -9.05 7.52
N THR C 280 13.42 -8.27 8.18
CA THR C 280 12.31 -7.60 7.52
C THR C 280 12.56 -6.10 7.50
N PHE C 281 12.63 -5.54 6.30
CA PHE C 281 12.81 -4.10 6.14
C PHE C 281 11.45 -3.43 6.17
N VAL C 282 11.09 -2.85 7.31
CA VAL C 282 9.82 -2.14 7.43
C VAL C 282 10.08 -0.69 7.05
N ALA C 283 9.88 -0.37 5.77
CA ALA C 283 9.95 1.01 5.35
C ALA C 283 8.71 1.76 5.83
N CYS C 284 8.85 3.05 6.09
CA CYS C 284 7.76 3.83 6.65
C CYS C 284 7.47 5.04 5.76
N GLN C 285 6.39 5.74 6.11
CA GLN C 285 5.93 6.90 5.36
C GLN C 285 5.02 7.69 6.29
N GLU C 286 5.45 8.87 6.70
CA GLU C 286 4.70 9.63 7.69
C GLU C 286 3.58 10.40 7.00
N GLN C 287 2.36 10.25 7.50
CA GLN C 287 1.21 10.97 6.97
C GLN C 287 0.61 11.82 8.07
N ARG C 288 0.23 13.05 7.71
CA ARG C 288 -0.38 13.98 8.66
C ARG C 288 -1.74 14.38 8.13
N LEU C 289 -2.80 13.82 8.68
CA LEU C 289 -4.13 14.15 8.23
C LEU C 289 -4.66 15.37 8.96
N ILE C 290 -5.58 16.08 8.30
CA ILE C 290 -6.31 17.19 8.91
C ILE C 290 -7.78 17.02 8.54
N TYR C 291 -8.63 16.81 9.53
CA TYR C 291 -10.02 16.50 9.29
C TYR C 291 -10.86 17.77 9.51
N LEU C 292 -12.18 17.63 9.44
CA LEU C 292 -13.05 18.79 9.56
C LEU C 292 -14.08 18.58 10.66
N PRO C 293 -14.38 19.62 11.43
CA PRO C 293 -15.42 19.52 12.45
C PRO C 293 -16.80 19.49 11.82
N PRO C 294 -17.83 19.03 12.54
CA PRO C 294 -19.19 19.02 11.97
C PRO C 294 -19.71 20.42 11.76
N PRO C 295 -20.68 20.61 10.85
CA PRO C 295 -21.48 19.68 10.05
C PRO C 295 -20.82 19.21 8.77
N TRP C 296 -19.57 19.60 8.52
CA TRP C 296 -18.88 19.14 7.32
C TRP C 296 -18.55 17.67 7.42
N GLY C 297 -17.73 17.30 8.40
CA GLY C 297 -17.39 15.91 8.62
C GLY C 297 -17.75 15.50 10.03
N THR C 298 -16.94 14.64 10.63
CA THR C 298 -17.15 14.21 12.01
C THR C 298 -15.80 14.19 12.70
N CYS C 299 -15.60 15.13 13.64
CA CYS C 299 -14.32 15.22 14.32
C CYS C 299 -14.50 15.97 15.63
N LYS C 300 -14.24 15.29 16.74
CA LYS C 300 -14.10 15.99 18.01
C LYS C 300 -12.83 16.82 17.96
N ALA C 301 -12.96 18.14 18.17
CA ALA C 301 -11.83 19.04 18.04
C ALA C 301 -10.81 18.82 19.14
N VAL C 302 -9.58 19.25 18.88
CA VAL C 302 -8.49 19.05 19.82
C VAL C 302 -8.54 20.13 20.88
N THR C 303 -8.23 19.74 22.12
CA THR C 303 -8.24 20.64 23.26
C THR C 303 -7.17 20.15 24.23
N MET C 304 -7.24 20.59 25.48
CA MET C 304 -6.26 20.20 26.48
C MET C 304 -6.63 18.92 27.21
N ASP C 305 -7.90 18.75 27.60
CA ASP C 305 -8.32 17.60 28.39
C ASP C 305 -9.64 17.04 27.87
N SER C 306 -9.74 16.86 26.56
CA SER C 306 -11.00 16.45 25.95
C SER C 306 -11.29 14.98 26.21
N ASP C 307 -12.40 14.72 26.92
CA ASP C 307 -12.97 13.38 27.15
C ASP C 307 -11.97 12.43 27.80
N LEU C 308 -11.18 12.95 28.72
CA LEU C 308 -10.13 12.17 29.37
C LEU C 308 -10.61 11.73 30.75
N ASP C 309 -10.87 10.43 30.90
CA ASP C 309 -11.15 9.85 32.21
C ASP C 309 -9.97 9.12 32.82
N PHE C 310 -9.10 8.54 31.99
CA PHE C 310 -7.91 7.87 32.48
C PHE C 310 -6.65 8.23 31.71
N PHE C 311 -6.76 8.98 30.64
CA PHE C 311 -5.61 9.38 29.83
C PHE C 311 -5.48 10.90 29.89
N ASP C 312 -4.59 11.43 29.05
CA ASP C 312 -4.38 12.87 28.96
C ASP C 312 -4.74 13.41 27.59
N SER C 313 -4.26 12.78 26.53
CA SER C 313 -4.56 13.21 25.17
C SER C 313 -5.85 12.55 24.71
N TYR C 314 -6.15 12.65 23.42
CA TYR C 314 -7.34 12.04 22.86
C TYR C 314 -6.97 11.33 21.57
N SER C 315 -7.41 10.09 21.43
CA SER C 315 -7.15 9.31 20.23
C SER C 315 -8.21 8.22 20.12
N ILE C 316 -8.28 7.60 18.95
CA ILE C 316 -9.28 6.57 18.71
C ILE C 316 -8.96 5.32 19.51
N THR C 317 -7.70 4.91 19.50
CA THR C 317 -7.28 3.76 20.29
C THR C 317 -7.16 4.08 21.77
N ALA C 318 -7.13 5.36 22.13
CA ALA C 318 -7.18 5.79 23.52
C ALA C 318 -8.60 5.87 24.05
N CYS C 319 -9.59 5.57 23.22
CA CYS C 319 -11.00 5.71 23.57
C CYS C 319 -11.71 4.39 23.78
N ARG C 320 -11.39 3.37 22.99
CA ARG C 320 -11.98 2.06 23.25
C ARG C 320 -11.43 1.43 24.52
N ILE C 321 -10.21 1.79 24.92
CA ILE C 321 -9.72 1.34 26.22
C ILE C 321 -10.44 2.10 27.31
N ASP C 322 -10.86 3.34 27.04
CA ASP C 322 -11.65 4.08 28.00
C ASP C 322 -13.04 3.46 28.15
N CYS C 323 -13.70 3.16 27.03
CA CYS C 323 -15.05 2.63 27.10
C CYS C 323 -15.10 1.18 27.54
N GLU C 324 -14.01 0.44 27.42
CA GLU C 324 -14.00 -0.92 27.92
C GLU C 324 -13.54 -0.99 29.37
N THR C 325 -13.20 0.15 29.97
CA THR C 325 -12.88 0.23 31.38
C THR C 325 -14.10 0.63 32.22
N ARG C 326 -14.79 1.69 31.79
CA ARG C 326 -15.98 2.15 32.51
C ARG C 326 -17.10 1.11 32.47
N TYR C 327 -17.15 0.30 31.41
CA TYR C 327 -18.14 -0.76 31.36
C TYR C 327 -17.80 -1.87 32.35
N LEU C 328 -16.51 -2.17 32.52
CA LEU C 328 -16.16 -3.31 33.36
C LEU C 328 -16.22 -2.95 34.84
N VAL C 329 -15.89 -1.71 35.20
CA VAL C 329 -15.96 -1.33 36.61
C VAL C 329 -17.40 -1.15 37.07
N GLU C 330 -18.34 -0.87 36.15
CA GLU C 330 -19.72 -0.65 36.53
C GLU C 330 -20.56 -1.91 36.46
N ASN C 331 -20.09 -2.96 35.80
CA ASN C 331 -20.89 -4.17 35.64
C ASN C 331 -20.64 -5.16 36.78
N CYS C 332 -19.39 -5.55 36.99
CA CYS C 332 -19.07 -6.45 38.08
C CYS C 332 -17.78 -6.05 38.80
N ASN C 333 -17.42 -4.77 38.73
CA ASN C 333 -16.34 -4.13 39.48
C ASN C 333 -14.96 -4.71 39.18
N CYS C 334 -14.78 -5.34 38.02
CA CYS C 334 -13.49 -5.87 37.64
C CYS C 334 -12.61 -4.78 37.04
N ARG C 335 -11.39 -5.19 36.69
CA ARG C 335 -10.49 -4.42 35.84
C ARG C 335 -9.49 -5.41 35.27
N MET C 336 -9.48 -5.56 33.95
CA MET C 336 -8.47 -6.42 33.35
C MET C 336 -7.11 -5.74 33.42
N VAL C 337 -6.05 -6.51 33.14
CA VAL C 337 -4.70 -6.10 33.46
C VAL C 337 -4.25 -4.93 32.59
N HIS C 338 -4.79 -4.79 31.38
CA HIS C 338 -4.41 -3.70 30.52
C HIS C 338 -5.30 -2.47 30.66
N MET C 339 -6.09 -2.40 31.73
CA MET C 339 -6.93 -1.21 31.76
C MET C 339 -6.40 -0.21 32.78
N PRO C 340 -6.36 1.07 32.43
CA PRO C 340 -5.81 2.06 33.35
C PRO C 340 -6.82 2.48 34.40
N GLY C 341 -6.29 2.97 35.53
CA GLY C 341 -7.09 3.39 36.65
C GLY C 341 -6.54 2.82 37.93
N ASP C 342 -7.34 2.88 38.98
CA ASP C 342 -6.95 2.38 40.30
C ASP C 342 -7.89 1.31 40.83
N ALA C 343 -8.86 0.88 40.02
CA ALA C 343 -9.75 -0.20 40.43
C ALA C 343 -8.97 -1.51 40.53
N PRO C 344 -9.32 -2.38 41.48
CA PRO C 344 -8.53 -3.60 41.67
C PRO C 344 -8.79 -4.63 40.58
N TYR C 345 -7.71 -5.28 40.14
CA TYR C 345 -7.82 -6.37 39.20
C TYR C 345 -8.46 -7.58 39.87
N CYS C 346 -9.20 -8.35 39.09
CA CYS C 346 -9.97 -9.45 39.65
C CYS C 346 -9.35 -10.80 39.31
N THR C 347 -9.78 -11.81 40.08
CA THR C 347 -9.22 -13.15 40.05
C THR C 347 -9.53 -13.83 38.71
N PRO C 348 -8.71 -14.82 38.33
CA PRO C 348 -9.04 -15.62 37.13
C PRO C 348 -10.34 -16.40 37.25
N GLU C 349 -10.85 -16.64 38.46
CA GLU C 349 -12.19 -17.19 38.57
C GLU C 349 -13.23 -16.18 38.11
N GLN C 350 -12.98 -14.89 38.34
CA GLN C 350 -13.84 -13.85 37.79
C GLN C 350 -13.56 -13.58 36.32
N TYR C 351 -12.45 -14.09 35.81
CA TYR C 351 -12.09 -13.87 34.41
C TYR C 351 -12.97 -14.61 33.41
N LYS C 352 -13.62 -15.68 33.86
CA LYS C 352 -14.47 -16.44 32.96
C LYS C 352 -15.89 -15.91 32.90
N GLU C 353 -16.32 -15.16 33.92
CA GLU C 353 -17.68 -14.63 33.96
C GLU C 353 -17.74 -13.11 33.94
N CYS C 354 -16.61 -12.43 33.87
CA CYS C 354 -16.65 -10.98 33.72
C CYS C 354 -15.78 -10.45 32.59
N ALA C 355 -14.67 -11.12 32.27
CA ALA C 355 -13.81 -10.58 31.22
C ALA C 355 -14.39 -10.85 29.84
N ASP C 356 -14.56 -12.12 29.51
CA ASP C 356 -15.07 -12.49 28.20
C ASP C 356 -16.57 -12.20 27.97
N PRO C 357 -17.52 -12.53 28.86
CA PRO C 357 -18.92 -12.29 28.48
C PRO C 357 -19.33 -10.84 28.53
N ALA C 358 -18.72 -10.02 29.37
CA ALA C 358 -19.09 -8.60 29.37
C ALA C 358 -18.49 -7.88 28.17
N LEU C 359 -17.27 -8.23 27.79
CA LEU C 359 -16.67 -7.62 26.60
C LEU C 359 -17.13 -8.28 25.32
N ASP C 360 -17.96 -9.32 25.40
CA ASP C 360 -18.72 -9.77 24.24
C ASP C 360 -19.88 -8.81 23.98
N PHE C 361 -20.41 -8.20 25.03
CA PHE C 361 -21.62 -7.39 24.90
C PHE C 361 -21.37 -6.04 24.26
N LEU C 362 -20.12 -5.59 24.20
CA LEU C 362 -19.83 -4.32 23.53
C LEU C 362 -19.81 -4.44 22.03
N VAL C 363 -19.76 -5.66 21.50
CA VAL C 363 -19.82 -5.90 20.07
C VAL C 363 -21.02 -6.75 19.69
N GLU C 364 -21.94 -6.99 20.62
CA GLU C 364 -23.14 -7.78 20.35
C GLU C 364 -24.41 -6.98 20.53
N LYS C 365 -24.61 -6.34 21.67
CA LYS C 365 -25.87 -5.69 21.97
C LYS C 365 -25.75 -4.22 22.33
N ASP C 366 -24.60 -3.76 22.80
CA ASP C 366 -24.45 -2.38 23.25
C ASP C 366 -23.46 -1.62 22.37
N GLN C 367 -23.59 -1.77 21.05
CA GLN C 367 -22.74 -1.05 20.12
C GLN C 367 -23.11 0.42 19.99
N GLU C 368 -24.15 0.89 20.69
CA GLU C 368 -24.47 2.29 20.76
C GLU C 368 -24.13 2.89 22.12
N TYR C 369 -23.44 2.14 22.98
CA TYR C 369 -23.20 2.59 24.36
C TYR C 369 -22.24 3.76 24.39
N CYS C 370 -21.07 3.60 23.79
CA CYS C 370 -20.12 4.69 23.63
C CYS C 370 -19.72 4.79 22.17
N VAL C 371 -19.57 6.01 21.68
CA VAL C 371 -19.09 6.26 20.33
C VAL C 371 -18.10 7.41 20.39
N CYS C 372 -17.02 7.30 19.63
CA CYS C 372 -16.01 8.35 19.56
C CYS C 372 -15.29 8.26 18.23
N GLU C 373 -14.98 9.42 17.67
CA GLU C 373 -14.54 9.54 16.30
C GLU C 373 -13.13 10.14 16.27
N MET C 374 -12.66 10.42 15.05
CA MET C 374 -11.27 10.80 14.85
C MET C 374 -11.03 12.21 15.37
N PRO C 375 -9.88 12.45 15.99
CA PRO C 375 -9.46 13.83 16.25
C PRO C 375 -9.05 14.50 14.95
N CYS C 376 -9.00 15.82 14.99
CA CYS C 376 -8.77 16.58 13.76
C CYS C 376 -7.29 16.66 13.38
N ASN C 377 -6.38 16.21 14.23
CA ASN C 377 -4.95 16.22 13.92
C ASN C 377 -4.37 14.85 14.20
N LEU C 378 -4.45 13.96 13.22
CA LEU C 378 -3.88 12.63 13.36
C LEU C 378 -2.42 12.62 12.94
N THR C 379 -1.81 11.44 13.04
CA THR C 379 -0.53 11.14 12.39
C THR C 379 -0.48 9.63 12.22
N ARG C 380 -0.60 9.17 10.99
CA ARG C 380 -0.52 7.74 10.72
C ARG C 380 0.90 7.38 10.33
N TYR C 381 1.11 6.11 10.01
CA TYR C 381 2.41 5.63 9.54
C TYR C 381 2.16 4.46 8.61
N GLY C 382 2.44 4.63 7.32
CA GLY C 382 2.35 3.52 6.41
C GLY C 382 3.51 2.56 6.57
N LYS C 383 3.43 1.42 5.89
CA LYS C 383 4.48 0.43 5.98
C LYS C 383 4.50 -0.41 4.72
N GLU C 384 5.71 -0.80 4.31
CA GLU C 384 5.94 -1.60 3.09
C GLU C 384 6.97 -2.67 3.43
N LEU C 385 6.50 -3.85 3.83
CA LEU C 385 7.42 -4.88 4.27
C LEU C 385 8.12 -5.54 3.08
N SER C 386 9.25 -6.20 3.39
CA SER C 386 10.06 -6.99 2.48
C SER C 386 11.07 -7.76 3.32
N MET C 387 11.34 -8.99 2.95
CA MET C 387 12.11 -9.89 3.80
C MET C 387 13.39 -10.35 3.12
N VAL C 388 14.45 -10.53 3.90
CA VAL C 388 15.72 -11.09 3.45
C VAL C 388 16.15 -12.12 4.48
N LYS C 389 16.55 -13.31 4.02
CA LYS C 389 16.87 -14.42 4.91
C LYS C 389 18.15 -14.16 5.69
N ILE C 390 18.07 -14.27 7.02
CA ILE C 390 19.13 -13.77 7.89
C ILE C 390 20.34 -14.68 8.12
N PRO C 391 20.24 -16.01 8.43
CA PRO C 391 21.48 -16.68 8.84
C PRO C 391 22.28 -17.20 7.66
N SER C 392 23.10 -16.35 7.04
CA SER C 392 23.86 -16.72 5.86
C SER C 392 24.94 -17.75 6.20
N LYS C 393 25.57 -18.28 5.16
CA LYS C 393 26.63 -19.26 5.33
C LYS C 393 27.82 -18.65 6.04
N ALA C 394 28.11 -17.37 5.78
CA ALA C 394 29.23 -16.73 6.43
C ALA C 394 28.96 -16.45 7.89
N SER C 395 27.70 -16.27 8.28
CA SER C 395 27.35 -15.90 9.64
C SER C 395 26.87 -17.06 10.48
N ALA C 396 26.78 -18.26 9.92
CA ALA C 396 26.27 -19.39 10.70
C ALA C 396 27.29 -19.83 11.75
N LYS C 397 28.57 -19.66 11.47
CA LYS C 397 29.60 -20.08 12.41
C LYS C 397 30.05 -18.98 13.35
N TYR C 398 29.66 -17.74 13.10
CA TYR C 398 30.00 -16.67 14.02
C TYR C 398 28.91 -16.42 15.06
N LEU C 399 27.65 -16.46 14.63
CA LEU C 399 26.55 -16.30 15.57
C LEU C 399 26.42 -17.49 16.50
N ALA C 400 26.84 -18.66 16.05
CA ALA C 400 26.88 -19.83 16.92
C ALA C 400 27.94 -19.68 18.00
N LYS C 401 29.02 -18.96 17.70
CA LYS C 401 30.08 -18.75 18.68
C LYS C 401 29.74 -17.64 19.65
N LYS C 402 29.12 -16.56 19.15
CA LYS C 402 28.98 -15.36 19.95
C LYS C 402 27.90 -15.50 21.02
N PHE C 403 26.79 -16.15 20.68
CA PHE C 403 25.69 -16.31 21.63
C PHE C 403 25.58 -17.72 22.16
N ASN C 404 26.52 -18.60 21.79
CA ASN C 404 26.72 -19.92 22.40
C ASN C 404 25.49 -20.82 22.21
N LYS C 405 25.10 -20.99 20.95
CA LYS C 405 23.92 -21.76 20.59
C LYS C 405 24.19 -22.51 19.30
N SER C 406 23.38 -23.54 19.06
CA SER C 406 23.57 -24.38 17.89
C SER C 406 23.15 -23.66 16.62
N GLU C 407 23.61 -24.18 15.48
CA GLU C 407 23.22 -23.63 14.19
C GLU C 407 21.76 -23.89 13.88
N GLN C 408 21.18 -24.95 14.46
CA GLN C 408 19.75 -25.18 14.33
C GLN C 408 18.97 -24.12 15.09
N TYR C 409 19.47 -23.73 16.26
CA TYR C 409 18.78 -22.73 17.08
C TYR C 409 18.82 -21.36 16.44
N ILE C 410 19.87 -21.04 15.69
CA ILE C 410 20.01 -19.71 15.13
C ILE C 410 19.03 -19.49 13.99
N GLY C 411 18.85 -20.48 13.14
CA GLY C 411 17.91 -20.36 12.04
C GLY C 411 16.46 -20.43 12.44
N GLU C 412 16.16 -20.75 13.70
CA GLU C 412 14.79 -20.87 14.16
C GLU C 412 14.42 -19.83 15.21
N ASN C 413 15.35 -19.01 15.66
CA ASN C 413 15.05 -18.08 16.75
C ASN C 413 15.57 -16.67 16.55
N ILE C 414 16.51 -16.42 15.66
CA ILE C 414 17.07 -15.08 15.50
C ILE C 414 16.27 -14.34 14.46
N LEU C 415 15.97 -13.08 14.74
CA LEU C 415 15.00 -12.30 13.99
C LEU C 415 15.47 -10.86 13.99
N VAL C 416 15.69 -10.29 12.82
CA VAL C 416 16.27 -8.96 12.74
C VAL C 416 15.20 -8.01 12.23
N LEU C 417 14.70 -7.17 13.12
CA LEU C 417 13.81 -6.12 12.65
C LEU C 417 14.66 -4.96 12.14
N ASP C 418 14.09 -4.20 11.21
CA ASP C 418 14.83 -3.11 10.58
C ASP C 418 13.81 -2.07 10.14
N ILE C 419 13.70 -0.99 10.91
CA ILE C 419 12.70 0.04 10.68
C ILE C 419 13.42 1.32 10.27
N PHE C 420 12.94 1.95 9.20
CA PHE C 420 13.55 3.19 8.76
C PHE C 420 12.50 4.04 8.07
N PHE C 421 12.90 5.24 7.68
CA PHE C 421 12.12 6.06 6.79
C PHE C 421 12.65 5.88 5.37
N GLU C 422 11.75 5.87 4.40
CA GLU C 422 12.18 5.64 3.03
C GLU C 422 12.84 6.89 2.46
N VAL C 423 12.07 7.98 2.36
CA VAL C 423 12.61 9.29 2.05
C VAL C 423 11.99 10.27 3.03
N LEU C 424 12.70 11.36 3.29
CA LEU C 424 12.32 12.31 4.32
C LEU C 424 11.24 13.29 3.82
N ASN C 425 10.08 12.73 3.50
CA ASN C 425 8.90 13.50 3.16
C ASN C 425 7.83 13.25 4.21
N TYR C 426 6.72 13.97 4.07
CA TYR C 426 5.52 13.63 4.81
C TYR C 426 4.32 14.13 4.02
N GLU C 427 3.32 13.29 3.87
CA GLU C 427 2.15 13.65 3.10
C GLU C 427 1.09 14.26 3.99
N THR C 428 0.39 15.24 3.45
CA THR C 428 -0.72 15.88 4.14
C THR C 428 -1.99 15.61 3.35
N ILE C 429 -3.00 15.08 4.02
CA ILE C 429 -4.29 14.80 3.40
C ILE C 429 -5.30 15.67 4.13
N GLU C 430 -5.55 16.86 3.61
CA GLU C 430 -6.47 17.78 4.25
C GLU C 430 -7.87 17.60 3.70
N GLN C 431 -8.83 18.22 4.39
CA GLN C 431 -10.20 18.30 3.91
C GLN C 431 -10.59 19.77 3.93
N LYS C 432 -10.91 20.32 2.76
CA LYS C 432 -11.16 21.74 2.61
C LYS C 432 -12.62 21.96 2.26
N LYS C 433 -13.21 23.01 2.81
CA LYS C 433 -14.61 23.33 2.58
C LYS C 433 -14.81 23.73 1.13
N ALA C 434 -15.78 23.12 0.47
CA ALA C 434 -15.95 23.35 -0.95
C ALA C 434 -16.66 24.65 -1.25
N TYR C 435 -17.54 25.10 -0.36
CA TYR C 435 -18.39 26.23 -0.67
C TYR C 435 -18.64 27.01 0.62
N GLU C 436 -17.83 28.05 0.83
CA GLU C 436 -17.93 28.85 2.02
C GLU C 436 -19.11 29.81 1.93
N ILE C 437 -19.37 30.52 3.04
CA ILE C 437 -20.49 31.46 3.05
C ILE C 437 -20.14 32.69 2.23
N ALA C 438 -18.87 33.09 2.21
CA ALA C 438 -18.46 34.26 1.44
C ALA C 438 -18.51 34.00 -0.06
N GLY C 439 -18.45 32.75 -0.49
CA GLY C 439 -18.66 32.44 -1.88
C GLY C 439 -20.11 32.20 -2.26
N LEU C 440 -20.98 32.03 -1.27
CA LEU C 440 -22.40 31.88 -1.56
C LEU C 440 -22.99 33.22 -1.96
N LEU C 441 -22.62 34.29 -1.27
CA LEU C 441 -23.15 35.61 -1.57
C LEU C 441 -22.68 36.12 -2.93
N GLY C 442 -21.58 35.63 -3.44
CA GLY C 442 -21.15 35.97 -4.78
C GLY C 442 -22.04 35.35 -5.84
N ASP C 443 -22.16 34.03 -5.82
CA ASP C 443 -22.89 33.34 -6.87
C ASP C 443 -24.41 33.48 -6.73
N ILE C 444 -24.89 33.87 -5.56
CA ILE C 444 -26.31 34.20 -5.44
C ILE C 444 -26.59 35.62 -5.88
N GLY C 445 -25.56 36.46 -5.98
CA GLY C 445 -25.76 37.84 -6.37
C GLY C 445 -25.50 38.04 -7.84
N GLY C 446 -24.53 37.29 -8.37
CA GLY C 446 -24.23 37.36 -9.79
C GLY C 446 -25.33 36.81 -10.67
N GLN C 447 -26.19 35.95 -10.13
CA GLN C 447 -27.35 35.51 -10.89
C GLN C 447 -28.45 36.54 -10.87
N MET C 448 -28.69 37.18 -9.71
CA MET C 448 -29.67 38.24 -9.62
C MET C 448 -29.20 39.49 -10.38
N GLY C 449 -27.90 39.75 -10.37
CA GLY C 449 -27.35 40.82 -11.16
C GLY C 449 -27.29 40.54 -12.65
N LEU C 450 -27.63 39.32 -13.07
CA LEU C 450 -27.69 38.94 -14.48
C LEU C 450 -29.12 38.90 -14.99
N PHE C 451 -30.03 38.28 -14.24
CA PHE C 451 -31.36 38.01 -14.77
C PHE C 451 -32.30 39.21 -14.68
N ILE C 452 -32.25 39.95 -13.58
CA ILE C 452 -33.14 41.09 -13.36
C ILE C 452 -32.36 42.38 -13.15
N GLY C 453 -31.08 42.25 -12.80
CA GLY C 453 -30.26 43.43 -12.53
C GLY C 453 -30.59 44.14 -11.24
N ALA C 454 -31.29 43.50 -10.32
CA ALA C 454 -31.73 44.12 -9.08
C ALA C 454 -30.77 43.77 -7.96
N SER C 455 -30.31 44.79 -7.24
CA SER C 455 -29.47 44.60 -6.07
C SER C 455 -30.35 44.48 -4.82
N ILE C 456 -29.69 44.33 -3.67
CA ILE C 456 -30.41 44.25 -2.40
C ILE C 456 -30.92 45.60 -1.95
N LEU C 457 -30.46 46.68 -2.58
CA LEU C 457 -31.02 48.00 -2.30
C LEU C 457 -32.38 48.15 -2.96
N THR C 458 -32.49 47.74 -4.22
CA THR C 458 -33.71 47.99 -4.99
C THR C 458 -34.87 47.11 -4.55
N VAL C 459 -34.60 45.96 -3.94
CA VAL C 459 -35.70 45.17 -3.40
C VAL C 459 -36.26 45.85 -2.16
N LEU C 460 -35.42 46.59 -1.44
CA LEU C 460 -35.93 47.38 -0.33
C LEU C 460 -36.58 48.67 -0.83
N GLU C 461 -36.15 49.15 -2.00
CA GLU C 461 -36.80 50.30 -2.62
C GLU C 461 -38.22 49.96 -3.08
N LEU C 462 -38.44 48.72 -3.53
CA LEU C 462 -39.80 48.29 -3.83
C LEU C 462 -40.59 48.11 -2.55
N PHE C 463 -39.91 47.70 -1.48
CA PHE C 463 -40.60 47.52 -0.20
C PHE C 463 -40.97 48.85 0.44
N ASP C 464 -40.25 49.92 0.10
CA ASP C 464 -40.68 51.26 0.48
C ASP C 464 -41.60 51.87 -0.56
N TYR C 465 -41.63 51.32 -1.77
CA TYR C 465 -42.63 51.73 -2.75
C TYR C 465 -44.01 51.24 -2.36
N ALA C 466 -44.09 50.11 -1.66
CA ALA C 466 -45.35 49.67 -1.08
C ALA C 466 -45.78 50.55 0.07
N TYR C 467 -44.84 51.21 0.76
CA TYR C 467 -45.21 52.24 1.72
C TYR C 467 -45.79 53.46 1.02
N GLU C 468 -45.34 53.74 -0.21
CA GLU C 468 -45.97 54.78 -1.01
C GLU C 468 -47.33 54.34 -1.52
N VAL C 469 -47.58 53.03 -1.58
CA VAL C 469 -48.88 52.52 -2.00
C VAL C 469 -49.93 52.68 -0.91
N ILE C 470 -49.56 52.38 0.34
CA ILE C 470 -50.55 52.05 1.38
C ILE C 470 -51.34 53.29 1.83
N LYS C 471 -50.68 54.45 1.94
CA LYS C 471 -51.37 55.62 2.46
C LYS C 471 -51.24 56.88 1.61
N HIS C 472 -50.22 56.98 0.77
CA HIS C 472 -50.05 58.19 -0.04
C HIS C 472 -51.07 58.22 -1.17
N LYS C 473 -51.40 57.06 -1.74
CA LYS C 473 -52.43 56.96 -2.75
C LYS C 473 -53.56 56.02 -2.36
N LEU C 474 -53.65 55.64 -1.09
CA LEU C 474 -54.76 54.82 -0.63
C LEU C 474 -55.06 55.13 0.83
C1 NAG D . -0.30 -42.88 9.65
C2 NAG D . -1.38 -43.91 9.35
C3 NAG D . -0.75 -45.27 9.05
C4 NAG D . 0.27 -45.15 7.94
C5 NAG D . 1.31 -44.09 8.30
C6 NAG D . 2.30 -43.83 7.18
C7 NAG D . -3.53 -43.44 10.44
C8 NAG D . -4.37 -43.65 11.67
N2 NAG D . -2.33 -44.02 10.46
O3 NAG D . -1.78 -46.19 8.67
O4 NAG D . 0.93 -46.41 7.74
O5 NAG D . 0.66 -42.85 8.56
O6 NAG D . 1.72 -43.02 6.17
O7 NAG D . -3.92 -42.77 9.50
C1 NAG E . -24.46 1.55 -6.46
C2 NAG E . -24.70 0.89 -5.10
C3 NAG E . -25.72 -0.23 -5.23
C4 NAG E . -27.00 0.28 -5.89
C5 NAG E . -26.68 0.95 -7.22
C6 NAG E . -27.89 1.59 -7.86
C7 NAG E . -22.70 1.08 -3.68
C8 NAG E . -21.46 0.40 -3.21
N2 NAG E . -23.46 0.39 -4.54
O3 NAG E . -26.03 -0.74 -3.94
O4 NAG E . -27.89 -0.81 -6.12
O5 NAG E . -25.71 1.99 -7.01
O6 NAG E . -27.57 2.87 -8.40
O7 NAG E . -23.00 2.21 -3.32
CAA Y01 F . -24.81 40.43 -22.14
CBA Y01 F . -24.43 40.09 -23.59
CAB Y01 F . -25.49 40.56 -24.60
CAN Y01 F . -24.08 38.59 -23.80
CAJ Y01 F . -24.38 37.67 -22.60
CAO Y01 F . -24.89 36.31 -23.09
CBB Y01 F . -24.78 35.22 -22.01
CAC Y01 F . -26.04 35.23 -21.12
CBE Y01 F . -24.46 33.85 -22.69
CAP Y01 F . -23.00 33.88 -23.20
CAQ Y01 F . -22.47 32.45 -22.98
CBG Y01 F . -23.76 31.65 -22.83
CBI Y01 F . -24.52 32.53 -21.84
CAE Y01 F . -23.82 32.64 -20.46
CAU Y01 F . -25.94 31.92 -21.70
CAS Y01 F . -25.91 30.41 -21.29
CBF Y01 F . -24.96 29.53 -22.16
CBD Y01 F . -23.59 30.20 -22.35
CAK Y01 F . -22.70 29.43 -23.31
CAI Y01 F . -22.76 28.05 -23.17
CAZ Y01 F . -23.70 27.34 -22.45
CAV Y01 F . -23.55 25.82 -22.48
CBH Y01 F . -24.83 28.06 -21.66
CAD Y01 F . -24.50 27.99 -20.16
CAT Y01 F . -26.15 27.29 -21.93
CAR Y01 F . -26.01 25.76 -21.71
CBC Y01 F . -24.90 25.13 -22.60
OAW Y01 F . -24.55 23.78 -22.30
CAY Y01 F . -25.61 22.90 -22.26
OAG Y01 F . -25.82 22.29 -21.20
CAM Y01 F . -26.48 22.67 -23.51
CAL Y01 F . -26.39 21.24 -24.04
CAX Y01 F . -27.04 20.24 -23.06
OAH Y01 F . -28.22 20.47 -22.72
OAF Y01 F . -26.32 19.29 -22.67
NA NA G . -18.34 31.93 -8.14
C1 NAG H . 28.98 -31.27 -10.73
C2 NAG H . 30.15 -31.18 -11.73
C3 NAG H . 31.33 -32.02 -11.24
C4 NAG H . 31.72 -31.63 -9.82
C5 NAG H . 30.51 -31.71 -8.90
C6 NAG H . 30.80 -31.21 -7.50
C7 NAG H . 29.44 -30.75 -14.04
C8 NAG H . 29.03 -31.35 -15.34
N2 NAG H . 29.74 -31.60 -13.05
O3 NAG H . 32.43 -31.85 -12.12
O4 NAG H . 32.74 -32.49 -9.34
O5 NAG H . 29.44 -30.90 -9.41
O6 NAG H . 30.82 -29.79 -7.46
O7 NAG H . 29.52 -29.53 -13.88
C1 NAG I . 6.04 15.93 -18.78
C2 NAG I . 5.82 14.71 -19.68
C3 NAG I . 6.94 14.59 -20.71
C4 NAG I . 7.10 15.89 -21.49
C5 NAG I . 7.28 17.06 -20.53
C6 NAG I . 7.31 18.40 -21.24
C7 NAG I . 4.56 12.96 -18.48
C8 NAG I . 4.66 11.70 -17.69
N2 NAG I . 5.73 13.48 -18.89
O3 NAG I . 6.66 13.53 -21.60
O4 NAG I . 8.25 15.80 -22.33
O5 NAG I . 6.18 17.10 -19.61
O6 NAG I . 6.55 19.37 -20.53
O7 NAG I . 3.48 13.50 -18.74
CAA Y01 J . -16.14 49.29 -6.45
CBA Y01 J . -15.04 50.00 -5.62
CAB Y01 J . -14.74 51.41 -6.18
CAN Y01 J . -13.76 49.17 -5.48
CAJ Y01 J . -13.69 47.88 -6.33
CAO Y01 J . -12.27 47.64 -6.85
CBB Y01 J . -12.04 46.20 -7.32
CAC Y01 J . -12.46 46.05 -8.79
CBE Y01 J . -10.57 45.79 -7.01
CAP Y01 J . -10.42 45.60 -5.49
CAQ Y01 J . -9.45 44.43 -5.31
CBG Y01 J . -8.78 44.36 -6.67
CBI Y01 J . -10.01 44.44 -7.59
CAE Y01 J . -10.96 43.23 -7.42
CAU Y01 J . -9.48 44.52 -9.04
CAS Y01 J . -8.51 43.35 -9.40
CBF Y01 J . -7.37 43.13 -8.37
CBD Y01 J . -7.92 43.11 -6.93
CAK Y01 J . -6.80 43.02 -5.88
CAI Y01 J . -5.78 42.15 -6.22
CAZ Y01 J . -5.56 41.57 -7.46
CAV Y01 J . -4.32 40.67 -7.56
CBH Y01 J . -6.49 41.87 -8.67
CAD Y01 J . -7.35 40.61 -8.91
CAT Y01 J . -5.60 42.12 -9.91
CAR Y01 J . -4.52 41.03 -10.11
CBC Y01 J . -3.58 40.89 -8.87
OAW Y01 J . -2.70 39.77 -8.89
CAY Y01 J . -1.94 39.63 -10.02
OAG Y01 J . -2.06 38.60 -10.69
CAM Y01 J . -0.94 40.75 -10.40
CAL Y01 J . 0.52 40.28 -10.38
CAX Y01 J . 0.79 39.25 -11.48
OAH Y01 J . 0.51 39.58 -12.66
OAF Y01 J . 1.27 38.15 -11.11
C1 NAG K . 27.12 -23.02 25.82
C2 NAG K . 27.46 -22.78 27.29
C3 NAG K . 27.68 -24.11 28.00
C4 NAG K . 26.49 -25.04 27.80
C5 NAG K . 26.20 -25.21 26.32
C6 NAG K . 24.96 -26.02 26.05
C7 NAG K . 28.54 -20.63 27.72
C8 NAG K . 29.84 -19.89 27.83
N2 NAG K . 28.62 -21.92 27.43
O3 NAG K . 27.89 -23.87 29.40
O4 NAG K . 26.76 -26.31 28.38
O5 NAG K . 26.00 -23.92 25.72
O6 NAG K . 23.78 -25.25 26.26
O7 NAG K . 27.46 -20.06 27.90
C1 NAG L . -2.88 19.62 15.80
C2 NAG L . -1.35 19.62 15.81
C3 NAG L . -0.83 19.79 17.23
C4 NAG L . -1.45 21.01 17.90
C5 NAG L . -2.97 20.94 17.82
C6 NAG L . -3.65 22.19 18.35
C7 NAG L . -0.46 18.33 13.93
C8 NAG L . 0.09 17.01 13.48
N2 NAG L . -0.82 18.42 15.21
O3 NAG L . 0.59 19.92 17.21
O4 NAG L . -1.05 21.05 19.27
O5 NAG L . -3.38 20.80 16.45
O6 NAG L . -4.72 22.59 17.51
O7 NAG L . -0.58 19.28 13.15
CAA Y01 M . -33.80 40.07 -4.31
CBA Y01 M . -34.99 39.31 -3.69
CAB Y01 M . -35.95 40.26 -2.96
CAN Y01 M . -34.55 38.14 -2.77
CAJ Y01 M . -33.04 38.04 -2.48
CAO Y01 M . -32.80 37.58 -1.04
CBB Y01 M . -31.38 37.06 -0.82
CAC Y01 M . -30.44 38.23 -0.46
CBE Y01 M . -31.41 35.90 0.22
CAP Y01 M . -32.05 34.66 -0.45
CAQ Y01 M . -31.30 33.45 0.12
CBG Y01 M . -30.66 34.03 1.36
CBI Y01 M . -30.07 35.33 0.80
CAE Y01 M . -28.98 35.07 -0.28
CAU Y01 M . -29.49 36.12 1.99
CAS Y01 M . -28.46 35.30 2.83
CBF Y01 M . -28.96 33.89 3.25
CBD Y01 M . -29.60 33.15 2.05
CAK Y01 M . -30.22 31.81 2.47
CAI Y01 M . -29.47 31.10 3.38
CAZ Y01 M . -28.40 31.56 4.12
CAV Y01 M . -27.77 30.56 5.09
CBH Y01 M . -27.89 33.01 3.96
CAD Y01 M . -26.57 32.98 3.17
CAT Y01 M . -27.61 33.57 5.39
CAR Y01 M . -26.75 32.62 6.25
CBC Y01 M . -27.41 31.22 6.41
OAW Y01 M . -26.58 30.21 7.01
CAY Y01 M . -26.02 30.55 8.21
OAG Y01 M . -24.78 30.55 8.30
CAM Y01 M . -26.92 30.89 9.41
CAL Y01 M . -26.76 29.91 10.56
CAX Y01 M . -25.38 30.02 11.22
OAH Y01 M . -25.02 31.15 11.61
OAF Y01 M . -24.70 28.96 11.28
#